data_8FVU
#
_entry.id   8FVU
#
_cell.length_a   1.00
_cell.length_b   1.00
_cell.length_c   1.00
_cell.angle_alpha   90.00
_cell.angle_beta   90.00
_cell.angle_gamma   90.00
#
_symmetry.space_group_name_H-M   'P 1'
#
loop_
_entity.id
_entity.type
_entity.pdbx_description
1 polymer 'Baculoviral IAP repeat-containing protein 1'
2 polymer 'NLR family CARD domain-containing protein 4'
3 polymer 'Lethal factor,Type III secretion system protein'
4 non-polymer "ADENOSINE-5'-TRIPHOSPHATE"
5 non-polymer 'ZINC ION'
#
loop_
_entity_poly.entity_id
_entity_poly.type
_entity_poly.pdbx_seq_one_letter_code
_entity_poly.pdbx_strand_id
1 'polypeptide(L)'
;AEYCFNMATQQKASDERISQFDHNLLPELSALLGLDAVQLAKELEEEEQKERAKMQKGYNSQMRSEAKRLKTFVTYEPYS
SWIPQEMAAAGFYFTGVKSGIQCFCCSLILFGAGLTRLPIEDHKRFHPDCGFLLNKDVGNIAKYDIRVKNLKSRLRGGKM
RYQEEEARLASFRNWPFYVQGISPCVLSEAGFVFTGKQDTVQCFSCGGCLGNWEEGDDPWKEHAKWFPKCEFLRSKKSSE
EITQYIQSYKGFVDITGEHFVNSWVQRELPMASAYCNDSIFAYEELRLDSFKDWPRESAVGVAALAKAGLFYTGIKDIVQ
CFSCGGCLEKWQEGDDPLDDHTRCFPNCPFLQNMKSSAEVTPDLQSRGELCELLETTSESNLEDSIAVGPIVPEMAQGEA
QWFQEAKNLNEQLRAAYTSASFRHMSLLDISSDLATDHLLGCDLSIASKHISKPVQEPLVLPEVFGNLNSVMCVEGEAGS
GKTVLLKKIAFLWASGCCPLLNRFQLVFYLSLSSTRPDEGLASIICDQLLEKEGSVTEMCVRNIIQQLKNQVLFLLDDYK
EICSIPQVIGKLIQKNHLSRTCLLIAVRTNRARDIRRYLETILEIKAFPFYNTVCILRKLFSHNMTRLRKFMVYFGKNQS
LQKIQKTPLFVAAICAHWFQYPFDPSFDDVAVFKSYMERLSLRNKATAEILKATVSSCGELALKGFFSCCFEFNDDDLAE
AGVDEDEDLTMCLMSKFTAQRLRPFYRFLSPAFQEFLAGMRLIELLDSDRQEHQDLGLYHLKQINSPMMTVSAYNNFLNY
VSSLPSTKAGPKIVSHLLHLVDNKESLENISENDDYLKHQPEISLQMQLLRGLWQICPQAYFSMVSEHLLVLALKTAYQS
NTVAACSPFVLQFLQGRTLTLGALNLQYFFDHPESLSLLRSIHFPIRGNKTSPRAHFSVLETCFDKSQVPTIDQDYASAF
EPMNEWERNLAEKEDNVKSYMDMQRRASPDLSTGYWKLSPKQYKIPCLEVDVNDIDVVGQDMLEILMTVFSASQRIELHL
NHSRGFIESIRPALELSKASVTKCSISKLELSAAEQELLLTLPSLESLEVSGTIQSQDQIFPNLDKFLCLKELSVDLEGN
INVFSVIPEEFPNFHHMEKLLIQISAEYDPSKLVKLIQNSPNLHVFHLKCNFFSDFGSLMTMLVSCKKLTEIKFSDSFFQ
AVPFVASLPNFISLKILNLEGQQFPDEETSEKFAYILGSLSNLEELILPTGDGIYRVAKLIIQQCQQLHCLRVLSFFKTL
NDDSVVEIAKVAISGGFQKLENLKLSINHKITEEGYRNFFQALDNMPNLQELDISRHFTECIKAQATTVKSLSQCVLRLP
RLIRLNMLSWLLDADDIALLNVMKERHPQSKYLTILQKWILPFSPIIQK
;
A
2 'polypeptide(L)'
;AEYCFNMNFIKDNSRALIQRMGMTVIKQITDDLFVWNVLNREEVNIICCEKVEQDAARGIIHMILKKGSESCNLFLKSLK
EWNYPLFQDLNGQSLFHQTSEGDLDDLAQDLKDLYHTPSFLNFYPLGEDIDIIFNLKSTFTEPVLWRKDQHHHRVEQLTL
NGLLQALQSPCIIEGESGKGKSTLLQRIAMLWGSGKCKALTKFKFVFFLRLSRAQGGLFETLCDQLLDIPGTIRKQTFMA
MLLKLRQRVLFLLDGYNEFKPQNCPEIEALIKENHRFKNMVIVTTTTECLRHIAQFGALTAEVGDMTEDSAQALIREVLI
KELAEGLLLQIQKSRCLRNLMKTPLFVVITCAIQMGESEFHSHTQTTLFHTFYDLLIQKNKHKHKGVAASDFIRSLDHCG
DLALEGVFSHKFDFELQDVSSVNEDVLLTTGLLCKYTAQRFKPKYKFFHKSFQEYTAGRRLSSLLTSHEPEEVTKGNGYL
QKMVSISDITSTYSSLLRYTCGSSVEATRAVMKHLAAVYQHGCLLGLSIAKRPLWRQESLQSVKNTTEQEILKAININSF
VECGIHLYQESTSKSALSQEFEAFFQGKSLYINSGNIPDYLFDFFEHLPNCASALDFIKLDFYGGAMASWEKAAEDTGGI
HMEEAPETYIPSRAVSLFFNWKQEFRTLEVTLRDFSKLNKQDIRYLGKIFSSATSLRLQIKRCAGVAGSLSLVLSTCKNI
YSLMVEASPLTIEDERHITSVTNLKTLSIHDLQNQRLPGGLTDSLGNLKNLTKLIMDNIKMNEEDAIKLAEGLKNLKKMC
LFHLTHLSDIGEGMDYIVKSLSSEPCDLEEIQLVSCCLSANAVKILAQNLHNLVKLSILDLSENYLEKDGNEALHELIDR
MNVLEQLTALMLPWGCDVQGSLSSLLKHLEEVPQLVKLGLKNWRLTDTEIRILGAFFGKNPLKNFQQLNLAGNRVSSDGW
LAFMGVFENLKQLVFFDFSTKEFLPDPALVRKLSQVLSKLTFLQEARLVGWQFDDDDLSVITGAFKLVTA
;
B
3 'polypeptide(L)'
;GSSHHHHHHSSGLVPRGSHMAGGHGDVGMHVKEKEKNKDENKRKDEERNKTQEEHLKEIMKHIVKIEVKGEEAVKKEAAE
KLLEKVPSDVLEMYKAIGGKIYIVDGDITKHISLEALSEDKKKIKDIYGKDALLHEHYVYAKEGYEPVLVIQSSEDYVEN
TEKALNVYYEIGKILSRDILSKINQPYQKFLDVLNTIKNASDSDGQDLLFTNQLKEHPTDFSVEFLEQNSNEVQEVFAKA
FAYYIEPQHRDVLQLYAPEAFNYMDKFNEQEINLSLEELKDQRSTRSNPPTPLLTDYEWSGYLTGIGRAFDTGVKDLNQQ
LQDAQANLTKNPSDPTALANYQMIMSEYNLYRNAQSSAVKSMKDIDSSIVSNFR
;
U
#
# COMPACT_ATOMS: atom_id res chain seq x y z
N MET A 7 36.13 -6.56 -45.33
CA MET A 7 35.40 -6.50 -46.59
C MET A 7 34.30 -5.45 -46.53
N ALA A 8 34.30 -4.68 -45.45
CA ALA A 8 33.32 -3.61 -45.24
C ALA A 8 31.90 -4.16 -45.18
N THR A 9 31.56 -4.74 -44.02
CA THR A 9 30.28 -5.42 -43.81
C THR A 9 29.11 -4.79 -44.55
N GLN A 10 28.85 -3.51 -44.28
CA GLN A 10 27.68 -2.86 -44.87
C GLN A 10 27.90 -1.41 -45.32
N GLN A 11 28.96 -0.78 -44.82
CA GLN A 11 29.24 0.65 -45.05
C GLN A 11 28.32 1.58 -44.25
N LYS A 12 27.68 1.05 -43.21
CA LYS A 12 26.87 1.86 -42.29
C LYS A 12 25.82 2.72 -43.01
N ALA A 13 24.63 2.15 -43.18
CA ALA A 13 23.55 2.81 -43.91
C ALA A 13 23.26 4.18 -43.35
N SER A 14 23.09 5.14 -44.25
CA SER A 14 22.75 6.50 -43.85
C SER A 14 21.99 7.22 -44.95
N ASP A 15 20.69 6.96 -45.05
CA ASP A 15 19.88 7.54 -46.12
C ASP A 15 19.41 8.94 -45.74
N GLU A 16 20.37 9.86 -45.62
CA GLU A 16 20.13 11.27 -45.27
C GLU A 16 19.33 11.45 -43.97
N ARG A 17 19.16 10.38 -43.22
CA ARG A 17 18.41 10.40 -41.97
C ARG A 17 16.98 10.92 -42.13
N ILE A 18 16.33 10.56 -43.24
CA ILE A 18 14.94 10.97 -43.49
C ILE A 18 14.05 9.81 -43.88
N SER A 19 13.93 8.82 -42.99
CA SER A 19 13.11 7.64 -43.29
C SER A 19 11.65 8.03 -43.50
N GLN A 20 11.16 8.98 -42.71
CA GLN A 20 9.80 9.51 -42.82
C GLN A 20 8.70 8.50 -42.44
N PHE A 21 8.67 7.38 -43.15
CA PHE A 21 7.74 6.27 -42.93
C PHE A 21 6.31 6.57 -43.40
N ASP A 22 5.82 7.77 -43.07
CA ASP A 22 4.46 8.13 -43.38
C ASP A 22 4.29 8.48 -44.86
N HIS A 23 3.06 8.78 -45.26
CA HIS A 23 2.74 9.19 -46.62
C HIS A 23 1.36 9.83 -46.68
N ASN A 24 1.09 10.72 -45.74
CA ASN A 24 -0.19 11.43 -45.67
C ASN A 24 -1.39 10.49 -45.68
N LEU A 25 -1.28 9.39 -44.94
CA LEU A 25 -2.38 8.43 -44.83
C LEU A 25 -3.13 8.64 -43.52
N LEU A 26 -2.76 9.70 -42.80
CA LEU A 26 -3.32 10.03 -41.50
C LEU A 26 -4.54 10.97 -41.47
N PRO A 27 -4.90 11.72 -42.53
CA PRO A 27 -6.04 12.61 -42.57
C PRO A 27 -7.34 11.91 -42.14
N GLU A 28 -7.41 10.59 -42.26
CA GLU A 28 -8.61 9.87 -41.86
C GLU A 28 -8.57 9.46 -40.39
N LEU A 29 -7.39 9.56 -39.78
CA LEU A 29 -7.19 9.17 -38.39
C LEU A 29 -7.59 10.25 -37.43
N SER A 30 -7.45 11.50 -37.86
CA SER A 30 -7.79 12.62 -36.98
C SER A 30 -9.25 12.53 -36.60
N ALA A 31 -10.03 11.87 -37.44
CA ALA A 31 -11.45 11.65 -37.21
C ALA A 31 -11.69 10.84 -35.93
N LEU A 32 -10.75 9.95 -35.59
CA LEU A 32 -10.91 9.10 -34.42
C LEU A 32 -10.21 9.67 -33.19
N LEU A 33 -9.10 10.37 -33.42
CA LEU A 33 -8.30 10.88 -32.32
C LEU A 33 -8.71 12.28 -31.86
N GLY A 34 -9.14 13.12 -32.79
CA GLY A 34 -9.51 14.49 -32.46
C GLY A 34 -8.32 15.44 -32.67
N LEU A 35 -7.15 14.84 -32.88
CA LEU A 35 -5.93 15.60 -33.10
C LEU A 35 -5.50 15.54 -34.54
N ASP A 36 -4.74 16.53 -34.96
CA ASP A 36 -4.10 16.41 -36.26
C ASP A 36 -2.96 15.42 -36.16
N ALA A 37 -3.18 14.27 -36.76
CA ALA A 37 -2.20 13.20 -36.71
C ALA A 37 -1.01 13.54 -37.59
N VAL A 38 -1.18 14.49 -38.52
CA VAL A 38 -0.10 14.83 -39.41
C VAL A 38 0.96 15.65 -38.68
N GLN A 39 0.55 16.71 -38.00
CA GLN A 39 1.50 17.45 -37.20
C GLN A 39 2.14 16.56 -36.15
N LEU A 40 1.36 15.67 -35.57
CA LEU A 40 1.88 14.80 -34.53
C LEU A 40 2.98 13.90 -35.09
N ALA A 41 2.75 13.36 -36.29
CA ALA A 41 3.74 12.51 -36.91
C ALA A 41 5.04 13.29 -37.15
N LYS A 42 4.92 14.56 -37.53
CA LYS A 42 6.11 15.36 -37.78
C LYS A 42 6.93 15.54 -36.51
N GLU A 43 6.24 15.76 -35.39
CA GLU A 43 6.94 15.92 -34.12
C GLU A 43 7.69 14.65 -33.75
N LEU A 44 7.07 13.51 -34.00
CA LEU A 44 7.72 12.24 -33.72
C LEU A 44 8.94 12.01 -34.60
N GLU A 45 8.85 12.38 -35.87
CA GLU A 45 9.98 12.18 -36.76
C GLU A 45 11.20 12.94 -36.26
N GLU A 46 11.00 14.17 -35.80
CA GLU A 46 12.11 14.96 -35.29
C GLU A 46 12.81 14.27 -34.13
N GLU A 47 12.03 13.72 -33.20
CA GLU A 47 12.62 13.03 -32.06
C GLU A 47 13.43 11.82 -32.49
N GLU A 48 12.91 11.07 -33.46
CA GLU A 48 13.60 9.87 -33.92
C GLU A 48 14.95 10.23 -34.55
N GLN A 49 14.98 11.32 -35.32
CA GLN A 49 16.21 11.75 -35.96
C GLN A 49 17.27 12.11 -34.94
N LYS A 50 16.84 12.71 -33.84
CA LYS A 50 17.78 13.08 -32.79
C LYS A 50 18.32 11.86 -32.06
N GLU A 51 17.47 10.88 -31.78
CA GLU A 51 17.90 9.69 -31.04
C GLU A 51 18.90 8.86 -31.83
N ARG A 52 18.72 8.78 -33.13
CA ARG A 52 19.62 7.97 -33.95
C ARG A 52 21.07 8.43 -33.83
N ALA A 53 21.26 9.73 -33.72
CA ALA A 53 22.59 10.31 -33.68
C ALA A 53 23.29 10.07 -32.35
N LYS A 54 22.56 9.54 -31.37
CA LYS A 54 23.11 9.32 -30.05
C LYS A 54 23.42 7.86 -29.74
N MET A 55 23.27 6.96 -30.73
CA MET A 55 23.53 5.55 -30.44
C MET A 55 24.51 4.93 -31.43
N GLN A 56 25.05 3.77 -31.07
CA GLN A 56 26.10 3.11 -31.84
C GLN A 56 25.60 2.45 -33.11
N LYS A 57 26.46 2.46 -34.12
CA LYS A 57 26.20 1.81 -35.40
C LYS A 57 27.36 0.91 -35.81
N GLY A 58 27.06 -0.14 -36.55
CA GLY A 58 28.08 -1.03 -37.07
C GLY A 58 27.71 -2.49 -36.84
N TYR A 59 28.47 -3.39 -37.47
CA TYR A 59 28.25 -4.82 -37.35
C TYR A 59 28.32 -5.28 -35.91
N ASN A 60 27.32 -6.05 -35.50
CA ASN A 60 27.27 -6.57 -34.15
C ASN A 60 27.24 -8.09 -34.16
N SER A 61 28.39 -8.71 -33.95
CA SER A 61 28.53 -10.15 -34.08
C SER A 61 27.67 -10.91 -33.07
N GLN A 62 27.42 -10.30 -31.92
CA GLN A 62 26.65 -10.96 -30.89
C GLN A 62 25.20 -11.10 -31.26
N MET A 63 24.76 -10.29 -32.21
CA MET A 63 23.38 -10.30 -32.67
C MET A 63 23.26 -11.04 -33.99
N ARG A 64 24.33 -11.73 -34.36
CA ARG A 64 24.39 -12.46 -35.61
C ARG A 64 23.37 -13.60 -35.70
N SER A 65 23.10 -14.24 -34.57
CA SER A 65 22.13 -15.33 -34.56
C SER A 65 20.73 -14.82 -34.30
N GLU A 66 19.79 -15.22 -35.16
CA GLU A 66 18.41 -14.76 -34.99
C GLU A 66 17.79 -15.39 -33.76
N ALA A 67 18.44 -16.43 -33.24
CA ALA A 67 18.00 -17.06 -32.01
C ALA A 67 18.15 -16.11 -30.85
N LYS A 68 19.18 -15.26 -30.90
CA LYS A 68 19.40 -14.31 -29.83
C LYS A 68 18.63 -13.04 -30.10
N ARG A 69 18.52 -12.66 -31.37
CA ARG A 69 17.81 -11.43 -31.67
C ARG A 69 16.39 -11.54 -31.13
N LEU A 70 15.78 -12.71 -31.27
CA LEU A 70 14.44 -12.92 -30.75
C LEU A 70 14.38 -12.75 -29.24
N LYS A 71 15.42 -13.19 -28.54
CA LYS A 71 15.46 -13.11 -27.09
C LYS A 71 15.49 -11.66 -26.61
N THR A 72 16.07 -10.76 -27.40
CA THR A 72 16.18 -9.38 -26.96
C THR A 72 14.82 -8.68 -26.93
N PHE A 73 13.79 -9.33 -27.49
CA PHE A 73 12.48 -8.71 -27.55
C PHE A 73 11.58 -9.11 -26.38
N VAL A 74 12.11 -9.82 -25.40
CA VAL A 74 11.28 -10.20 -24.25
C VAL A 74 10.87 -8.99 -23.42
N THR A 75 11.50 -7.84 -23.67
CA THR A 75 11.14 -6.61 -22.97
C THR A 75 10.40 -5.65 -23.91
N TYR A 76 10.03 -6.14 -25.09
CA TYR A 76 9.33 -5.34 -26.09
C TYR A 76 7.90 -5.07 -25.63
N GLU A 77 7.44 -3.85 -25.80
CA GLU A 77 6.09 -3.50 -25.36
C GLU A 77 5.05 -4.38 -26.04
N PRO A 78 4.00 -4.80 -25.32
CA PRO A 78 2.93 -5.68 -25.77
C PRO A 78 2.04 -5.04 -26.82
N TYR A 79 2.06 -3.72 -26.91
CA TYR A 79 1.21 -3.01 -27.87
C TYR A 79 2.02 -2.61 -29.09
N SER A 80 1.73 -3.27 -30.20
CA SER A 80 2.44 -3.04 -31.45
C SER A 80 1.66 -3.61 -32.61
N SER A 81 2.21 -3.43 -33.80
CA SER A 81 1.61 -4.00 -35.00
C SER A 81 2.45 -5.13 -35.55
N TRP A 82 3.68 -5.25 -35.04
CA TRP A 82 4.61 -6.27 -35.53
C TRP A 82 4.95 -7.29 -34.46
N ILE A 83 5.11 -8.55 -34.87
CA ILE A 83 5.54 -9.61 -33.97
C ILE A 83 7.08 -9.69 -33.96
N PRO A 84 7.74 -9.78 -32.80
CA PRO A 84 9.17 -9.94 -32.65
C PRO A 84 9.76 -10.99 -33.58
N GLN A 85 9.06 -12.10 -33.78
CA GLN A 85 9.54 -13.13 -34.69
C GLN A 85 9.62 -12.64 -36.13
N GLU A 86 8.68 -11.77 -36.53
CA GLU A 86 8.67 -11.28 -37.90
C GLU A 86 9.82 -10.34 -38.16
N MET A 87 10.12 -9.50 -37.18
CA MET A 87 11.20 -8.54 -37.36
C MET A 87 12.56 -9.15 -37.06
N ALA A 88 12.61 -10.14 -36.18
CA ALA A 88 13.88 -10.80 -35.87
C ALA A 88 14.38 -11.52 -37.11
N ALA A 89 13.46 -12.09 -37.87
CA ALA A 89 13.76 -12.80 -39.10
C ALA A 89 14.27 -11.88 -40.19
N ALA A 90 14.01 -10.58 -40.04
CA ALA A 90 14.40 -9.61 -41.05
C ALA A 90 15.78 -9.05 -40.75
N GLY A 91 16.40 -9.54 -39.67
CA GLY A 91 17.73 -9.10 -39.29
C GLY A 91 17.74 -8.01 -38.23
N PHE A 92 16.60 -7.76 -37.56
CA PHE A 92 16.55 -6.72 -36.55
C PHE A 92 16.65 -7.25 -35.14
N TYR A 93 17.20 -6.43 -34.25
CA TYR A 93 17.22 -6.75 -32.83
C TYR A 93 16.75 -5.56 -32.01
N PHE A 94 16.30 -5.82 -30.80
CA PHE A 94 15.75 -4.78 -29.96
C PHE A 94 16.81 -3.91 -29.32
N THR A 95 16.59 -2.59 -29.35
CA THR A 95 17.47 -1.66 -28.67
C THR A 95 16.78 -1.16 -27.42
N GLY A 96 17.50 -0.45 -26.57
CA GLY A 96 16.90 0.04 -25.33
C GLY A 96 16.34 1.45 -25.47
N VAL A 97 16.26 1.96 -26.69
CA VAL A 97 15.83 3.33 -26.88
C VAL A 97 14.48 3.47 -27.55
N LYS A 98 13.48 3.89 -26.78
CA LYS A 98 12.14 4.20 -27.28
C LYS A 98 11.57 3.14 -28.21
N SER A 99 11.75 1.87 -27.83
CA SER A 99 11.22 0.76 -28.60
C SER A 99 11.72 0.72 -30.04
N GLY A 100 12.89 1.26 -30.30
CA GLY A 100 13.48 1.21 -31.63
C GLY A 100 14.19 -0.13 -31.86
N ILE A 101 14.37 -0.47 -33.12
CA ILE A 101 15.08 -1.69 -33.49
C ILE A 101 16.22 -1.38 -34.45
N GLN A 102 17.21 -2.27 -34.50
CA GLN A 102 18.41 -2.04 -35.31
C GLN A 102 18.87 -3.32 -35.98
N CYS A 103 19.57 -3.20 -37.11
CA CYS A 103 20.06 -4.37 -37.81
C CYS A 103 21.37 -4.90 -37.23
N PHE A 104 21.61 -6.20 -37.36
CA PHE A 104 22.89 -6.77 -36.91
C PHE A 104 24.02 -6.57 -37.90
N CYS A 105 23.69 -6.58 -39.18
CA CYS A 105 24.67 -6.43 -40.25
C CYS A 105 24.84 -4.97 -40.63
N CYS A 106 23.73 -4.26 -40.61
CA CYS A 106 23.58 -2.89 -41.03
C CYS A 106 23.25 -2.02 -39.84
N SER A 107 23.08 -0.73 -40.06
CA SER A 107 22.58 0.15 -39.01
C SER A 107 21.07 0.26 -39.12
N LEU A 108 20.61 1.28 -39.82
CA LEU A 108 19.19 1.50 -40.07
C LEU A 108 18.37 1.38 -38.80
N ILE A 109 18.40 2.41 -37.99
CA ILE A 109 17.63 2.44 -36.77
C ILE A 109 16.20 2.81 -37.12
N LEU A 110 15.28 1.94 -36.77
CA LEU A 110 13.88 2.09 -37.15
C LEU A 110 12.99 2.07 -35.93
N PHE A 111 12.01 2.96 -35.88
CA PHE A 111 11.11 3.01 -34.73
C PHE A 111 9.67 2.71 -35.11
N GLY A 112 8.93 2.14 -34.18
CA GLY A 112 7.49 1.93 -34.36
C GLY A 112 7.16 0.78 -35.31
N ALA A 113 5.94 0.80 -35.83
CA ALA A 113 5.43 -0.25 -36.70
C ALA A 113 4.22 0.25 -37.47
N GLY A 114 3.81 -0.48 -38.49
CA GLY A 114 2.60 -0.11 -39.22
C GLY A 114 1.70 -1.31 -39.47
N LEU A 115 0.55 -1.07 -40.10
CA LEU A 115 -0.39 -2.13 -40.44
C LEU A 115 -0.28 -2.51 -41.91
N THR A 116 0.31 -1.64 -42.70
CA THR A 116 0.39 -1.82 -44.15
C THR A 116 1.82 -2.08 -44.61
N ARG A 117 2.73 -2.26 -43.66
CA ARG A 117 4.13 -2.51 -43.96
C ARG A 117 4.71 -3.60 -43.07
N LEU A 118 5.53 -4.45 -43.65
CA LEU A 118 6.24 -5.47 -42.92
C LEU A 118 7.67 -5.02 -42.65
N PRO A 119 8.34 -5.51 -41.61
CA PRO A 119 9.71 -5.21 -41.25
C PRO A 119 10.67 -5.32 -42.43
N ILE A 120 10.46 -6.33 -43.26
CA ILE A 120 11.36 -6.55 -44.39
C ILE A 120 11.12 -5.54 -45.49
N GLU A 121 9.87 -5.12 -45.66
CA GLU A 121 9.55 -4.14 -46.69
C GLU A 121 10.21 -2.81 -46.38
N ASP A 122 10.26 -2.45 -45.11
CA ASP A 122 10.96 -1.23 -44.73
C ASP A 122 12.47 -1.40 -44.77
N HIS A 123 12.94 -2.58 -44.37
CA HIS A 123 14.37 -2.85 -44.34
C HIS A 123 14.98 -2.59 -45.71
N LYS A 124 14.30 -3.05 -46.75
CA LYS A 124 14.80 -2.92 -48.11
C LYS A 124 14.39 -1.62 -48.79
N ARG A 125 13.63 -0.79 -48.09
CA ARG A 125 13.15 0.46 -48.67
C ARG A 125 14.05 1.62 -48.25
N PHE A 126 14.54 1.56 -47.02
CA PHE A 126 15.37 2.64 -46.50
C PHE A 126 16.86 2.35 -46.64
N HIS A 127 17.18 1.19 -47.18
CA HIS A 127 18.57 0.82 -47.46
C HIS A 127 18.69 -0.51 -48.20
N PRO A 128 18.38 -0.54 -49.49
CA PRO A 128 18.29 -1.72 -50.34
C PRO A 128 19.64 -2.38 -50.59
N ASP A 129 20.72 -1.70 -50.21
CA ASP A 129 22.06 -2.19 -50.43
C ASP A 129 22.60 -3.04 -49.27
N CYS A 130 21.74 -3.30 -48.30
CA CYS A 130 22.14 -4.07 -47.13
C CYS A 130 22.65 -5.45 -47.53
N GLY A 131 23.83 -5.81 -47.03
CA GLY A 131 24.45 -7.07 -47.38
C GLY A 131 23.58 -8.27 -47.03
N PHE A 132 22.84 -8.16 -45.93
CA PHE A 132 21.96 -9.23 -45.50
C PHE A 132 20.85 -9.47 -46.52
N LEU A 133 20.19 -8.39 -46.92
CA LEU A 133 19.07 -8.48 -47.87
C LEU A 133 19.52 -8.96 -49.23
N LEU A 134 20.75 -8.62 -49.61
CA LEU A 134 21.29 -9.00 -50.90
C LEU A 134 21.81 -10.44 -50.92
N ASN A 135 21.64 -11.16 -49.81
CA ASN A 135 22.07 -12.54 -49.69
C ASN A 135 23.58 -12.70 -49.81
N LYS A 136 24.33 -11.75 -49.26
CA LYS A 136 25.77 -11.87 -49.19
C LYS A 136 26.09 -12.65 -47.94
N ASP A 137 27.28 -13.23 -47.84
CA ASP A 137 27.56 -13.98 -46.65
C ASP A 137 27.92 -13.06 -45.49
N VAL A 138 26.98 -12.92 -44.57
CA VAL A 138 27.15 -12.07 -43.40
C VAL A 138 27.09 -12.91 -42.14
N GLY A 139 27.09 -14.24 -42.32
CA GLY A 139 27.09 -15.19 -41.22
C GLY A 139 25.76 -15.35 -40.47
N ASN A 140 24.64 -15.06 -41.11
CA ASN A 140 23.36 -15.19 -40.40
C ASN A 140 23.10 -16.61 -39.94
N ILE A 141 22.69 -16.77 -38.67
CA ILE A 141 22.36 -18.09 -38.14
C ILE A 141 20.87 -18.26 -37.90
N ALA A 142 20.33 -19.36 -38.40
CA ALA A 142 18.89 -19.67 -38.30
C ALA A 142 18.44 -19.86 -36.85
N LYS A 143 17.19 -19.52 -36.59
CA LYS A 143 16.60 -19.63 -35.26
C LYS A 143 16.82 -20.99 -34.66
N TYR A 144 16.58 -22.03 -35.44
CA TYR A 144 16.83 -23.39 -34.99
C TYR A 144 18.08 -23.93 -35.65
N ASP A 145 19.16 -24.01 -34.90
CA ASP A 145 20.43 -24.49 -35.44
C ASP A 145 21.30 -25.07 -34.33
N ILE A 146 22.27 -25.88 -34.73
CA ILE A 146 23.20 -26.52 -33.80
C ILE A 146 24.64 -26.35 -34.23
N ARG A 147 25.57 -26.58 -33.29
CA ARG A 147 26.98 -26.47 -33.61
C ARG A 147 27.48 -27.61 -34.52
N VAL A 148 26.91 -28.79 -34.38
CA VAL A 148 27.34 -29.92 -35.20
C VAL A 148 26.77 -29.81 -36.60
N LYS A 149 27.64 -29.83 -37.60
CA LYS A 149 27.18 -29.61 -38.97
C LYS A 149 26.99 -30.88 -39.80
N ASN A 150 27.74 -31.92 -39.49
CA ASN A 150 27.66 -33.15 -40.27
C ASN A 150 27.88 -32.88 -41.76
N LEU A 151 29.00 -32.26 -42.08
CA LEU A 151 29.31 -31.90 -43.47
C LEU A 151 29.51 -33.13 -44.35
N LYS A 152 29.93 -34.24 -43.75
CA LYS A 152 30.13 -35.48 -44.49
C LYS A 152 31.12 -35.31 -45.64
N SER A 153 32.20 -34.57 -45.38
CA SER A 153 33.22 -34.33 -46.38
C SER A 153 34.61 -34.32 -45.75
N ARG A 154 35.48 -35.16 -46.28
CA ARG A 154 36.85 -35.27 -45.77
C ARG A 154 37.77 -34.36 -46.56
N LEU A 155 38.72 -33.73 -45.87
CA LEU A 155 39.66 -32.84 -46.52
C LEU A 155 40.83 -33.63 -47.10
N ARG A 156 41.94 -32.95 -47.36
CA ARG A 156 43.12 -33.60 -47.92
C ARG A 156 43.68 -34.59 -46.91
N GLY A 157 44.81 -35.20 -47.23
CA GLY A 157 45.41 -36.23 -46.38
C GLY A 157 45.92 -35.66 -45.06
N GLY A 158 44.98 -35.21 -44.23
CA GLY A 158 45.26 -34.56 -42.94
C GLY A 158 45.98 -35.49 -42.00
N LYS A 159 45.88 -36.79 -42.27
CA LYS A 159 46.54 -37.80 -41.46
C LYS A 159 47.98 -37.40 -41.21
N MET A 160 48.63 -36.85 -42.25
CA MET A 160 49.98 -36.36 -42.12
C MET A 160 50.01 -34.85 -42.27
N ARG A 161 49.26 -34.34 -43.24
CA ARG A 161 49.31 -32.94 -43.63
C ARG A 161 49.02 -31.96 -42.50
N TYR A 162 48.10 -32.32 -41.60
CA TYR A 162 47.67 -31.38 -40.59
C TYR A 162 48.08 -31.76 -39.17
N GLN A 163 49.13 -32.57 -39.03
CA GLN A 163 49.57 -32.93 -37.68
C GLN A 163 50.19 -31.75 -36.95
N GLU A 164 50.87 -30.88 -37.68
CA GLU A 164 51.57 -29.75 -37.10
C GLU A 164 50.68 -28.51 -36.97
N GLU A 165 50.95 -27.70 -35.96
CA GLU A 165 50.21 -26.46 -35.73
C GLU A 165 50.34 -25.48 -36.89
N GLU A 166 51.52 -25.43 -37.50
CA GLU A 166 51.72 -24.49 -38.59
C GLU A 166 50.88 -24.87 -39.79
N ALA A 167 50.81 -26.16 -40.07
CA ALA A 167 50.03 -26.65 -41.19
C ALA A 167 48.56 -26.35 -40.98
N ARG A 168 48.11 -26.50 -39.74
CA ARG A 168 46.72 -26.23 -39.43
C ARG A 168 46.41 -24.74 -39.46
N LEU A 169 47.28 -23.93 -38.87
CA LEU A 169 47.06 -22.51 -38.80
C LEU A 169 47.03 -21.89 -40.18
N ALA A 170 47.87 -22.40 -41.07
CA ALA A 170 47.99 -21.89 -42.42
C ALA A 170 46.69 -22.01 -43.21
N SER A 171 45.75 -22.83 -42.74
CA SER A 171 44.48 -22.98 -43.44
C SER A 171 43.56 -21.79 -43.22
N PHE A 172 43.81 -21.04 -42.14
CA PHE A 172 42.93 -19.93 -41.78
C PHE A 172 43.32 -18.64 -42.49
N ARG A 173 43.22 -18.64 -43.81
CA ARG A 173 43.58 -17.47 -44.59
C ARG A 173 42.37 -16.62 -44.92
N ASN A 174 41.22 -17.28 -45.03
CA ASN A 174 39.98 -16.60 -45.40
C ASN A 174 39.00 -16.59 -44.25
N TRP A 175 39.52 -16.78 -43.03
CA TRP A 175 38.67 -16.79 -41.85
C TRP A 175 37.89 -15.47 -41.84
N PRO A 176 36.56 -15.52 -42.07
CA PRO A 176 35.68 -14.38 -42.27
C PRO A 176 35.76 -13.37 -41.16
N PHE A 177 35.59 -12.11 -41.52
CA PHE A 177 35.64 -11.02 -40.57
C PHE A 177 34.59 -11.16 -39.49
N TYR A 178 33.50 -11.81 -39.83
CA TYR A 178 32.35 -11.84 -38.96
C TYR A 178 32.56 -12.72 -37.73
N VAL A 179 33.62 -13.54 -37.76
CA VAL A 179 33.99 -14.40 -36.64
C VAL A 179 35.35 -14.05 -36.06
N GLN A 180 35.95 -12.92 -36.45
CA GLN A 180 37.30 -12.64 -35.97
C GLN A 180 37.29 -12.09 -34.56
N GLY A 181 36.94 -12.97 -33.63
CA GLY A 181 36.90 -12.70 -32.20
C GLY A 181 37.57 -13.90 -31.57
N ILE A 182 37.65 -14.96 -32.35
CA ILE A 182 38.35 -16.17 -31.96
C ILE A 182 39.61 -16.29 -32.80
N SER A 183 40.76 -16.29 -32.14
CA SER A 183 42.01 -16.41 -32.88
C SER A 183 42.13 -17.79 -33.50
N PRO A 184 42.54 -17.88 -34.77
CA PRO A 184 42.75 -19.11 -35.51
C PRO A 184 43.90 -19.91 -34.90
N CYS A 185 44.71 -19.24 -34.08
CA CYS A 185 45.80 -19.90 -33.40
C CYS A 185 45.28 -20.84 -32.32
N VAL A 186 44.13 -20.49 -31.73
CA VAL A 186 43.56 -21.32 -30.69
C VAL A 186 42.88 -22.50 -31.34
N LEU A 187 42.16 -22.24 -32.42
CA LEU A 187 41.48 -23.31 -33.13
C LEU A 187 42.51 -24.31 -33.65
N SER A 188 43.65 -23.80 -34.12
CA SER A 188 44.73 -24.66 -34.59
C SER A 188 45.29 -25.53 -33.47
N GLU A 189 45.56 -24.93 -32.33
CA GLU A 189 46.11 -25.68 -31.20
C GLU A 189 45.20 -26.83 -30.80
N ALA A 190 43.90 -26.61 -30.87
CA ALA A 190 42.92 -27.60 -30.47
C ALA A 190 42.72 -28.68 -31.53
N GLY A 191 43.41 -28.56 -32.66
CA GLY A 191 43.35 -29.58 -33.70
C GLY A 191 42.32 -29.31 -34.80
N PHE A 192 41.84 -28.07 -34.89
CA PHE A 192 40.85 -27.74 -35.91
C PHE A 192 41.48 -27.07 -37.13
N VAL A 193 40.94 -27.36 -38.32
CA VAL A 193 41.35 -26.66 -39.53
C VAL A 193 40.13 -26.06 -40.22
N PHE A 194 40.35 -25.05 -41.05
CA PHE A 194 39.25 -24.40 -41.75
C PHE A 194 38.83 -25.21 -42.96
N THR A 195 37.51 -25.43 -43.08
CA THR A 195 36.97 -26.29 -44.13
C THR A 195 36.67 -25.55 -45.43
N GLY A 196 36.70 -24.23 -45.40
CA GLY A 196 36.37 -23.44 -46.58
C GLY A 196 34.92 -22.98 -46.60
N LYS A 197 34.13 -23.48 -45.65
CA LYS A 197 32.72 -23.12 -45.56
C LYS A 197 32.56 -21.83 -44.78
N GLN A 198 31.33 -21.41 -44.55
CA GLN A 198 31.08 -20.12 -43.92
C GLN A 198 31.94 -19.93 -42.68
N ASP A 199 31.87 -20.84 -41.72
CA ASP A 199 32.67 -20.70 -40.51
C ASP A 199 32.96 -22.02 -39.82
N THR A 200 32.86 -23.11 -40.56
CA THR A 200 33.06 -24.41 -39.94
C THR A 200 34.51 -24.81 -39.91
N VAL A 201 34.86 -25.60 -38.93
CA VAL A 201 36.19 -26.16 -38.84
C VAL A 201 36.10 -27.65 -38.60
N GLN A 202 37.10 -28.39 -39.05
CA GLN A 202 37.12 -29.84 -38.92
C GLN A 202 38.27 -30.30 -38.05
N CYS A 203 38.02 -31.29 -37.21
CA CYS A 203 39.11 -31.87 -36.43
C CYS A 203 39.97 -32.73 -37.35
N PHE A 204 41.26 -32.42 -37.40
CA PHE A 204 42.16 -33.07 -38.36
C PHE A 204 42.19 -34.58 -38.23
N SER A 205 41.87 -35.09 -37.05
CA SER A 205 41.86 -36.53 -36.83
C SER A 205 40.45 -37.07 -36.95
N CYS A 206 39.64 -36.77 -35.95
CA CYS A 206 38.25 -37.24 -35.83
C CYS A 206 37.40 -37.03 -37.08
N GLY A 207 37.50 -35.85 -37.72
CA GLY A 207 36.69 -35.56 -38.89
C GLY A 207 35.39 -34.85 -38.54
N GLY A 208 35.12 -34.70 -37.24
CA GLY A 208 33.92 -34.02 -36.78
C GLY A 208 34.01 -32.54 -37.10
N CYS A 209 32.88 -31.91 -37.39
CA CYS A 209 32.89 -30.49 -37.75
C CYS A 209 31.93 -29.65 -36.93
N LEU A 210 32.45 -28.52 -36.44
CA LEU A 210 31.67 -27.57 -35.66
C LEU A 210 31.65 -26.21 -36.33
N GLY A 211 30.51 -25.54 -36.26
CA GLY A 211 30.36 -24.19 -36.82
C GLY A 211 29.63 -23.27 -35.86
N ASN A 212 29.15 -22.14 -36.38
CA ASN A 212 28.42 -21.15 -35.58
C ASN A 212 29.23 -20.71 -34.37
N TRP A 213 30.50 -20.41 -34.57
CA TRP A 213 31.37 -19.98 -33.49
C TRP A 213 31.08 -18.54 -33.08
N GLU A 214 31.10 -18.28 -31.77
CA GLU A 214 30.88 -16.94 -31.25
C GLU A 214 32.03 -16.49 -30.37
N GLU A 215 32.30 -15.20 -30.35
CA GLU A 215 33.37 -14.69 -29.51
C GLU A 215 33.14 -15.08 -28.07
N GLY A 216 34.17 -15.59 -27.42
CA GLY A 216 34.10 -16.02 -26.03
C GLY A 216 34.10 -17.54 -25.91
N ASP A 217 33.84 -18.24 -27.02
CA ASP A 217 33.87 -19.70 -27.02
C ASP A 217 35.27 -20.23 -26.77
N ASP A 218 35.35 -21.37 -26.11
CA ASP A 218 36.62 -22.04 -25.87
C ASP A 218 36.65 -23.39 -26.58
N PRO A 219 37.36 -23.50 -27.71
CA PRO A 219 37.45 -24.68 -28.55
C PRO A 219 37.77 -25.97 -27.79
N TRP A 220 38.47 -25.87 -26.67
CA TRP A 220 38.78 -27.09 -25.93
C TRP A 220 37.55 -27.63 -25.22
N LYS A 221 36.67 -26.72 -24.81
CA LYS A 221 35.45 -27.11 -24.14
C LYS A 221 34.47 -27.63 -25.16
N GLU A 222 34.46 -26.98 -26.31
CA GLU A 222 33.56 -27.37 -27.38
C GLU A 222 33.97 -28.74 -27.92
N HIS A 223 35.27 -28.98 -27.97
CA HIS A 223 35.78 -30.23 -28.44
C HIS A 223 35.44 -31.34 -27.46
N ALA A 224 35.57 -31.06 -26.17
CA ALA A 224 35.22 -32.05 -25.16
C ALA A 224 33.74 -32.44 -25.21
N LYS A 225 32.86 -31.47 -25.46
CA LYS A 225 31.43 -31.79 -25.46
C LYS A 225 31.02 -32.63 -26.67
N TRP A 226 31.50 -32.27 -27.86
CA TRP A 226 31.16 -33.04 -29.03
C TRP A 226 32.36 -33.80 -29.54
N PHE A 227 32.21 -35.11 -29.67
CA PHE A 227 33.27 -36.00 -30.07
C PHE A 227 34.34 -36.15 -28.96
N PRO A 228 33.92 -36.49 -27.73
CA PRO A 228 34.74 -36.66 -26.53
C PRO A 228 35.69 -37.85 -26.62
N LYS A 229 35.44 -38.73 -27.58
CA LYS A 229 36.24 -39.95 -27.71
C LYS A 229 37.44 -39.76 -28.62
N CYS A 230 37.56 -38.56 -29.18
CA CYS A 230 38.65 -38.27 -30.10
C CYS A 230 40.00 -38.50 -29.43
N GLU A 231 40.88 -39.24 -30.12
CA GLU A 231 42.18 -39.61 -29.56
C GLU A 231 43.04 -38.40 -29.25
N PHE A 232 42.98 -37.39 -30.11
CA PHE A 232 43.79 -36.19 -29.93
C PHE A 232 43.47 -35.54 -28.59
N LEU A 233 42.19 -35.36 -28.33
CA LEU A 233 41.75 -34.76 -27.08
C LEU A 233 42.18 -35.59 -25.90
N ARG A 234 42.00 -36.91 -26.00
CA ARG A 234 42.35 -37.83 -24.93
C ARG A 234 43.84 -37.85 -24.64
N SER A 235 44.65 -37.64 -25.68
CA SER A 235 46.10 -37.63 -25.51
C SER A 235 46.60 -36.30 -24.93
N LYS A 236 45.88 -35.22 -25.20
CA LYS A 236 46.32 -33.90 -24.74
C LYS A 236 45.73 -33.49 -23.40
N LYS A 237 44.53 -33.97 -23.09
CA LYS A 237 43.86 -33.59 -21.85
C LYS A 237 43.55 -34.79 -20.95
N SER A 238 43.59 -34.57 -19.65
CA SER A 238 43.25 -35.61 -18.68
C SER A 238 41.77 -35.95 -18.75
N SER A 239 41.44 -37.19 -18.43
CA SER A 239 40.05 -37.62 -18.43
C SER A 239 39.24 -36.80 -17.43
N GLU A 240 39.91 -36.27 -16.41
CA GLU A 240 39.27 -35.42 -15.43
C GLU A 240 38.94 -34.06 -16.05
N GLU A 241 39.87 -33.55 -16.86
CA GLU A 241 39.68 -32.26 -17.49
C GLU A 241 38.56 -32.34 -18.52
N ILE A 242 38.52 -33.46 -19.23
CA ILE A 242 37.51 -33.67 -20.23
C ILE A 242 36.15 -33.76 -19.57
N THR A 243 36.06 -34.51 -18.48
CA THR A 243 34.82 -34.65 -17.74
C THR A 243 34.32 -33.30 -17.26
N GLN A 244 35.23 -32.49 -16.71
CA GLN A 244 34.84 -31.18 -16.20
C GLN A 244 34.34 -30.28 -17.32
N TYR A 245 35.00 -30.33 -18.47
CA TYR A 245 34.57 -29.50 -19.60
C TYR A 245 33.15 -29.86 -20.00
N ILE A 246 32.85 -31.14 -20.03
CA ILE A 246 31.52 -31.61 -20.42
C ILE A 246 30.46 -31.22 -19.40
N GLN A 247 30.74 -31.44 -18.12
CA GLN A 247 29.79 -31.14 -17.07
C GLN A 247 29.61 -29.64 -16.88
N SER A 248 30.56 -28.86 -17.37
CA SER A 248 30.52 -27.41 -17.23
C SER A 248 29.80 -26.75 -18.40
N TYR A 249 29.29 -27.55 -19.34
CA TYR A 249 28.60 -26.99 -20.50
C TYR A 249 27.19 -26.56 -20.09
N LYS A 250 26.44 -25.99 -21.02
CA LYS A 250 25.08 -25.54 -20.71
C LYS A 250 24.10 -25.93 -21.82
N GLY A 251 22.99 -26.52 -21.41
CA GLY A 251 21.94 -26.89 -22.36
C GLY A 251 21.77 -28.40 -22.49
N PHE A 252 22.37 -28.97 -23.51
CA PHE A 252 22.23 -30.38 -23.77
C PHE A 252 22.72 -31.18 -22.56
N VAL A 253 21.92 -32.15 -22.13
CA VAL A 253 22.23 -32.86 -20.89
C VAL A 253 23.00 -34.16 -21.06
N ASP A 254 22.50 -35.08 -21.89
CA ASP A 254 23.10 -36.39 -21.97
C ASP A 254 23.32 -36.85 -23.40
N ILE A 255 23.65 -35.91 -24.27
CA ILE A 255 23.88 -36.23 -25.67
C ILE A 255 25.18 -35.65 -26.18
N THR A 256 25.65 -36.16 -27.30
CA THR A 256 26.85 -35.65 -27.95
C THR A 256 26.73 -35.66 -29.47
N GLY A 257 27.84 -35.54 -30.17
CA GLY A 257 27.85 -35.40 -31.62
C GLY A 257 27.17 -36.56 -32.34
N GLU A 258 27.27 -37.75 -31.77
CA GLU A 258 26.69 -38.95 -32.33
C GLU A 258 25.17 -38.91 -32.39
N HIS A 259 24.55 -38.01 -31.63
CA HIS A 259 23.10 -37.95 -31.57
C HIS A 259 22.53 -36.95 -32.57
N PHE A 260 23.40 -36.17 -33.21
CA PHE A 260 22.95 -35.20 -34.20
C PHE A 260 23.31 -35.67 -35.60
N VAL A 261 23.86 -36.87 -35.69
CA VAL A 261 24.25 -37.47 -36.96
C VAL A 261 23.63 -38.84 -37.05
N ASN A 262 23.56 -39.38 -38.26
CA ASN A 262 22.97 -40.69 -38.48
C ASN A 262 21.49 -40.70 -38.10
N SER A 263 20.92 -39.52 -37.93
CA SER A 263 19.52 -39.34 -37.59
C SER A 263 18.63 -39.63 -38.78
N TRP A 264 17.44 -40.14 -38.49
CA TRP A 264 16.50 -40.53 -39.55
C TRP A 264 15.67 -39.35 -40.05
N VAL A 265 15.85 -38.19 -39.44
CA VAL A 265 15.07 -37.01 -39.81
C VAL A 265 15.95 -35.82 -40.20
N GLN A 266 17.04 -36.09 -40.90
CA GLN A 266 17.94 -35.03 -41.32
C GLN A 266 17.48 -34.38 -42.62
N ARG A 267 17.75 -33.08 -42.75
CA ARG A 267 17.48 -32.38 -43.98
C ARG A 267 18.48 -31.24 -44.17
N GLU A 268 18.97 -31.06 -45.39
CA GLU A 268 19.89 -29.97 -45.67
C GLU A 268 19.13 -28.67 -45.94
N LEU A 269 19.57 -27.59 -45.30
CA LEU A 269 18.92 -26.30 -45.49
C LEU A 269 19.88 -25.28 -46.13
N PRO A 270 19.44 -24.57 -47.19
CA PRO A 270 20.20 -23.61 -47.99
C PRO A 270 21.13 -22.66 -47.22
N MET A 271 20.58 -21.57 -46.66
CA MET A 271 21.46 -20.57 -46.04
C MET A 271 20.76 -19.52 -45.19
N ALA A 272 19.64 -19.85 -44.56
CA ALA A 272 18.97 -18.88 -43.69
C ALA A 272 18.82 -17.52 -44.37
N SER A 273 18.27 -17.49 -45.57
CA SER A 273 18.15 -16.23 -46.30
C SER A 273 17.16 -15.28 -45.63
N ALA A 274 17.26 -14.00 -45.98
CA ALA A 274 16.43 -12.96 -45.36
C ALA A 274 14.94 -13.15 -45.61
N TYR A 275 14.58 -13.62 -46.79
CA TYR A 275 13.18 -13.73 -47.15
C TYR A 275 12.59 -15.07 -46.74
N CYS A 276 12.59 -15.32 -45.42
CA CYS A 276 12.08 -16.56 -44.85
C CYS A 276 11.19 -16.27 -43.65
N ASN A 277 10.14 -15.49 -43.88
CA ASN A 277 9.28 -14.99 -42.82
C ASN A 277 9.30 -15.84 -41.55
N ASP A 278 8.50 -16.90 -41.52
CA ASP A 278 8.38 -17.72 -40.33
C ASP A 278 7.85 -19.12 -40.60
N SER A 279 7.83 -19.54 -41.86
CA SER A 279 7.18 -20.81 -42.20
C SER A 279 8.13 -21.88 -42.70
N ILE A 280 7.73 -23.12 -42.46
CA ILE A 280 8.41 -24.30 -42.97
C ILE A 280 8.46 -24.28 -44.48
N PHE A 281 7.37 -23.81 -45.09
CA PHE A 281 7.26 -23.81 -46.53
C PHE A 281 8.09 -22.71 -47.19
N ALA A 282 8.94 -22.05 -46.41
CA ALA A 282 9.89 -21.10 -46.96
C ALA A 282 10.95 -21.83 -47.76
N TYR A 283 11.14 -23.12 -47.47
CA TYR A 283 12.15 -23.92 -48.16
C TYR A 283 11.57 -24.56 -49.43
N GLU A 284 12.35 -24.54 -50.50
CA GLU A 284 11.91 -25.13 -51.77
C GLU A 284 11.66 -26.61 -51.64
N GLU A 285 12.52 -27.29 -50.90
CA GLU A 285 12.41 -28.72 -50.72
C GLU A 285 11.11 -29.11 -50.07
N LEU A 286 10.66 -28.30 -49.11
CA LEU A 286 9.45 -28.61 -48.36
C LEU A 286 8.21 -28.31 -49.21
N ARG A 287 8.29 -27.26 -50.01
CA ARG A 287 7.16 -26.92 -50.87
C ARG A 287 6.98 -27.97 -51.94
N LEU A 288 8.10 -28.42 -52.51
CA LEU A 288 8.05 -29.39 -53.59
C LEU A 288 7.72 -30.79 -53.08
N ASP A 289 8.44 -31.26 -52.07
CA ASP A 289 8.22 -32.61 -51.57
C ASP A 289 7.11 -32.62 -50.53
N SER A 290 5.94 -32.16 -50.96
CA SER A 290 4.75 -32.14 -50.15
C SER A 290 3.57 -31.95 -51.09
N PHE A 291 3.90 -31.59 -52.33
CA PHE A 291 2.89 -31.35 -53.35
C PHE A 291 2.59 -32.69 -54.01
N LYS A 292 2.09 -33.62 -53.21
CA LYS A 292 1.92 -35.01 -53.63
C LYS A 292 0.47 -35.39 -53.87
N ASP A 293 -0.44 -34.67 -53.25
CA ASP A 293 -1.86 -35.00 -53.34
C ASP A 293 -2.55 -34.22 -54.45
N TRP A 294 -1.75 -33.49 -55.22
CA TRP A 294 -2.26 -32.68 -56.31
C TRP A 294 -3.00 -33.57 -57.30
N PRO A 295 -4.31 -33.39 -57.49
CA PRO A 295 -5.19 -34.24 -58.26
C PRO A 295 -5.09 -34.02 -59.77
N ARG A 296 -3.86 -34.08 -60.28
CA ARG A 296 -3.58 -34.00 -61.71
C ARG A 296 -4.30 -32.87 -62.44
N GLU A 297 -4.28 -31.67 -61.87
CA GLU A 297 -4.91 -30.53 -62.53
C GLU A 297 -4.00 -30.01 -63.63
N SER A 298 -4.59 -29.43 -64.67
CA SER A 298 -3.83 -28.87 -65.79
C SER A 298 -2.76 -27.91 -65.30
N ALA A 299 -1.63 -27.89 -66.02
CA ALA A 299 -0.44 -27.15 -65.62
C ALA A 299 0.20 -27.85 -64.43
N VAL A 300 0.82 -29.00 -64.71
CA VAL A 300 1.37 -29.88 -63.69
C VAL A 300 2.87 -29.69 -63.50
N GLY A 301 3.38 -28.53 -63.92
CA GLY A 301 4.78 -28.21 -63.72
C GLY A 301 5.02 -27.91 -62.24
N VAL A 302 4.92 -28.94 -61.43
CA VAL A 302 5.02 -28.82 -59.97
C VAL A 302 6.40 -28.32 -59.59
N ALA A 303 7.42 -28.78 -60.28
CA ALA A 303 8.77 -28.33 -60.01
C ALA A 303 8.87 -26.81 -60.22
N ALA A 304 8.14 -26.30 -61.22
CA ALA A 304 8.15 -24.87 -61.50
C ALA A 304 7.23 -24.14 -60.54
N LEU A 305 6.15 -24.79 -60.15
CA LEU A 305 5.20 -24.22 -59.21
C LEU A 305 5.88 -23.95 -57.88
N ALA A 306 6.66 -24.91 -57.43
CA ALA A 306 7.35 -24.80 -56.15
C ALA A 306 8.27 -23.59 -56.11
N LYS A 307 8.84 -23.22 -57.25
CA LYS A 307 9.77 -22.10 -57.34
C LYS A 307 9.04 -20.76 -57.26
N ALA A 308 7.71 -20.79 -57.33
CA ALA A 308 6.92 -19.58 -57.26
C ALA A 308 6.60 -19.23 -55.81
N GLY A 309 7.08 -20.07 -54.87
CA GLY A 309 6.83 -19.85 -53.45
C GLY A 309 5.50 -20.49 -53.05
N LEU A 310 4.99 -21.34 -53.93
CA LEU A 310 3.69 -21.96 -53.77
C LEU A 310 3.73 -23.39 -53.23
N PHE A 311 2.66 -23.77 -52.51
CA PHE A 311 2.52 -25.14 -51.99
C PHE A 311 1.04 -25.56 -51.91
N TYR A 312 0.80 -26.87 -51.77
CA TYR A 312 -0.57 -27.38 -51.70
C TYR A 312 -1.09 -27.37 -50.26
N THR A 313 -2.28 -26.82 -50.06
CA THR A 313 -2.82 -26.72 -48.71
C THR A 313 -3.55 -27.97 -48.24
N GLY A 314 -3.81 -28.90 -49.14
CA GLY A 314 -4.58 -30.09 -48.82
C GLY A 314 -6.03 -29.93 -49.24
N ILE A 315 -6.39 -28.72 -49.65
CA ILE A 315 -7.75 -28.43 -50.11
C ILE A 315 -7.80 -28.59 -51.62
N LYS A 316 -8.88 -29.19 -52.11
CA LYS A 316 -9.03 -29.57 -53.51
C LYS A 316 -7.98 -28.98 -54.46
N ASP A 317 -8.06 -27.69 -54.74
CA ASP A 317 -7.14 -27.08 -55.70
C ASP A 317 -6.62 -25.73 -55.27
N ILE A 318 -6.38 -25.58 -53.97
CA ILE A 318 -5.85 -24.31 -53.47
C ILE A 318 -4.34 -24.37 -53.32
N VAL A 319 -3.67 -23.49 -54.06
CA VAL A 319 -2.23 -23.40 -54.04
C VAL A 319 -1.83 -22.12 -53.32
N GLN A 320 -1.26 -22.27 -52.15
CA GLN A 320 -0.97 -21.14 -51.27
C GLN A 320 0.46 -20.67 -51.34
N CYS A 321 0.67 -19.39 -51.10
CA CYS A 321 2.02 -18.85 -51.05
C CYS A 321 2.46 -18.62 -49.61
N PHE A 322 3.60 -19.18 -49.26
CA PHE A 322 4.09 -19.13 -47.89
C PHE A 322 4.33 -17.71 -47.41
N SER A 323 4.55 -16.80 -48.35
CA SER A 323 4.89 -15.42 -48.04
C SER A 323 3.76 -14.42 -48.19
N CYS A 324 2.52 -14.87 -48.37
CA CYS A 324 1.43 -13.90 -48.44
C CYS A 324 0.03 -14.45 -48.13
N GLY A 325 -0.13 -15.76 -48.01
CA GLY A 325 -1.42 -16.30 -47.60
C GLY A 325 -2.16 -17.05 -48.70
N GLY A 326 -3.35 -17.57 -48.34
CA GLY A 326 -4.14 -18.39 -49.25
C GLY A 326 -4.53 -17.60 -50.48
N CYS A 327 -4.54 -18.28 -51.62
CA CYS A 327 -4.81 -17.63 -52.89
C CYS A 327 -4.91 -18.63 -54.04
N LEU A 328 -5.12 -18.11 -55.25
CA LEU A 328 -5.15 -18.91 -56.45
C LEU A 328 -6.23 -19.99 -56.40
N GLU A 329 -7.38 -19.62 -55.85
CA GLU A 329 -8.49 -20.53 -55.74
C GLU A 329 -8.92 -21.01 -57.12
N LYS A 330 -9.27 -22.29 -57.21
CA LYS A 330 -9.69 -22.94 -58.44
C LYS A 330 -8.57 -23.06 -59.46
N TRP A 331 -7.34 -22.74 -59.06
CA TRP A 331 -6.15 -22.94 -59.89
C TRP A 331 -6.44 -22.83 -61.38
N GLN A 332 -6.39 -21.62 -61.93
CA GLN A 332 -6.64 -21.45 -63.35
C GLN A 332 -5.81 -22.44 -64.17
N GLU A 333 -6.51 -23.23 -64.98
CA GLU A 333 -5.86 -24.26 -65.77
C GLU A 333 -4.97 -23.70 -66.85
N GLY A 334 -3.79 -24.29 -66.99
CA GLY A 334 -2.86 -23.97 -68.06
C GLY A 334 -2.07 -22.70 -67.82
N ASP A 335 -2.25 -22.07 -66.65
CA ASP A 335 -1.59 -20.81 -66.40
C ASP A 335 -0.16 -21.01 -65.88
N ASP A 336 0.53 -19.91 -65.66
CA ASP A 336 1.91 -19.94 -65.17
C ASP A 336 2.01 -19.30 -63.79
N PRO A 337 2.34 -20.08 -62.75
CA PRO A 337 2.27 -19.72 -61.35
C PRO A 337 3.11 -18.49 -61.01
N LEU A 338 4.14 -18.21 -61.81
CA LEU A 338 4.97 -17.04 -61.54
C LEU A 338 4.26 -15.77 -61.97
N ASP A 339 3.46 -15.87 -63.03
CA ASP A 339 2.77 -14.70 -63.55
C ASP A 339 1.46 -14.51 -62.81
N ASP A 340 0.86 -15.61 -62.37
CA ASP A 340 -0.41 -15.56 -61.67
C ASP A 340 -0.17 -15.01 -60.27
N HIS A 341 0.93 -15.45 -59.66
CA HIS A 341 1.31 -14.96 -58.35
C HIS A 341 1.62 -13.46 -58.43
N THR A 342 2.40 -13.07 -59.43
CA THR A 342 2.77 -11.66 -59.60
C THR A 342 1.56 -10.80 -59.90
N ARG A 343 0.72 -11.28 -60.81
CA ARG A 343 -0.47 -10.55 -61.21
C ARG A 343 -1.43 -10.32 -60.05
N CYS A 344 -1.60 -11.34 -59.21
CA CYS A 344 -2.51 -11.24 -58.08
C CYS A 344 -1.92 -10.45 -56.91
N PHE A 345 -0.63 -10.64 -56.63
CA PHE A 345 -0.02 -9.99 -55.47
C PHE A 345 1.31 -9.31 -55.82
N PRO A 346 1.29 -8.22 -56.57
CA PRO A 346 2.44 -7.51 -57.07
C PRO A 346 3.07 -6.66 -55.98
N ASN A 347 3.42 -7.31 -54.87
CA ASN A 347 4.00 -6.63 -53.73
C ASN A 347 4.68 -7.63 -52.83
N CYS A 348 4.51 -8.91 -53.18
CA CYS A 348 5.06 -9.99 -52.37
C CYS A 348 6.59 -9.98 -52.35
N PRO A 349 7.22 -9.84 -51.16
CA PRO A 349 8.66 -9.77 -50.95
C PRO A 349 9.42 -10.89 -51.66
N PHE A 350 8.82 -12.07 -51.73
CA PHE A 350 9.43 -13.21 -52.40
C PHE A 350 9.67 -12.93 -53.87
N LEU A 351 8.69 -12.32 -54.53
CA LEU A 351 8.79 -12.04 -55.95
C LEU A 351 9.72 -10.87 -56.18
N GLN A 352 9.73 -9.93 -55.23
CA GLN A 352 10.61 -8.78 -55.36
C GLN A 352 12.06 -9.23 -55.29
N ASN A 353 12.34 -10.19 -54.40
CA ASN A 353 13.67 -10.75 -54.29
C ASN A 353 14.03 -11.51 -55.55
N MET A 354 13.06 -12.23 -56.11
CA MET A 354 13.27 -13.00 -57.33
C MET A 354 13.66 -12.09 -58.49
N LYS A 355 12.96 -10.96 -58.61
CA LYS A 355 13.24 -10.00 -59.66
C LYS A 355 14.62 -9.37 -59.49
N SER A 356 14.97 -9.03 -58.25
CA SER A 356 16.26 -8.42 -57.97
C SER A 356 17.41 -9.38 -58.28
N SER A 357 17.26 -10.63 -57.85
CA SER A 357 18.28 -11.63 -58.07
C SER A 357 18.37 -12.00 -59.55
N ALA A 400 19.92 -56.19 -34.53
CA ALA A 400 19.46 -54.97 -35.20
C ALA A 400 18.02 -55.13 -35.64
N GLN A 401 17.34 -56.13 -35.12
CA GLN A 401 15.94 -56.35 -35.48
C GLN A 401 15.09 -55.17 -35.04
N TRP A 402 15.34 -54.69 -33.82
CA TRP A 402 14.57 -53.57 -33.30
C TRP A 402 14.88 -52.31 -34.08
N PHE A 403 16.07 -52.26 -34.67
CA PHE A 403 16.54 -51.10 -35.38
C PHE A 403 15.72 -50.90 -36.65
N GLN A 404 15.56 -51.96 -37.41
CA GLN A 404 14.79 -51.87 -38.64
C GLN A 404 13.34 -51.59 -38.34
N GLU A 405 12.83 -52.15 -37.25
CA GLU A 405 11.45 -51.93 -36.86
C GLU A 405 11.24 -50.47 -36.48
N ALA A 406 12.20 -49.91 -35.76
CA ALA A 406 12.12 -48.50 -35.36
C ALA A 406 12.13 -47.59 -36.58
N LYS A 407 12.91 -47.94 -37.60
CA LYS A 407 12.94 -47.12 -38.80
C LYS A 407 11.59 -47.08 -39.51
N ASN A 408 10.92 -48.24 -39.57
CA ASN A 408 9.63 -48.29 -40.23
C ASN A 408 8.59 -47.49 -39.46
N LEU A 409 8.69 -47.52 -38.14
CA LEU A 409 7.77 -46.75 -37.31
C LEU A 409 8.01 -45.26 -37.50
N ASN A 410 9.28 -44.88 -37.56
CA ASN A 410 9.64 -43.48 -37.76
C ASN A 410 9.03 -42.91 -39.01
N GLU A 411 9.13 -43.64 -40.12
CA GLU A 411 8.61 -43.13 -41.38
C GLU A 411 7.09 -42.95 -41.31
N GLN A 412 6.41 -43.89 -40.65
CA GLN A 412 4.97 -43.79 -40.52
C GLN A 412 4.57 -42.59 -39.67
N LEU A 413 5.32 -42.33 -38.60
CA LEU A 413 5.02 -41.20 -37.74
C LEU A 413 5.19 -39.89 -38.49
N ARG A 414 6.25 -39.79 -39.29
CA ARG A 414 6.49 -38.56 -40.02
C ARG A 414 5.36 -38.27 -40.96
N ALA A 415 4.89 -39.29 -41.66
CA ALA A 415 3.81 -39.16 -42.60
C ALA A 415 2.52 -38.68 -41.91
N ALA A 416 2.33 -39.17 -40.67
CA ALA A 416 1.12 -38.79 -39.93
C ALA A 416 1.16 -37.32 -39.52
N TYR A 417 2.32 -36.81 -39.19
CA TYR A 417 2.44 -35.45 -38.68
C TYR A 417 2.47 -34.37 -39.77
N THR A 418 2.94 -34.71 -40.97
CA THR A 418 3.03 -33.70 -42.03
C THR A 418 1.82 -33.74 -42.95
N SER A 419 0.91 -34.67 -42.67
CA SER A 419 -0.31 -34.84 -43.46
C SER A 419 -1.26 -33.67 -43.22
N ALA A 420 -2.05 -33.33 -44.23
CA ALA A 420 -3.00 -32.22 -44.12
C ALA A 420 -4.25 -32.64 -43.35
N SER A 421 -4.03 -33.05 -42.11
CA SER A 421 -5.06 -33.45 -41.19
C SER A 421 -4.50 -33.27 -39.79
N PHE A 422 -3.19 -33.09 -39.75
CA PHE A 422 -2.47 -32.78 -38.52
C PHE A 422 -2.06 -31.32 -38.60
N ARG A 423 -1.77 -30.88 -39.81
CA ARG A 423 -1.52 -29.47 -40.07
C ARG A 423 -2.87 -28.81 -40.14
N HIS A 424 -2.95 -27.49 -40.19
CA HIS A 424 -4.27 -26.88 -40.15
C HIS A 424 -4.96 -27.35 -38.89
N MET A 425 -4.32 -27.10 -37.75
CA MET A 425 -4.73 -27.62 -36.45
C MET A 425 -5.96 -26.92 -35.89
N SER A 426 -7.02 -26.82 -36.70
CA SER A 426 -8.26 -26.19 -36.29
C SER A 426 -8.01 -24.88 -35.56
N LEU A 427 -7.07 -24.07 -36.04
CA LEU A 427 -6.78 -22.86 -35.32
C LEU A 427 -7.96 -21.92 -35.44
N LEU A 428 -8.38 -21.36 -34.31
CA LEU A 428 -9.46 -20.39 -34.25
C LEU A 428 -10.75 -20.93 -34.84
N ASP A 429 -10.83 -22.25 -35.03
CA ASP A 429 -12.01 -22.88 -35.58
C ASP A 429 -12.47 -22.19 -36.85
N ILE A 430 -11.54 -21.84 -37.74
CA ILE A 430 -11.92 -21.14 -38.95
C ILE A 430 -12.80 -22.00 -39.85
N SER A 431 -12.29 -23.17 -40.23
CA SER A 431 -13.05 -24.12 -41.05
C SER A 431 -12.25 -25.38 -41.32
N SER A 432 -12.86 -26.30 -42.08
CA SER A 432 -12.15 -27.47 -42.60
C SER A 432 -11.42 -27.09 -43.89
N ASP A 433 -11.80 -25.94 -44.43
CA ASP A 433 -11.18 -25.35 -45.61
C ASP A 433 -10.64 -23.98 -45.24
N LEU A 434 -10.41 -23.10 -46.23
CA LEU A 434 -9.82 -21.80 -45.94
C LEU A 434 -8.51 -21.98 -45.18
N ALA A 435 -7.46 -22.37 -45.91
CA ALA A 435 -6.21 -22.79 -45.28
C ALA A 435 -5.73 -21.79 -44.25
N THR A 436 -5.29 -22.31 -43.10
CA THR A 436 -4.76 -21.48 -42.01
C THR A 436 -3.28 -21.74 -41.77
N ASP A 437 -2.59 -22.25 -42.79
CA ASP A 437 -1.17 -22.55 -42.66
C ASP A 437 -0.32 -21.31 -42.33
N HIS A 438 -0.75 -20.16 -42.82
CA HIS A 438 0.01 -18.93 -42.59
C HIS A 438 -0.25 -18.33 -41.23
N LEU A 439 -1.14 -18.94 -40.44
CA LEU A 439 -1.47 -18.42 -39.13
C LEU A 439 -0.64 -19.10 -38.04
N LEU A 440 0.29 -19.97 -38.44
CA LEU A 440 1.11 -20.67 -37.46
C LEU A 440 2.41 -19.92 -37.18
N GLY A 441 2.32 -18.60 -37.14
CA GLY A 441 3.48 -17.73 -36.90
C GLY A 441 3.44 -17.04 -35.54
N CYS A 442 2.48 -17.39 -34.70
CA CYS A 442 2.36 -16.77 -33.39
C CYS A 442 2.65 -17.78 -32.30
N ASP A 443 3.59 -17.45 -31.42
CA ASP A 443 3.95 -18.34 -30.33
C ASP A 443 3.35 -17.88 -29.01
N LEU A 444 3.59 -18.65 -27.97
CA LEU A 444 3.08 -18.30 -26.64
C LEU A 444 4.20 -17.71 -25.80
N SER A 445 3.82 -16.93 -24.79
CA SER A 445 4.80 -16.39 -23.86
C SER A 445 5.10 -17.43 -22.78
N ILE A 446 6.34 -17.90 -22.76
CA ILE A 446 6.73 -18.97 -21.84
C ILE A 446 7.75 -18.51 -20.81
N ALA A 447 7.52 -18.89 -19.57
CA ALA A 447 8.47 -18.63 -18.48
C ALA A 447 8.78 -19.91 -17.74
N SER A 448 9.97 -20.00 -17.16
CA SER A 448 10.32 -21.18 -16.37
C SER A 448 10.34 -20.87 -14.90
N LYS A 449 9.55 -21.60 -14.15
CA LYS A 449 9.44 -21.40 -12.72
C LYS A 449 10.03 -22.58 -11.96
N HIS A 450 10.73 -22.29 -10.87
CA HIS A 450 11.26 -23.35 -10.02
C HIS A 450 10.19 -23.81 -9.06
N ILE A 451 10.18 -25.11 -8.73
CA ILE A 451 9.17 -25.62 -7.82
C ILE A 451 9.50 -25.32 -6.35
N SER A 452 10.78 -25.09 -6.07
CA SER A 452 11.24 -24.83 -4.72
C SER A 452 11.42 -23.34 -4.47
N LYS A 453 12.50 -22.78 -5.01
CA LYS A 453 12.80 -21.36 -4.84
C LYS A 453 11.86 -20.51 -5.69
N PRO A 454 11.52 -19.30 -5.24
CA PRO A 454 10.68 -18.31 -5.92
C PRO A 454 11.44 -17.61 -7.03
N VAL A 455 11.78 -18.37 -8.06
CA VAL A 455 12.57 -17.88 -9.18
C VAL A 455 11.85 -18.11 -10.52
N GLN A 456 11.80 -17.06 -11.34
CA GLN A 456 11.16 -17.14 -12.66
C GLN A 456 11.96 -16.41 -13.73
N GLU A 457 12.13 -17.07 -14.88
CA GLU A 457 12.84 -16.47 -16.02
C GLU A 457 12.08 -16.70 -17.33
N PRO A 458 12.07 -15.72 -18.25
CA PRO A 458 11.47 -15.78 -19.58
C PRO A 458 12.27 -16.67 -20.54
N LEU A 459 11.55 -17.33 -21.46
CA LEU A 459 12.18 -18.18 -22.47
C LEU A 459 11.65 -17.96 -23.88
N VAL A 460 12.43 -18.41 -24.84
CA VAL A 460 12.02 -18.49 -26.24
C VAL A 460 12.14 -19.93 -26.70
N LEU A 461 11.39 -20.35 -27.72
CA LEU A 461 11.37 -21.76 -28.08
C LEU A 461 12.73 -22.40 -28.36
N PRO A 462 13.67 -21.74 -29.05
CA PRO A 462 15.01 -22.22 -29.29
C PRO A 462 15.77 -22.57 -28.01
N GLU A 463 15.34 -21.98 -26.88
CA GLU A 463 15.98 -22.25 -25.60
C GLU A 463 15.19 -23.26 -24.77
N VAL A 464 14.09 -23.74 -25.34
CA VAL A 464 13.29 -24.76 -24.68
C VAL A 464 13.63 -26.11 -25.29
N PHE A 465 13.71 -26.14 -26.60
CA PHE A 465 13.97 -27.38 -27.32
C PHE A 465 15.35 -27.94 -26.98
N GLY A 466 16.27 -27.05 -26.62
CA GLY A 466 17.63 -27.46 -26.29
C GLY A 466 17.77 -27.92 -24.85
N ASN A 467 16.69 -27.84 -24.07
CA ASN A 467 16.73 -28.23 -22.67
C ASN A 467 15.78 -29.38 -22.34
N LEU A 468 15.34 -30.11 -23.35
CA LEU A 468 14.46 -31.24 -23.11
C LEU A 468 15.26 -32.42 -22.60
N ASN A 469 14.95 -32.87 -21.39
CA ASN A 469 15.72 -33.95 -20.77
C ASN A 469 14.84 -35.12 -20.31
N SER A 470 14.39 -35.07 -19.06
CA SER A 470 13.65 -36.18 -18.49
C SER A 470 12.16 -35.89 -18.45
N VAL A 471 11.67 -35.43 -17.31
CA VAL A 471 10.25 -35.14 -17.19
C VAL A 471 10.02 -33.64 -17.07
N MET A 472 9.25 -33.11 -18.01
CA MET A 472 8.94 -31.69 -18.03
C MET A 472 7.45 -31.48 -18.17
N CYS A 473 6.98 -30.32 -17.72
CA CYS A 473 5.56 -30.04 -17.76
C CYS A 473 5.23 -28.63 -18.18
N VAL A 474 4.14 -28.51 -18.95
CA VAL A 474 3.61 -27.22 -19.38
C VAL A 474 2.29 -26.93 -18.69
N GLU A 475 2.24 -25.84 -17.93
CA GLU A 475 1.03 -25.48 -17.20
C GLU A 475 0.35 -24.25 -17.78
N GLY A 476 -0.97 -24.22 -17.67
CA GLY A 476 -1.68 -23.01 -18.08
C GLY A 476 -3.18 -23.06 -17.80
N GLU A 477 -3.84 -21.97 -18.13
CA GLU A 477 -5.29 -21.84 -17.95
C GLU A 477 -5.99 -22.50 -19.12
N ALA A 478 -7.25 -22.88 -18.93
CA ALA A 478 -7.99 -23.52 -20.03
C ALA A 478 -7.96 -22.63 -21.26
N GLY A 479 -7.68 -23.22 -22.41
CA GLY A 479 -7.67 -22.49 -23.68
C GLY A 479 -6.36 -21.74 -23.95
N SER A 480 -5.35 -21.92 -23.10
CA SER A 480 -4.08 -21.19 -23.21
C SER A 480 -3.30 -21.51 -24.47
N GLY A 481 -3.60 -22.64 -25.08
CA GLY A 481 -2.93 -23.03 -26.32
C GLY A 481 -1.90 -24.14 -26.15
N LYS A 482 -1.90 -24.79 -24.99
CA LYS A 482 -0.97 -25.88 -24.72
C LYS A 482 -1.14 -27.10 -25.65
N THR A 483 -2.33 -27.29 -26.22
CA THR A 483 -2.54 -28.44 -27.11
C THR A 483 -1.98 -28.16 -28.48
N VAL A 484 -2.03 -26.90 -28.90
CA VAL A 484 -1.49 -26.51 -30.19
C VAL A 484 0.02 -26.56 -30.11
N LEU A 485 0.57 -26.11 -28.98
CA LEU A 485 2.00 -26.12 -28.77
C LEU A 485 2.58 -27.52 -28.91
N LEU A 486 1.95 -28.52 -28.30
CA LEU A 486 2.49 -29.87 -28.40
C LEU A 486 2.43 -30.38 -29.84
N LYS A 487 1.34 -30.10 -30.55
CA LYS A 487 1.26 -30.54 -31.93
C LYS A 487 2.30 -29.85 -32.80
N LYS A 488 2.52 -28.56 -32.56
CA LYS A 488 3.51 -27.82 -33.34
C LYS A 488 4.89 -28.45 -33.21
N ILE A 489 5.23 -28.92 -32.02
CA ILE A 489 6.53 -29.55 -31.81
C ILE A 489 6.66 -30.82 -32.63
N ALA A 490 5.63 -31.67 -32.59
CA ALA A 490 5.65 -32.91 -33.36
C ALA A 490 5.78 -32.62 -34.85
N PHE A 491 5.11 -31.55 -35.29
CA PHE A 491 5.14 -31.15 -36.69
C PHE A 491 6.55 -30.73 -37.11
N LEU A 492 7.20 -29.90 -36.30
CA LEU A 492 8.54 -29.45 -36.63
C LEU A 492 9.50 -30.62 -36.76
N TRP A 493 9.39 -31.57 -35.85
CA TRP A 493 10.26 -32.74 -35.89
C TRP A 493 10.07 -33.52 -37.18
N ALA A 494 8.82 -33.80 -37.53
CA ALA A 494 8.52 -34.60 -38.71
C ALA A 494 9.02 -33.95 -39.98
N SER A 495 8.91 -32.62 -40.04
CA SER A 495 9.36 -31.87 -41.20
C SER A 495 10.86 -32.06 -41.43
N GLY A 496 11.63 -31.94 -40.36
CA GLY A 496 13.06 -32.18 -40.43
C GLY A 496 13.85 -30.93 -40.76
N CYS A 497 13.17 -29.80 -40.85
CA CYS A 497 13.80 -28.54 -41.17
C CYS A 497 13.98 -27.71 -39.91
N CYS A 498 14.13 -28.40 -38.78
CA CYS A 498 14.30 -27.75 -37.50
C CYS A 498 15.35 -28.44 -36.63
N PRO A 499 16.63 -28.25 -36.93
CA PRO A 499 17.74 -28.82 -36.24
C PRO A 499 17.60 -28.45 -34.79
N LEU A 500 18.01 -29.34 -33.90
CA LEU A 500 17.86 -29.18 -32.45
C LEU A 500 16.82 -30.19 -31.96
N LEU A 501 15.79 -30.43 -32.76
CA LEU A 501 14.82 -31.48 -32.45
C LEU A 501 15.14 -32.74 -33.24
N ASN A 502 16.09 -32.64 -34.17
CA ASN A 502 16.38 -33.73 -35.09
C ASN A 502 17.17 -34.84 -34.44
N ARG A 503 17.46 -34.69 -33.16
CA ARG A 503 18.17 -35.73 -32.44
C ARG A 503 17.19 -36.81 -31.98
N PHE A 504 15.91 -36.49 -31.95
CA PHE A 504 14.92 -37.48 -31.54
C PHE A 504 14.63 -38.40 -32.71
N GLN A 505 14.53 -39.69 -32.46
CA GLN A 505 14.24 -40.62 -33.53
C GLN A 505 12.78 -41.01 -33.56
N LEU A 506 12.10 -40.90 -32.42
CA LEU A 506 10.67 -41.17 -32.37
C LEU A 506 9.95 -40.15 -31.50
N VAL A 507 8.88 -39.56 -32.05
CA VAL A 507 8.08 -38.62 -31.30
C VAL A 507 6.61 -39.03 -31.34
N PHE A 508 6.02 -39.22 -30.17
CA PHE A 508 4.65 -39.69 -30.10
C PHE A 508 3.71 -38.66 -29.48
N TYR A 509 2.78 -38.13 -30.26
CA TYR A 509 1.78 -37.23 -29.70
C TYR A 509 0.52 -37.99 -29.31
N LEU A 510 0.28 -38.11 -28.02
CA LEU A 510 -0.83 -38.91 -27.53
C LEU A 510 -1.73 -38.11 -26.59
N SER A 511 -3.02 -38.44 -26.59
CA SER A 511 -3.97 -37.77 -25.71
C SER A 511 -4.55 -38.75 -24.70
N LEU A 512 -4.28 -38.52 -23.42
CA LEU A 512 -4.74 -39.42 -22.37
C LEU A 512 -6.14 -39.04 -21.92
N SER A 513 -7.07 -39.01 -22.87
CA SER A 513 -8.40 -38.49 -22.60
C SER A 513 -9.40 -39.53 -22.12
N SER A 514 -9.17 -40.80 -22.44
CA SER A 514 -10.10 -41.85 -22.07
C SER A 514 -9.40 -43.20 -22.03
N THR A 515 -8.11 -43.18 -22.30
CA THR A 515 -7.32 -44.39 -22.36
C THR A 515 -7.36 -45.10 -21.02
N ARG A 516 -7.63 -46.41 -21.04
CA ARG A 516 -7.73 -47.18 -19.81
C ARG A 516 -6.36 -47.47 -19.21
N PRO A 517 -6.25 -47.54 -17.88
CA PRO A 517 -5.03 -47.77 -17.13
C PRO A 517 -4.63 -49.25 -17.14
N ASP A 518 -4.55 -49.82 -18.34
CA ASP A 518 -4.15 -51.19 -18.52
C ASP A 518 -3.76 -51.44 -19.98
N GLU A 519 -3.91 -50.41 -20.81
CA GLU A 519 -3.55 -50.51 -22.21
C GLU A 519 -2.05 -50.34 -22.41
N GLY A 520 -1.46 -51.17 -23.27
CA GLY A 520 -0.03 -51.07 -23.57
C GLY A 520 0.22 -50.00 -24.61
N LEU A 521 1.49 -49.67 -24.85
CA LEU A 521 1.80 -48.61 -25.80
C LEU A 521 1.38 -48.96 -27.21
N ALA A 522 1.59 -50.21 -27.62
CA ALA A 522 1.27 -50.60 -28.99
C ALA A 522 -0.21 -50.40 -29.27
N SER A 523 -1.03 -50.63 -28.25
CA SER A 523 -2.47 -50.54 -28.39
C SER A 523 -2.95 -49.09 -28.39
N ILE A 524 -2.07 -48.17 -28.03
CA ILE A 524 -2.44 -46.77 -27.97
C ILE A 524 -1.96 -46.06 -29.22
N ILE A 525 -0.70 -46.26 -29.59
CA ILE A 525 -0.16 -45.58 -30.76
C ILE A 525 -0.82 -46.09 -32.03
N CYS A 526 -1.23 -47.36 -32.03
CA CYS A 526 -1.92 -47.92 -33.19
C CYS A 526 -3.33 -47.37 -33.33
N ASP A 527 -3.83 -46.72 -32.28
CA ASP A 527 -5.17 -46.17 -32.31
C ASP A 527 -5.15 -44.68 -32.67
N GLN A 528 -4.21 -43.94 -32.08
CA GLN A 528 -4.16 -42.50 -32.24
C GLN A 528 -3.22 -41.99 -33.32
N LEU A 529 -2.14 -42.72 -33.60
CA LEU A 529 -1.13 -42.23 -34.54
C LEU A 529 -1.09 -43.00 -35.85
N LEU A 530 -1.27 -44.31 -35.80
CA LEU A 530 -1.16 -45.12 -37.00
C LEU A 530 -2.54 -45.40 -37.61
N GLU A 531 -2.55 -45.72 -38.90
CA GLU A 531 -3.80 -45.96 -39.62
C GLU A 531 -4.52 -47.23 -39.20
N LYS A 532 -3.76 -48.28 -38.90
CA LYS A 532 -4.35 -49.59 -38.62
C LYS A 532 -3.69 -50.27 -37.44
N GLU A 533 -4.37 -51.28 -36.90
CA GLU A 533 -3.83 -52.06 -35.80
C GLU A 533 -2.77 -53.04 -36.29
N GLY A 534 -1.62 -52.49 -36.65
CA GLY A 534 -0.52 -53.27 -37.19
C GLY A 534 0.79 -52.49 -37.09
N SER A 535 1.78 -52.89 -37.89
CA SER A 535 3.13 -52.29 -37.91
C SER A 535 3.95 -52.66 -36.68
N VAL A 536 3.38 -52.50 -35.50
CA VAL A 536 4.08 -52.74 -34.24
C VAL A 536 3.35 -53.72 -33.33
N THR A 537 4.09 -54.26 -32.37
CA THR A 537 3.55 -55.09 -31.31
C THR A 537 4.01 -54.54 -29.98
N GLU A 538 3.47 -55.05 -28.88
CA GLU A 538 3.85 -54.53 -27.58
C GLU A 538 5.31 -54.82 -27.27
N MET A 539 5.80 -55.98 -27.68
CA MET A 539 7.18 -56.33 -27.42
C MET A 539 8.11 -55.52 -28.29
N CYS A 540 7.71 -55.23 -29.52
CA CYS A 540 8.53 -54.42 -30.40
C CYS A 540 8.72 -53.03 -29.82
N VAL A 541 7.62 -52.44 -29.33
CA VAL A 541 7.70 -51.10 -28.82
C VAL A 541 8.57 -51.03 -27.58
N ARG A 542 8.39 -51.97 -26.66
CA ARG A 542 9.19 -51.97 -25.44
C ARG A 542 10.67 -52.14 -25.74
N ASN A 543 10.99 -53.01 -26.68
CA ASN A 543 12.38 -53.24 -27.02
C ASN A 543 13.02 -51.98 -27.58
N ILE A 544 12.26 -51.21 -28.35
CA ILE A 544 12.77 -49.98 -28.91
C ILE A 544 12.99 -48.91 -27.85
N ILE A 545 12.03 -48.74 -26.95
CA ILE A 545 12.12 -47.68 -25.95
C ILE A 545 13.38 -47.83 -25.11
N GLN A 546 13.71 -49.06 -24.72
CA GLN A 546 14.87 -49.28 -23.87
C GLN A 546 16.20 -49.24 -24.61
N GLN A 547 16.16 -49.07 -25.93
CA GLN A 547 17.39 -48.97 -26.71
C GLN A 547 17.71 -47.53 -27.09
N LEU A 548 16.67 -46.76 -27.42
CA LEU A 548 16.88 -45.37 -27.82
C LEU A 548 16.95 -44.43 -26.61
N LYS A 549 16.16 -44.72 -25.58
CA LYS A 549 16.19 -43.92 -24.36
C LYS A 549 16.04 -42.43 -24.62
N ASN A 550 17.17 -41.72 -24.69
CA ASN A 550 17.20 -40.27 -24.77
C ASN A 550 16.62 -39.76 -26.08
N GLN A 551 16.57 -40.61 -27.08
CA GLN A 551 16.10 -40.22 -28.40
C GLN A 551 14.62 -40.46 -28.61
N VAL A 552 13.91 -40.81 -27.54
CA VAL A 552 12.47 -40.99 -27.63
C VAL A 552 11.73 -39.94 -26.81
N LEU A 553 10.80 -39.25 -27.47
CA LEU A 553 10.03 -38.20 -26.82
C LEU A 553 8.54 -38.45 -26.88
N PHE A 554 7.89 -38.40 -25.73
CA PHE A 554 6.44 -38.50 -25.69
C PHE A 554 5.82 -37.16 -25.37
N LEU A 555 4.80 -36.81 -26.11
CA LEU A 555 4.04 -35.62 -25.82
C LEU A 555 2.69 -36.07 -25.30
N LEU A 556 2.45 -35.87 -24.02
CA LEU A 556 1.24 -36.40 -23.41
C LEU A 556 0.27 -35.30 -23.09
N ASP A 557 -0.84 -35.28 -23.80
CA ASP A 557 -1.81 -34.23 -23.61
C ASP A 557 -2.93 -34.71 -22.70
N ASP A 558 -3.86 -33.81 -22.40
CA ASP A 558 -5.04 -34.12 -21.60
C ASP A 558 -4.72 -34.96 -20.37
N TYR A 559 -3.71 -34.57 -19.61
CA TYR A 559 -3.39 -35.31 -18.40
C TYR A 559 -4.32 -34.90 -17.26
N LYS A 560 -4.82 -35.88 -16.52
CA LYS A 560 -5.72 -35.60 -15.41
C LYS A 560 -5.12 -36.03 -14.08
N GLU A 561 -4.91 -37.32 -13.92
CA GLU A 561 -4.41 -37.89 -12.68
C GLU A 561 -3.36 -38.94 -12.95
N ILE A 562 -2.51 -39.21 -11.97
CA ILE A 562 -1.48 -40.23 -12.10
C ILE A 562 -2.07 -41.63 -12.09
N CYS A 563 -3.18 -41.81 -11.39
CA CYS A 563 -3.80 -43.12 -11.31
C CYS A 563 -4.43 -43.54 -12.64
N SER A 564 -5.16 -42.63 -13.26
CA SER A 564 -5.86 -42.93 -14.51
C SER A 564 -4.96 -42.76 -15.72
N ILE A 565 -3.91 -43.57 -15.79
CA ILE A 565 -2.94 -43.53 -16.86
C ILE A 565 -2.56 -44.97 -17.18
N PRO A 566 -2.25 -45.31 -18.44
CA PRO A 566 -1.71 -46.59 -18.82
C PRO A 566 -0.52 -46.91 -17.94
N GLN A 567 -0.47 -48.13 -17.44
CA GLN A 567 0.58 -48.52 -16.52
C GLN A 567 1.95 -48.39 -17.17
N VAL A 568 1.99 -48.70 -18.46
CA VAL A 568 3.20 -48.64 -19.24
C VAL A 568 3.74 -47.21 -19.37
N ILE A 569 2.86 -46.22 -19.24
CA ILE A 569 3.30 -44.83 -19.30
C ILE A 569 3.59 -44.32 -17.90
N GLY A 570 2.79 -44.70 -16.93
CA GLY A 570 3.00 -44.25 -15.56
C GLY A 570 4.40 -44.62 -15.10
N LYS A 571 4.89 -45.79 -15.53
CA LYS A 571 6.22 -46.25 -15.16
C LYS A 571 7.34 -45.41 -15.78
N LEU A 572 7.02 -44.60 -16.78
CA LEU A 572 8.01 -43.73 -17.41
C LEU A 572 8.05 -42.38 -16.71
N ILE A 573 7.15 -42.18 -15.75
CA ILE A 573 7.10 -40.94 -15.00
C ILE A 573 7.66 -41.15 -13.61
N GLN A 574 7.14 -42.19 -12.94
CA GLN A 574 7.48 -42.47 -11.55
C GLN A 574 8.91 -42.95 -11.35
N LYS A 575 9.42 -43.71 -12.32
CA LYS A 575 10.74 -44.32 -12.20
C LYS A 575 11.61 -44.00 -13.40
N ASN A 576 11.57 -42.74 -13.85
CA ASN A 576 12.25 -42.39 -15.08
C ASN A 576 13.74 -42.18 -14.86
N HIS A 577 14.42 -43.24 -14.49
CA HIS A 577 15.87 -43.23 -14.31
C HIS A 577 16.42 -44.52 -14.83
N LEU A 578 15.52 -45.49 -15.04
CA LEU A 578 15.90 -46.79 -15.59
C LEU A 578 15.64 -46.83 -17.09
N SER A 579 15.12 -45.72 -17.60
CA SER A 579 14.78 -45.58 -19.01
C SER A 579 15.36 -44.30 -19.58
N ARG A 580 15.05 -43.17 -18.93
CA ARG A 580 15.45 -41.84 -19.36
C ARG A 580 14.74 -41.41 -20.64
N THR A 581 13.51 -41.87 -20.80
CA THR A 581 12.65 -41.44 -21.89
C THR A 581 12.18 -40.02 -21.62
N CYS A 582 12.21 -39.16 -22.62
CA CYS A 582 11.83 -37.77 -22.37
C CYS A 582 10.32 -37.62 -22.47
N LEU A 583 9.71 -37.07 -21.43
CA LEU A 583 8.27 -36.88 -21.41
C LEU A 583 7.91 -35.41 -21.24
N LEU A 584 7.00 -34.93 -22.06
CA LEU A 584 6.48 -33.58 -21.88
C LEU A 584 4.98 -33.66 -21.64
N ILE A 585 4.56 -33.25 -20.45
CA ILE A 585 3.15 -33.39 -20.05
C ILE A 585 2.45 -32.05 -19.93
N ALA A 586 1.30 -31.90 -20.59
CA ALA A 586 0.57 -30.64 -20.51
C ALA A 586 -0.63 -30.77 -19.58
N VAL A 587 -0.71 -29.85 -18.61
CA VAL A 587 -1.80 -29.86 -17.63
C VAL A 587 -2.42 -28.50 -17.41
N ARG A 588 -3.62 -28.51 -16.86
CA ARG A 588 -4.23 -27.27 -16.39
C ARG A 588 -3.74 -26.97 -14.99
N THR A 589 -3.74 -25.71 -14.62
CA THR A 589 -3.31 -25.30 -13.29
C THR A 589 -4.28 -25.78 -12.21
N ASN A 590 -5.44 -26.26 -12.64
CA ASN A 590 -6.46 -26.75 -11.74
C ASN A 590 -6.08 -28.11 -11.19
N ARG A 591 -5.03 -28.68 -11.77
CA ARG A 591 -4.45 -29.93 -11.33
C ARG A 591 -3.00 -29.63 -10.99
N ALA A 592 -2.08 -30.28 -11.69
CA ALA A 592 -0.68 -29.95 -11.56
C ALA A 592 -0.20 -30.01 -10.13
N ARG A 593 -0.75 -30.93 -9.36
CA ARG A 593 -0.31 -31.17 -7.99
C ARG A 593 0.20 -32.59 -7.92
N ASP A 594 -0.10 -33.34 -8.97
CA ASP A 594 0.15 -34.76 -9.03
C ASP A 594 1.53 -35.06 -9.59
N ILE A 595 2.03 -34.16 -10.43
CA ILE A 595 3.29 -34.41 -11.11
C ILE A 595 4.42 -33.48 -10.68
N ARG A 596 4.13 -32.54 -9.78
CA ARG A 596 5.18 -31.61 -9.35
C ARG A 596 6.31 -32.33 -8.65
N ARG A 597 5.99 -33.45 -8.01
CA ARG A 597 6.96 -34.23 -7.27
C ARG A 597 8.07 -34.79 -8.15
N TYR A 598 7.85 -34.83 -9.46
CA TYR A 598 8.82 -35.42 -10.34
C TYR A 598 9.55 -34.39 -11.18
N LEU A 599 9.31 -33.12 -10.90
CA LEU A 599 9.89 -32.05 -11.70
C LEU A 599 11.00 -31.30 -10.97
N GLU A 600 11.74 -30.50 -11.73
CA GLU A 600 12.67 -29.54 -11.15
C GLU A 600 12.15 -28.13 -11.41
N THR A 601 11.75 -27.91 -12.67
CA THR A 601 11.17 -26.64 -13.09
C THR A 601 9.93 -26.88 -13.94
N ILE A 602 9.07 -25.87 -14.01
CA ILE A 602 7.84 -25.93 -14.77
C ILE A 602 7.78 -24.84 -15.82
N LEU A 603 7.30 -25.18 -17.01
CA LEU A 603 7.11 -24.18 -18.04
C LEU A 603 5.69 -23.64 -17.94
N GLU A 604 5.58 -22.35 -17.69
CA GLU A 604 4.27 -21.74 -17.48
C GLU A 604 3.92 -20.84 -18.64
N ILE A 605 2.68 -20.96 -19.10
CA ILE A 605 2.19 -20.11 -20.18
C ILE A 605 1.60 -18.82 -19.61
N LYS A 606 2.12 -17.70 -20.10
CA LYS A 606 1.69 -16.38 -19.65
C LYS A 606 0.66 -15.80 -20.60
N ALA A 607 0.11 -14.65 -20.24
CA ALA A 607 -0.91 -14.02 -21.06
C ALA A 607 -0.45 -13.85 -22.49
N PHE A 608 -1.35 -14.16 -23.41
CA PHE A 608 -1.09 -14.03 -24.84
C PHE A 608 -0.99 -12.55 -25.16
N PRO A 609 0.12 -12.08 -25.73
CA PRO A 609 0.45 -10.68 -25.95
C PRO A 609 -0.47 -10.02 -26.96
N PHE A 610 -0.79 -8.75 -26.72
CA PHE A 610 -1.68 -8.01 -27.59
C PHE A 610 -1.20 -8.01 -29.03
N TYR A 611 0.10 -7.86 -29.25
CA TYR A 611 0.58 -7.80 -30.63
C TYR A 611 0.33 -9.09 -31.41
N ASN A 612 0.15 -10.23 -30.72
CA ASN A 612 -0.18 -11.44 -31.46
C ASN A 612 -1.64 -11.38 -31.88
N THR A 613 -2.47 -10.77 -31.03
CA THR A 613 -3.88 -10.62 -31.36
C THR A 613 -4.03 -9.76 -32.60
N VAL A 614 -3.25 -8.69 -32.66
CA VAL A 614 -3.34 -7.77 -33.79
C VAL A 614 -2.92 -8.47 -35.06
N CYS A 615 -1.81 -9.21 -35.01
CA CYS A 615 -1.33 -9.90 -36.19
C CYS A 615 -2.35 -10.90 -36.73
N ILE A 616 -2.95 -11.68 -35.85
CA ILE A 616 -3.92 -12.67 -36.30
C ILE A 616 -5.08 -12.00 -37.01
N LEU A 617 -5.60 -10.93 -36.41
CA LEU A 617 -6.71 -10.21 -37.03
C LEU A 617 -6.29 -9.58 -38.34
N ARG A 618 -5.08 -9.03 -38.37
CA ARG A 618 -4.59 -8.40 -39.58
C ARG A 618 -4.49 -9.38 -40.74
N LYS A 619 -3.98 -10.58 -40.45
CA LYS A 619 -3.84 -11.59 -41.50
C LYS A 619 -5.17 -12.18 -41.98
N LEU A 620 -6.08 -12.44 -41.04
CA LEU A 620 -7.35 -13.05 -41.42
C LEU A 620 -8.27 -12.08 -42.14
N PHE A 621 -8.23 -10.81 -41.75
CA PHE A 621 -9.14 -9.83 -42.31
C PHE A 621 -8.43 -8.82 -43.21
N SER A 622 -8.42 -7.56 -42.80
CA SER A 622 -7.82 -6.44 -43.56
C SER A 622 -8.73 -5.97 -44.68
N HIS A 623 -9.82 -6.69 -44.92
CA HIS A 623 -10.78 -6.33 -45.94
C HIS A 623 -11.62 -5.16 -45.46
N ASN A 624 -11.64 -4.98 -44.14
CA ASN A 624 -12.39 -3.91 -43.51
C ASN A 624 -11.44 -3.15 -42.59
N MET A 625 -10.63 -2.30 -43.21
CA MET A 625 -9.59 -1.59 -42.48
C MET A 625 -10.18 -0.58 -41.52
N THR A 626 -11.38 -0.10 -41.82
CA THR A 626 -12.01 0.89 -40.97
C THR A 626 -12.49 0.29 -39.66
N ARG A 627 -12.57 -1.04 -39.60
CA ARG A 627 -12.93 -1.70 -38.35
C ARG A 627 -11.68 -2.03 -37.56
N LEU A 628 -10.65 -2.52 -38.25
CA LEU A 628 -9.41 -2.87 -37.60
C LEU A 628 -8.73 -1.63 -37.01
N ARG A 629 -8.83 -0.53 -37.73
CA ARG A 629 -8.23 0.71 -37.28
C ARG A 629 -8.86 1.18 -35.97
N LYS A 630 -10.19 1.04 -35.86
CA LYS A 630 -10.89 1.41 -34.65
C LYS A 630 -10.48 0.51 -33.49
N PHE A 631 -10.27 -0.77 -33.79
CA PHE A 631 -9.83 -1.74 -32.80
C PHE A 631 -8.52 -1.27 -32.17
N MET A 632 -7.56 -0.91 -33.01
CA MET A 632 -6.26 -0.45 -32.54
C MET A 632 -6.35 0.77 -31.66
N VAL A 633 -7.22 1.72 -32.02
CA VAL A 633 -7.36 2.93 -31.23
C VAL A 633 -8.00 2.63 -29.89
N TYR A 634 -9.06 1.84 -29.90
CA TYR A 634 -9.79 1.51 -28.68
C TYR A 634 -8.88 0.97 -27.60
N PHE A 635 -8.03 0.00 -27.96
CA PHE A 635 -7.15 -0.64 -26.99
C PHE A 635 -5.87 0.16 -26.77
N GLY A 636 -5.76 1.28 -27.45
CA GLY A 636 -4.62 2.15 -27.28
C GLY A 636 -4.88 3.05 -26.09
N LYS A 637 -6.08 3.62 -26.07
CA LYS A 637 -6.48 4.50 -24.98
C LYS A 637 -6.87 3.71 -23.72
N ASN A 638 -7.63 2.63 -23.89
CA ASN A 638 -8.01 1.83 -22.74
C ASN A 638 -6.96 0.78 -22.46
N GLN A 639 -5.89 1.21 -21.83
CA GLN A 639 -4.69 0.39 -21.68
C GLN A 639 -4.89 -0.90 -20.89
N SER A 640 -5.82 -0.90 -19.94
CA SER A 640 -6.01 -2.09 -19.13
C SER A 640 -6.91 -3.12 -19.79
N LEU A 641 -7.57 -2.75 -20.88
CA LEU A 641 -8.50 -3.67 -21.50
C LEU A 641 -7.76 -4.57 -22.48
N GLN A 642 -6.47 -4.34 -22.62
CA GLN A 642 -5.63 -5.20 -23.44
C GLN A 642 -5.52 -6.55 -22.78
N LYS A 643 -5.87 -6.62 -21.51
CA LYS A 643 -5.83 -7.84 -20.75
C LYS A 643 -7.01 -8.75 -21.07
N ILE A 644 -7.99 -8.26 -21.81
CA ILE A 644 -9.12 -9.11 -22.14
C ILE A 644 -8.67 -10.27 -23.00
N GLN A 645 -7.81 -10.00 -23.96
CA GLN A 645 -7.32 -11.03 -24.86
C GLN A 645 -6.16 -11.79 -24.23
N LYS A 646 -6.42 -12.37 -23.06
CA LYS A 646 -5.39 -13.09 -22.30
C LYS A 646 -5.17 -14.49 -22.83
N THR A 647 -6.26 -15.10 -23.25
CA THR A 647 -6.26 -16.48 -23.69
C THR A 647 -6.65 -16.53 -25.16
N PRO A 648 -5.93 -17.26 -26.02
CA PRO A 648 -6.17 -17.40 -27.45
C PRO A 648 -7.63 -17.71 -27.75
N LEU A 649 -8.31 -18.36 -26.83
CA LEU A 649 -9.71 -18.69 -27.02
C LEU A 649 -10.57 -17.42 -27.19
N PHE A 650 -10.16 -16.30 -26.57
CA PHE A 650 -10.89 -15.04 -26.73
C PHE A 650 -10.66 -14.46 -28.12
N VAL A 651 -9.48 -14.72 -28.70
CA VAL A 651 -9.18 -14.25 -30.03
C VAL A 651 -10.06 -14.99 -31.02
N ALA A 652 -10.25 -16.28 -30.77
CA ALA A 652 -11.15 -17.08 -31.60
C ALA A 652 -12.55 -16.51 -31.53
N ALA A 653 -12.96 -16.08 -30.33
CA ALA A 653 -14.28 -15.51 -30.13
C ALA A 653 -14.49 -14.27 -30.99
N ILE A 654 -13.44 -13.44 -31.13
CA ILE A 654 -13.55 -12.26 -31.97
C ILE A 654 -13.65 -12.64 -33.42
N CYS A 655 -12.78 -13.54 -33.86
CA CYS A 655 -12.78 -13.92 -35.26
C CYS A 655 -14.12 -14.47 -35.66
N ALA A 656 -14.70 -15.33 -34.84
CA ALA A 656 -15.98 -15.93 -35.14
C ALA A 656 -17.06 -14.89 -35.36
N HIS A 657 -16.97 -13.78 -34.60
CA HIS A 657 -17.92 -12.69 -34.76
C HIS A 657 -17.65 -11.87 -36.01
N TRP A 658 -16.37 -11.57 -36.25
CA TRP A 658 -15.96 -10.73 -37.36
C TRP A 658 -16.18 -11.38 -38.71
N PHE A 659 -16.35 -12.70 -38.73
CA PHE A 659 -16.64 -13.42 -39.96
C PHE A 659 -18.13 -13.42 -40.29
N GLN A 660 -18.97 -13.02 -39.32
CA GLN A 660 -20.41 -13.00 -39.54
C GLN A 660 -20.85 -11.64 -40.05
N TYR A 661 -20.12 -10.61 -39.66
CA TYR A 661 -20.44 -9.25 -40.09
C TYR A 661 -19.22 -8.56 -40.68
N PRO A 662 -18.68 -9.08 -41.79
CA PRO A 662 -17.40 -8.71 -42.38
C PRO A 662 -17.36 -7.28 -42.87
N PHE A 663 -18.53 -6.70 -43.14
CA PHE A 663 -18.56 -5.37 -43.70
C PHE A 663 -19.23 -4.34 -42.80
N ASP A 664 -19.31 -4.63 -41.51
CA ASP A 664 -19.90 -3.69 -40.55
C ASP A 664 -18.80 -2.89 -39.86
N PRO A 665 -18.57 -1.63 -40.24
CA PRO A 665 -17.43 -0.79 -39.86
C PRO A 665 -17.58 -0.23 -38.45
N SER A 666 -17.68 -1.10 -37.47
CA SER A 666 -17.82 -0.69 -36.09
C SER A 666 -17.27 -1.73 -35.14
N PHE A 667 -16.64 -1.27 -34.06
CA PHE A 667 -16.11 -2.20 -33.07
C PHE A 667 -16.95 -2.22 -31.81
N ASP A 668 -17.57 -3.37 -31.56
CA ASP A 668 -18.39 -3.57 -30.37
C ASP A 668 -17.53 -4.21 -29.29
N ASP A 669 -17.21 -3.46 -28.25
CA ASP A 669 -16.24 -3.88 -27.25
C ASP A 669 -16.70 -5.04 -26.38
N VAL A 670 -17.99 -5.36 -26.40
CA VAL A 670 -18.49 -6.46 -25.58
C VAL A 670 -18.79 -7.68 -26.43
N ALA A 671 -18.57 -7.57 -27.73
CA ALA A 671 -18.90 -8.65 -28.63
C ALA A 671 -18.08 -9.89 -28.31
N VAL A 672 -16.83 -9.69 -27.89
CA VAL A 672 -15.97 -10.81 -27.59
C VAL A 672 -16.50 -11.64 -26.43
N PHE A 673 -17.12 -10.98 -25.46
CA PHE A 673 -17.64 -11.70 -24.31
C PHE A 673 -18.91 -12.44 -24.67
N LYS A 674 -19.77 -11.79 -25.46
CA LYS A 674 -21.00 -12.45 -25.88
C LYS A 674 -20.67 -13.67 -26.73
N SER A 675 -19.66 -13.54 -27.58
CA SER A 675 -19.22 -14.64 -28.43
C SER A 675 -18.57 -15.75 -27.61
N TYR A 676 -17.66 -15.37 -26.71
CA TYR A 676 -16.92 -16.35 -25.92
C TYR A 676 -17.86 -17.31 -25.21
N MET A 677 -18.89 -16.79 -24.56
CA MET A 677 -19.79 -17.64 -23.79
C MET A 677 -20.85 -18.31 -24.65
N GLU A 678 -20.85 -18.00 -25.94
CA GLU A 678 -21.75 -18.67 -26.86
C GLU A 678 -21.06 -19.90 -27.39
N ARG A 679 -19.78 -19.73 -27.74
CA ARG A 679 -18.97 -20.84 -28.25
C ARG A 679 -18.70 -21.86 -27.16
N LEU A 680 -18.75 -21.41 -25.92
CA LEU A 680 -18.60 -22.27 -24.76
C LEU A 680 -19.61 -23.42 -24.82
N SER A 681 -20.79 -23.15 -25.40
CA SER A 681 -21.85 -24.13 -25.46
C SER A 681 -21.60 -25.18 -26.55
N LEU A 682 -20.57 -24.99 -27.35
CA LEU A 682 -20.27 -25.91 -28.43
C LEU A 682 -19.04 -26.77 -28.16
N ARG A 683 -18.53 -26.74 -26.93
CA ARG A 683 -17.35 -27.54 -26.59
C ARG A 683 -17.77 -28.92 -26.10
N ASN A 684 -18.21 -28.98 -24.85
CA ASN A 684 -18.78 -30.19 -24.27
C ASN A 684 -20.03 -29.78 -23.53
N LYS A 685 -21.15 -29.81 -24.23
CA LYS A 685 -22.34 -29.16 -23.73
C LYS A 685 -23.24 -30.04 -22.89
N ALA A 686 -23.96 -29.37 -22.01
CA ALA A 686 -25.00 -29.94 -21.19
C ALA A 686 -25.85 -28.78 -20.69
N THR A 687 -26.63 -28.21 -21.58
CA THR A 687 -27.29 -26.95 -21.29
C THR A 687 -28.11 -27.03 -20.02
N ALA A 688 -28.87 -28.10 -19.88
CA ALA A 688 -29.72 -28.27 -18.73
C ALA A 688 -28.92 -28.69 -17.51
N GLU A 689 -29.10 -27.97 -16.42
CA GLU A 689 -28.51 -28.24 -15.12
C GLU A 689 -26.98 -28.13 -15.04
N ILE A 690 -26.28 -28.01 -16.17
CA ILE A 690 -24.83 -27.86 -16.10
C ILE A 690 -24.39 -26.50 -16.58
N LEU A 691 -24.61 -26.20 -17.85
CA LEU A 691 -24.11 -24.93 -18.37
C LEU A 691 -24.81 -23.78 -17.68
N LYS A 692 -26.14 -23.85 -17.59
CA LYS A 692 -26.87 -22.79 -16.93
C LYS A 692 -26.49 -22.67 -15.46
N ALA A 693 -26.31 -23.82 -14.81
CA ALA A 693 -26.01 -23.86 -13.38
C ALA A 693 -24.63 -23.31 -13.06
N THR A 694 -23.63 -23.66 -13.88
CA THR A 694 -22.28 -23.19 -13.61
C THR A 694 -22.16 -21.70 -13.85
N VAL A 695 -22.82 -21.20 -14.89
CA VAL A 695 -22.78 -19.77 -15.16
C VAL A 695 -23.50 -19.01 -14.07
N SER A 696 -24.64 -19.51 -13.63
CA SER A 696 -25.40 -18.86 -12.58
C SER A 696 -24.63 -18.80 -11.27
N SER A 697 -24.04 -19.93 -10.85
CA SER A 697 -23.31 -19.95 -9.61
C SER A 697 -22.05 -19.09 -9.68
N CYS A 698 -21.35 -19.15 -10.81
CA CYS A 698 -20.17 -18.32 -10.99
C CYS A 698 -20.55 -16.86 -11.04
N GLY A 699 -21.69 -16.57 -11.66
CA GLY A 699 -22.17 -15.21 -11.75
C GLY A 699 -22.45 -14.63 -10.38
N GLU A 700 -22.96 -15.46 -9.47
CA GLU A 700 -23.25 -14.99 -8.11
C GLU A 700 -21.96 -14.64 -7.40
N LEU A 701 -20.94 -15.47 -7.60
CA LEU A 701 -19.65 -15.21 -6.98
C LEU A 701 -19.07 -13.90 -7.50
N ALA A 702 -19.15 -13.70 -8.82
CA ALA A 702 -18.61 -12.49 -9.44
C ALA A 702 -19.37 -11.25 -8.99
N LEU A 703 -20.69 -11.36 -8.88
CA LEU A 703 -21.50 -10.22 -8.52
C LEU A 703 -21.18 -9.75 -7.13
N LYS A 704 -21.03 -10.67 -6.19
CA LYS A 704 -20.68 -10.29 -4.83
C LYS A 704 -19.28 -9.70 -4.78
N GLY A 705 -18.35 -10.33 -5.47
CA GLY A 705 -16.96 -9.90 -5.49
C GLY A 705 -16.79 -8.51 -6.07
N PHE A 706 -17.64 -8.14 -7.02
CA PHE A 706 -17.47 -6.86 -7.69
C PHE A 706 -18.01 -5.68 -6.89
N PHE A 707 -18.70 -5.96 -5.77
CA PHE A 707 -19.11 -4.85 -4.91
C PHE A 707 -18.29 -4.77 -3.62
N SER A 708 -17.28 -5.62 -3.50
CA SER A 708 -16.36 -5.58 -2.36
C SER A 708 -14.95 -5.38 -2.88
N CYS A 709 -14.86 -5.23 -4.19
CA CYS A 709 -13.60 -5.10 -4.91
C CYS A 709 -12.64 -6.22 -4.56
N CYS A 710 -13.09 -7.47 -4.67
CA CYS A 710 -12.26 -8.61 -4.31
C CYS A 710 -11.35 -9.04 -5.45
N PHE A 711 -11.94 -9.60 -6.50
CA PHE A 711 -11.20 -10.13 -7.65
C PHE A 711 -10.26 -11.28 -7.27
N GLU A 712 -10.47 -11.84 -6.08
CA GLU A 712 -9.72 -13.00 -5.60
C GLU A 712 -10.57 -13.71 -4.55
N PHE A 713 -10.67 -15.03 -4.64
CA PHE A 713 -11.54 -15.77 -3.73
C PHE A 713 -10.85 -16.95 -3.06
N ASN A 714 -11.30 -17.28 -1.86
CA ASN A 714 -10.82 -18.48 -1.17
C ASN A 714 -11.85 -19.60 -1.31
N ASP A 715 -11.63 -20.71 -0.62
CA ASP A 715 -12.49 -21.88 -0.77
C ASP A 715 -13.85 -21.72 -0.12
N ASP A 716 -13.93 -20.91 0.93
CA ASP A 716 -15.20 -20.75 1.63
C ASP A 716 -16.08 -19.79 0.88
N ASP A 717 -15.46 -18.78 0.29
CA ASP A 717 -16.18 -17.80 -0.52
C ASP A 717 -16.72 -18.48 -1.76
N LEU A 718 -15.98 -19.45 -2.27
CA LEU A 718 -16.42 -20.20 -3.44
C LEU A 718 -17.54 -21.16 -3.10
N ALA A 719 -17.40 -21.86 -1.97
CA ALA A 719 -18.39 -22.86 -1.56
C ALA A 719 -19.76 -22.25 -1.34
N GLU A 720 -19.83 -21.07 -0.74
CA GLU A 720 -21.12 -20.45 -0.46
C GLU A 720 -21.83 -20.00 -1.72
N ALA A 721 -21.08 -19.91 -2.83
CA ALA A 721 -21.66 -19.47 -4.08
C ALA A 721 -22.29 -20.64 -4.81
N GLY A 722 -22.06 -21.85 -4.30
CA GLY A 722 -22.58 -23.05 -4.93
C GLY A 722 -21.77 -23.44 -6.16
N VAL A 723 -20.49 -23.11 -6.19
CA VAL A 723 -19.65 -23.44 -7.33
C VAL A 723 -18.85 -24.71 -7.05
N ASP A 724 -18.92 -25.66 -7.96
CA ASP A 724 -18.18 -26.92 -7.84
C ASP A 724 -16.82 -26.79 -8.51
N GLU A 725 -15.77 -26.74 -7.70
CA GLU A 725 -14.43 -26.48 -8.19
C GLU A 725 -13.87 -27.61 -9.05
N ASP A 726 -14.53 -28.78 -9.03
CA ASP A 726 -14.09 -29.91 -9.82
C ASP A 726 -14.90 -30.09 -11.11
N GLU A 727 -15.77 -29.14 -11.41
CA GLU A 727 -16.58 -29.21 -12.63
C GLU A 727 -15.73 -28.77 -13.82
N ASP A 728 -16.08 -29.24 -15.01
CA ASP A 728 -15.30 -28.95 -16.22
C ASP A 728 -15.61 -27.58 -16.80
N LEU A 729 -16.84 -27.12 -16.61
CA LEU A 729 -17.25 -25.83 -17.15
C LEU A 729 -16.70 -24.70 -16.30
N THR A 730 -16.56 -24.94 -15.00
CA THR A 730 -16.07 -23.91 -14.09
C THR A 730 -14.55 -23.89 -14.10
N MET A 731 -14.00 -24.02 -15.30
CA MET A 731 -12.57 -24.00 -15.53
C MET A 731 -12.34 -23.20 -16.80
N CYS A 732 -13.42 -22.92 -17.50
CA CYS A 732 -13.36 -22.11 -18.71
C CYS A 732 -13.76 -20.68 -18.37
N LEU A 733 -14.13 -20.49 -17.11
CA LEU A 733 -14.53 -19.18 -16.60
C LEU A 733 -13.55 -18.71 -15.52
N MET A 734 -13.05 -19.66 -14.75
CA MET A 734 -12.25 -19.40 -13.56
C MET A 734 -11.06 -20.35 -13.45
N SER A 735 -9.97 -19.90 -12.85
CA SER A 735 -8.79 -20.74 -12.65
C SER A 735 -8.41 -20.87 -11.18
N LYS A 736 -7.98 -22.08 -10.80
CA LYS A 736 -7.52 -22.35 -9.44
C LYS A 736 -6.01 -22.28 -9.34
N PHE A 737 -5.52 -21.70 -8.26
CA PHE A 737 -4.08 -21.61 -8.01
C PHE A 737 -3.67 -22.35 -6.75
N THR A 738 -2.86 -23.40 -6.92
CA THR A 738 -2.42 -24.24 -5.82
C THR A 738 -0.91 -24.24 -5.70
N ALA A 739 -0.29 -23.18 -6.19
CA ALA A 739 1.16 -23.03 -6.18
C ALA A 739 1.65 -22.99 -4.75
N GLN A 740 2.97 -23.10 -4.58
CA GLN A 740 3.57 -23.10 -3.25
C GLN A 740 2.94 -22.05 -2.35
N ARG A 741 1.93 -22.47 -1.60
CA ARG A 741 1.18 -21.63 -0.69
C ARG A 741 0.66 -22.47 0.46
N LEU A 742 0.39 -21.84 1.59
CA LEU A 742 -0.23 -22.57 2.69
C LEU A 742 -1.67 -22.91 2.34
N ARG A 743 -2.34 -21.97 1.67
CA ARG A 743 -3.72 -22.17 1.22
C ARG A 743 -3.90 -21.67 -0.21
N PRO A 744 -4.69 -22.38 -1.02
CA PRO A 744 -5.01 -22.08 -2.41
C PRO A 744 -6.00 -20.94 -2.55
N PHE A 745 -6.11 -20.41 -3.77
CA PHE A 745 -7.09 -19.37 -4.06
C PHE A 745 -7.61 -19.50 -5.48
N TYR A 746 -8.69 -18.79 -5.78
CA TYR A 746 -9.29 -18.82 -7.11
C TYR A 746 -9.36 -17.44 -7.70
N ARG A 747 -9.21 -17.36 -9.01
CA ARG A 747 -9.33 -16.08 -9.70
C ARG A 747 -10.04 -16.26 -11.04
N PHE A 748 -10.88 -15.29 -11.40
CA PHE A 748 -11.56 -15.32 -12.68
C PHE A 748 -10.58 -15.00 -13.79
N LEU A 749 -10.89 -15.44 -14.99
CA LEU A 749 -10.07 -15.07 -16.14
C LEU A 749 -10.14 -13.56 -16.25
N SER A 750 -9.11 -12.97 -16.84
CA SER A 750 -8.95 -11.52 -16.96
C SER A 750 -10.15 -10.72 -16.43
N PRO A 751 -9.98 -9.93 -15.34
CA PRO A 751 -11.00 -9.29 -14.51
C PRO A 751 -12.14 -8.61 -15.27
N ALA A 752 -11.88 -8.08 -16.45
CA ALA A 752 -12.95 -7.45 -17.20
C ALA A 752 -14.07 -8.46 -17.42
N PHE A 753 -13.68 -9.73 -17.52
CA PHE A 753 -14.61 -10.83 -17.70
C PHE A 753 -15.45 -11.01 -16.45
N GLN A 754 -14.86 -10.79 -15.29
CA GLN A 754 -15.62 -10.92 -14.06
C GLN A 754 -16.76 -9.93 -14.03
N GLU A 755 -16.47 -8.70 -14.46
CA GLU A 755 -17.49 -7.66 -14.48
C GLU A 755 -18.61 -8.02 -15.42
N PHE A 756 -18.25 -8.63 -16.55
CA PHE A 756 -19.24 -9.09 -17.50
C PHE A 756 -20.17 -10.11 -16.87
N LEU A 757 -19.59 -11.09 -16.17
CA LEU A 757 -20.39 -12.11 -15.51
C LEU A 757 -21.25 -11.51 -14.40
N ALA A 758 -20.71 -10.52 -13.68
CA ALA A 758 -21.48 -9.86 -12.64
C ALA A 758 -22.68 -9.14 -13.25
N GLY A 759 -22.46 -8.52 -14.40
CA GLY A 759 -23.54 -7.82 -15.09
C GLY A 759 -24.63 -8.80 -15.50
N MET A 760 -24.21 -9.93 -16.05
CA MET A 760 -25.15 -10.95 -16.49
C MET A 760 -26.00 -11.47 -15.35
N ARG A 761 -25.36 -11.70 -14.20
CA ARG A 761 -26.09 -12.20 -13.05
C ARG A 761 -27.10 -11.20 -12.52
N LEU A 762 -26.72 -9.92 -12.51
CA LEU A 762 -27.63 -8.91 -12.01
C LEU A 762 -28.91 -8.88 -12.83
N ILE A 763 -28.79 -9.01 -14.14
CA ILE A 763 -29.97 -9.03 -14.98
C ILE A 763 -30.85 -10.22 -14.66
N GLU A 764 -30.27 -11.40 -14.52
CA GLU A 764 -31.08 -12.58 -14.22
C GLU A 764 -31.90 -12.38 -12.96
N LEU A 765 -31.30 -11.76 -11.95
CA LEU A 765 -32.00 -11.54 -10.70
C LEU A 765 -33.17 -10.59 -10.89
N LEU A 766 -32.98 -9.55 -11.68
CA LEU A 766 -34.02 -8.55 -11.88
C LEU A 766 -35.18 -9.08 -12.72
N ASP A 767 -34.89 -9.97 -13.67
CA ASP A 767 -35.91 -10.52 -14.55
C ASP A 767 -36.68 -11.68 -13.92
N SER A 768 -36.04 -12.43 -13.04
CA SER A 768 -36.64 -13.63 -12.44
C SER A 768 -37.95 -13.31 -11.73
N ASP A 769 -38.88 -14.26 -11.75
CA ASP A 769 -40.18 -14.08 -11.11
C ASP A 769 -40.23 -14.60 -9.68
N ARG A 770 -39.09 -15.04 -9.16
CA ARG A 770 -39.03 -15.53 -7.79
C ARG A 770 -38.64 -14.41 -6.84
N GLN A 771 -39.58 -13.96 -6.02
CA GLN A 771 -39.32 -12.84 -5.11
C GLN A 771 -38.06 -13.09 -4.30
N GLU A 772 -37.89 -14.31 -3.82
CA GLU A 772 -36.75 -14.66 -2.97
C GLU A 772 -35.42 -14.42 -3.70
N HIS A 773 -35.43 -14.59 -5.02
CA HIS A 773 -34.24 -14.41 -5.84
C HIS A 773 -34.38 -13.20 -6.75
N GLN A 774 -35.35 -12.33 -6.46
CA GLN A 774 -35.57 -11.16 -7.30
C GLN A 774 -35.25 -9.87 -6.55
N ASP A 775 -35.67 -9.77 -5.31
CA ASP A 775 -35.40 -8.58 -4.51
C ASP A 775 -33.92 -8.44 -4.26
N LEU A 776 -33.20 -9.53 -4.43
CA LEU A 776 -31.76 -9.55 -4.30
C LEU A 776 -31.13 -8.69 -5.38
N GLY A 777 -31.74 -8.68 -6.57
CA GLY A 777 -31.24 -7.90 -7.67
C GLY A 777 -31.30 -6.42 -7.32
N LEU A 778 -32.34 -6.02 -6.61
CA LEU A 778 -32.49 -4.63 -6.20
C LEU A 778 -31.49 -4.30 -5.11
N TYR A 779 -31.25 -5.26 -4.22
CA TYR A 779 -30.25 -5.07 -3.18
C TYR A 779 -28.91 -4.71 -3.79
N HIS A 780 -28.49 -5.48 -4.79
CA HIS A 780 -27.23 -5.24 -5.46
C HIS A 780 -27.27 -3.97 -6.32
N LEU A 781 -28.38 -3.73 -7.00
CA LEU A 781 -28.49 -2.56 -7.87
C LEU A 781 -28.30 -1.28 -7.07
N LYS A 782 -28.88 -1.25 -5.87
CA LYS A 782 -28.84 -0.07 -5.02
C LYS A 782 -27.48 0.18 -4.39
N GLN A 783 -26.51 -0.68 -4.68
CA GLN A 783 -25.16 -0.46 -4.17
C GLN A 783 -24.48 0.62 -5.00
N ILE A 784 -25.07 0.92 -6.16
CA ILE A 784 -24.55 1.97 -7.02
C ILE A 784 -25.33 3.25 -6.76
N ASN A 785 -24.78 4.10 -5.89
CA ASN A 785 -25.51 5.28 -5.42
C ASN A 785 -24.65 6.54 -5.44
N SER A 786 -23.69 6.58 -6.36
CA SER A 786 -22.79 7.73 -6.46
C SER A 786 -22.48 8.07 -7.91
N PRO A 787 -22.91 9.24 -8.41
CA PRO A 787 -22.81 9.68 -9.78
C PRO A 787 -21.36 9.86 -10.21
N MET A 788 -20.47 10.00 -9.23
CA MET A 788 -19.05 10.11 -9.49
C MET A 788 -18.47 8.76 -9.90
N MET A 789 -19.08 7.68 -9.45
CA MET A 789 -18.58 6.35 -9.76
C MET A 789 -19.25 5.78 -11.00
N THR A 790 -20.47 6.21 -11.27
CA THR A 790 -21.22 5.69 -12.42
C THR A 790 -20.66 6.18 -13.73
N VAL A 791 -19.73 7.12 -13.65
CA VAL A 791 -19.08 7.68 -14.82
C VAL A 791 -17.63 7.23 -14.92
N SER A 792 -17.21 6.37 -13.99
CA SER A 792 -15.83 5.92 -13.92
C SER A 792 -15.73 4.45 -13.50
N ALA A 793 -15.76 4.23 -12.19
CA ALA A 793 -15.53 2.90 -11.62
C ALA A 793 -16.55 1.87 -12.14
N TYR A 794 -17.78 2.28 -12.34
CA TYR A 794 -18.80 1.35 -12.80
C TYR A 794 -19.12 1.52 -14.27
N ASN A 795 -18.31 2.29 -14.99
CA ASN A 795 -18.60 2.60 -16.38
C ASN A 795 -18.70 1.34 -17.23
N ASN A 796 -17.72 0.44 -17.10
CA ASN A 796 -17.72 -0.76 -17.92
C ASN A 796 -18.83 -1.70 -17.50
N PHE A 797 -19.11 -1.75 -16.22
CA PHE A 797 -20.16 -2.61 -15.71
C PHE A 797 -21.49 -2.24 -16.33
N LEU A 798 -21.80 -0.95 -16.28
CA LEU A 798 -23.08 -0.47 -16.80
C LEU A 798 -23.19 -0.69 -18.30
N ASN A 799 -22.07 -0.52 -19.02
CA ASN A 799 -22.09 -0.73 -20.46
C ASN A 799 -22.31 -2.20 -20.83
N TYR A 800 -21.87 -3.13 -19.97
CA TYR A 800 -22.12 -4.54 -20.24
C TYR A 800 -23.57 -4.88 -19.93
N VAL A 801 -24.10 -4.29 -18.85
CA VAL A 801 -25.48 -4.53 -18.46
C VAL A 801 -26.43 -3.99 -19.52
N SER A 802 -26.19 -2.76 -19.96
CA SER A 802 -27.01 -2.15 -20.99
C SER A 802 -26.53 -2.57 -22.37
N SER A 803 -26.61 -3.87 -22.61
CA SER A 803 -26.17 -4.49 -23.85
C SER A 803 -26.66 -5.92 -23.89
N LEU A 804 -26.55 -6.60 -22.76
CA LEU A 804 -27.13 -7.92 -22.62
C LEU A 804 -28.65 -7.79 -22.70
N PRO A 805 -29.35 -8.79 -23.24
CA PRO A 805 -30.80 -8.84 -23.37
C PRO A 805 -31.47 -8.97 -22.02
N SER A 806 -32.67 -8.40 -21.89
CA SER A 806 -33.45 -8.47 -20.67
C SER A 806 -34.92 -8.20 -20.97
N THR A 807 -35.78 -8.40 -19.97
CA THR A 807 -37.22 -8.21 -20.17
C THR A 807 -37.81 -7.17 -19.22
N LYS A 808 -37.57 -7.36 -17.93
CA LYS A 808 -38.13 -6.50 -16.90
C LYS A 808 -37.06 -5.60 -16.29
N ALA A 809 -35.81 -6.07 -16.38
CA ALA A 809 -34.70 -5.35 -15.79
C ALA A 809 -34.55 -3.96 -16.40
N GLY A 810 -34.87 -3.82 -17.68
CA GLY A 810 -34.71 -2.54 -18.36
C GLY A 810 -35.30 -1.39 -17.55
N PRO A 811 -36.62 -1.29 -17.44
CA PRO A 811 -37.36 -0.32 -16.66
C PRO A 811 -36.83 -0.20 -15.24
N LYS A 812 -36.46 -1.32 -14.62
CA LYS A 812 -35.94 -1.30 -13.26
C LYS A 812 -34.60 -0.58 -13.14
N ILE A 813 -33.80 -0.64 -14.20
CA ILE A 813 -32.49 -0.01 -14.16
C ILE A 813 -32.58 1.46 -14.54
N VAL A 814 -33.34 1.78 -15.58
CA VAL A 814 -33.42 3.18 -16.03
C VAL A 814 -34.09 4.05 -14.97
N SER A 815 -35.03 3.47 -14.22
CA SER A 815 -35.73 4.21 -13.18
C SER A 815 -34.80 4.54 -12.03
N HIS A 816 -33.66 3.85 -11.96
CA HIS A 816 -32.66 4.08 -10.95
C HIS A 816 -31.64 5.11 -11.45
N LEU A 817 -31.13 4.88 -12.66
CA LEU A 817 -30.11 5.76 -13.21
C LEU A 817 -30.61 7.19 -13.39
N LEU A 818 -31.89 7.34 -13.71
CA LEU A 818 -32.45 8.67 -13.90
C LEU A 818 -32.92 9.25 -12.57
N HIS A 819 -32.78 8.49 -11.49
CA HIS A 819 -33.15 8.95 -10.17
C HIS A 819 -31.90 9.43 -9.46
N LEU A 820 -30.82 8.71 -9.65
CA LEU A 820 -29.54 9.00 -9.03
C LEU A 820 -29.10 10.43 -9.26
N VAL A 821 -29.43 10.98 -10.42
CA VAL A 821 -29.06 12.35 -10.75
C VAL A 821 -30.28 13.25 -10.90
N ASP A 822 -31.38 12.88 -10.25
CA ASP A 822 -32.60 13.69 -10.32
C ASP A 822 -32.59 14.82 -9.29
N ASN A 823 -32.46 14.46 -8.02
CA ASN A 823 -32.51 15.46 -6.97
C ASN A 823 -31.11 15.95 -6.59
N LYS A 824 -31.05 16.92 -5.71
CA LYS A 824 -29.77 17.53 -5.34
C LYS A 824 -29.06 16.78 -4.22
N GLU A 825 -29.74 15.81 -3.63
CA GLU A 825 -29.15 15.06 -2.54
C GLU A 825 -28.15 14.06 -3.09
N SER A 826 -28.55 13.36 -4.15
CA SER A 826 -27.68 12.37 -4.77
C SER A 826 -26.72 13.02 -5.75
N LEU A 827 -27.14 14.11 -6.38
CA LEU A 827 -26.31 14.75 -7.41
C LEU A 827 -25.00 15.27 -6.83
N GLU A 828 -25.05 15.74 -5.59
CA GLU A 828 -23.88 16.31 -4.93
C GLU A 828 -23.11 15.27 -4.13
N ASN A 829 -23.49 14.00 -4.28
CA ASN A 829 -22.85 12.94 -3.53
C ASN A 829 -21.51 12.56 -4.14
N ILE A 830 -20.51 13.38 -3.87
CA ILE A 830 -19.18 13.12 -4.41
C ILE A 830 -18.47 12.12 -3.52
N SER A 831 -18.24 10.93 -4.05
CA SER A 831 -17.67 9.84 -3.27
C SER A 831 -16.98 8.82 -4.15
N GLU A 832 -15.92 8.21 -3.62
CA GLU A 832 -15.16 7.18 -4.32
C GLU A 832 -14.49 6.25 -3.31
N ASN A 833 -14.17 5.01 -3.71
CA ASN A 833 -13.50 4.05 -2.85
C ASN A 833 -12.02 3.97 -3.15
N ASP A 834 -11.65 4.24 -4.39
CA ASP A 834 -10.28 4.19 -4.88
C ASP A 834 -9.69 2.80 -4.92
N ASP A 835 -10.50 1.79 -4.65
CA ASP A 835 -10.01 0.42 -4.73
C ASP A 835 -10.17 -0.12 -6.14
N TYR A 836 -11.20 0.34 -6.82
CA TYR A 836 -11.52 -0.14 -8.16
C TYR A 836 -10.58 0.49 -9.18
N LEU A 837 -9.79 1.44 -8.72
CA LEU A 837 -8.89 2.17 -9.60
C LEU A 837 -7.46 1.62 -9.55
N LYS A 838 -7.17 0.79 -8.56
CA LYS A 838 -5.79 0.36 -8.35
C LYS A 838 -5.21 -0.34 -9.57
N HIS A 839 -6.03 -1.11 -10.26
CA HIS A 839 -5.59 -1.86 -11.42
C HIS A 839 -6.03 -1.23 -12.74
N GLN A 840 -6.53 0.01 -12.71
CA GLN A 840 -7.03 0.63 -13.94
C GLN A 840 -6.55 2.07 -14.14
N PRO A 841 -5.28 2.28 -14.51
CA PRO A 841 -4.62 3.56 -14.68
C PRO A 841 -5.39 4.53 -15.60
N GLU A 842 -6.09 4.00 -16.60
CA GLU A 842 -6.80 4.90 -17.52
C GLU A 842 -7.99 5.58 -16.86
N ILE A 843 -8.52 4.99 -15.79
CA ILE A 843 -9.64 5.60 -15.10
C ILE A 843 -9.07 6.58 -14.08
N SER A 844 -7.96 6.20 -13.48
CA SER A 844 -7.30 7.08 -12.52
C SER A 844 -7.01 8.42 -13.19
N LEU A 845 -6.59 8.38 -14.46
CA LEU A 845 -6.36 9.60 -15.21
C LEU A 845 -7.66 10.35 -15.48
N GLN A 846 -8.69 9.64 -15.93
CA GLN A 846 -9.97 10.29 -16.20
C GLN A 846 -10.48 11.08 -15.00
N MET A 847 -10.39 10.47 -13.82
CA MET A 847 -10.94 11.09 -12.62
C MET A 847 -10.05 12.21 -12.11
N GLN A 848 -8.87 12.37 -12.71
CA GLN A 848 -7.97 13.44 -12.33
C GLN A 848 -8.54 14.76 -12.80
N LEU A 849 -9.22 14.73 -13.93
CA LEU A 849 -9.80 15.94 -14.48
C LEU A 849 -11.19 16.18 -13.91
N LEU A 850 -11.92 15.12 -13.58
CA LEU A 850 -13.26 15.30 -13.02
C LEU A 850 -13.22 15.96 -11.65
N ARG A 851 -12.27 15.56 -10.81
CA ARG A 851 -12.17 16.16 -9.49
C ARG A 851 -11.81 17.63 -9.62
N GLY A 852 -10.99 17.95 -10.62
CA GLY A 852 -10.62 19.33 -10.89
C GLY A 852 -11.82 20.12 -11.42
N LEU A 853 -12.53 19.56 -12.39
CA LEU A 853 -13.67 20.22 -13.00
C LEU A 853 -14.68 20.65 -11.95
N TRP A 854 -14.93 19.75 -11.00
CA TRP A 854 -15.86 20.00 -9.91
C TRP A 854 -15.47 21.22 -9.07
N GLN A 855 -14.18 21.48 -8.94
CA GLN A 855 -13.71 22.59 -8.10
C GLN A 855 -13.69 23.92 -8.85
N ILE A 856 -13.48 23.85 -10.16
CA ILE A 856 -13.41 25.06 -10.97
C ILE A 856 -14.80 25.54 -11.37
N CYS A 857 -15.63 24.61 -11.84
CA CYS A 857 -16.96 24.97 -12.29
C CYS A 857 -17.98 23.87 -12.03
N PRO A 858 -18.50 23.78 -10.80
CA PRO A 858 -19.45 22.80 -10.32
C PRO A 858 -20.63 22.63 -11.27
N GLN A 859 -21.04 23.74 -11.90
CA GLN A 859 -22.18 23.67 -12.83
C GLN A 859 -21.83 22.87 -14.06
N ALA A 860 -20.58 22.96 -14.51
CA ALA A 860 -20.15 22.20 -15.67
C ALA A 860 -20.13 20.73 -15.33
N TYR A 861 -19.67 20.45 -14.12
CA TYR A 861 -19.61 19.07 -13.66
C TYR A 861 -21.00 18.46 -13.60
N PHE A 862 -21.93 19.16 -12.95
CA PHE A 862 -23.26 18.63 -12.78
C PHE A 862 -23.97 18.46 -14.10
N SER A 863 -23.84 19.43 -15.00
CA SER A 863 -24.50 19.33 -16.29
C SER A 863 -23.95 18.17 -17.10
N MET A 864 -22.63 18.04 -17.13
CA MET A 864 -21.97 16.98 -17.87
C MET A 864 -22.39 15.60 -17.39
N VAL A 865 -22.40 15.39 -16.08
CA VAL A 865 -22.76 14.09 -15.53
C VAL A 865 -24.22 13.78 -15.80
N SER A 866 -25.09 14.76 -15.60
CA SER A 866 -26.50 14.58 -15.80
C SER A 866 -26.81 14.14 -17.22
N GLU A 867 -26.21 14.81 -18.19
CA GLU A 867 -26.44 14.47 -19.60
C GLU A 867 -25.94 13.06 -19.90
N HIS A 868 -24.81 12.68 -19.32
CA HIS A 868 -24.26 11.34 -19.53
C HIS A 868 -25.21 10.25 -19.03
N LEU A 869 -25.77 10.44 -17.84
CA LEU A 869 -26.66 9.43 -17.26
C LEU A 869 -27.93 9.30 -18.09
N LEU A 870 -28.40 10.40 -18.67
CA LEU A 870 -29.56 10.34 -19.54
C LEU A 870 -29.28 9.43 -20.74
N VAL A 871 -28.09 9.56 -21.31
CA VAL A 871 -27.72 8.74 -22.45
C VAL A 871 -27.69 7.26 -22.10
N LEU A 872 -27.11 6.92 -20.96
CA LEU A 872 -27.05 5.51 -20.57
C LEU A 872 -28.45 4.94 -20.38
N ALA A 873 -29.33 5.73 -19.77
CA ALA A 873 -30.70 5.27 -19.55
C ALA A 873 -31.42 5.04 -20.88
N LEU A 874 -31.24 5.96 -21.82
CA LEU A 874 -31.88 5.80 -23.11
C LEU A 874 -31.29 4.63 -23.88
N LYS A 875 -29.97 4.47 -23.81
CA LYS A 875 -29.33 3.36 -24.50
C LYS A 875 -29.91 2.06 -24.02
N THR A 876 -30.06 1.94 -22.71
CA THR A 876 -30.58 0.74 -22.08
C THR A 876 -31.98 0.43 -22.61
N ALA A 877 -32.83 1.45 -22.64
CA ALA A 877 -34.20 1.27 -23.08
C ALA A 877 -34.27 0.83 -24.54
N TYR A 878 -33.40 1.39 -25.38
CA TYR A 878 -33.42 1.01 -26.79
C TYR A 878 -32.82 -0.36 -27.05
N GLN A 879 -31.72 -0.69 -26.37
CA GLN A 879 -31.05 -1.97 -26.59
C GLN A 879 -31.94 -3.14 -26.15
N SER A 880 -32.72 -2.94 -25.10
CA SER A 880 -33.60 -3.98 -24.58
C SER A 880 -34.98 -3.92 -25.22
N ASN A 881 -35.21 -2.93 -26.07
CA ASN A 881 -36.51 -2.72 -26.69
C ASN A 881 -37.62 -2.59 -25.65
N THR A 882 -37.38 -1.81 -24.60
CA THR A 882 -38.36 -1.61 -23.55
C THR A 882 -38.76 -0.14 -23.45
N VAL A 883 -38.55 0.59 -24.54
CA VAL A 883 -38.76 2.04 -24.57
C VAL A 883 -40.15 2.45 -24.11
N ALA A 884 -41.15 1.69 -24.53
CA ALA A 884 -42.53 2.01 -24.17
C ALA A 884 -42.72 2.07 -22.66
N ALA A 885 -41.91 1.31 -21.92
CA ALA A 885 -42.01 1.24 -20.47
C ALA A 885 -40.95 2.08 -19.78
N CYS A 886 -40.16 2.82 -20.56
CA CYS A 886 -39.08 3.61 -19.99
C CYS A 886 -39.33 5.11 -20.20
N SER A 887 -39.99 5.45 -21.30
CA SER A 887 -40.23 6.83 -21.64
C SER A 887 -40.76 7.67 -20.47
N PRO A 888 -41.76 7.20 -19.69
CA PRO A 888 -42.34 7.91 -18.57
C PRO A 888 -41.28 8.41 -17.59
N PHE A 889 -40.19 7.66 -17.44
CA PHE A 889 -39.14 8.04 -16.51
C PHE A 889 -38.29 9.13 -17.13
N VAL A 890 -38.11 9.05 -18.43
CA VAL A 890 -37.33 10.03 -19.15
C VAL A 890 -38.05 11.36 -19.14
N LEU A 891 -39.36 11.33 -19.39
CA LEU A 891 -40.13 12.55 -19.42
C LEU A 891 -40.13 13.24 -18.07
N GLN A 892 -40.18 12.46 -17.00
CA GLN A 892 -40.12 13.03 -15.67
C GLN A 892 -38.77 13.69 -15.41
N PHE A 893 -37.70 13.07 -15.90
CA PHE A 893 -36.35 13.57 -15.76
C PHE A 893 -36.09 14.85 -16.53
N LEU A 894 -36.52 14.89 -17.79
CA LEU A 894 -36.21 16.00 -18.68
C LEU A 894 -36.78 17.34 -18.23
N GLN A 895 -37.87 17.31 -17.49
CA GLN A 895 -38.52 18.56 -17.10
C GLN A 895 -37.57 19.53 -16.39
N GLY A 896 -37.45 20.72 -16.97
CA GLY A 896 -36.67 21.80 -16.38
C GLY A 896 -35.17 21.69 -16.62
N ARG A 897 -34.76 20.72 -17.43
CA ARG A 897 -33.35 20.48 -17.68
C ARG A 897 -32.77 21.31 -18.81
N THR A 898 -31.46 21.46 -18.79
CA THR A 898 -30.72 22.07 -19.88
C THR A 898 -29.84 21.03 -20.55
N LEU A 899 -29.96 20.92 -21.86
CA LEU A 899 -29.17 19.95 -22.62
C LEU A 899 -28.30 20.68 -23.63
N THR A 900 -27.24 20.03 -24.09
CA THR A 900 -26.45 20.64 -25.16
C THR A 900 -27.11 20.39 -26.50
N LEU A 901 -26.73 21.16 -27.51
CA LEU A 901 -27.31 21.00 -28.84
C LEU A 901 -27.21 19.58 -29.37
N GLY A 902 -26.08 18.93 -29.09
CA GLY A 902 -25.82 17.58 -29.59
C GLY A 902 -26.71 16.51 -28.97
N ALA A 903 -27.41 16.86 -27.89
CA ALA A 903 -28.29 15.92 -27.21
C ALA A 903 -29.53 15.67 -28.05
N LEU A 904 -29.77 16.53 -29.03
CA LEU A 904 -30.96 16.40 -29.84
C LEU A 904 -30.72 15.41 -30.98
N ASN A 905 -29.54 14.81 -31.00
CA ASN A 905 -29.24 13.79 -31.99
C ASN A 905 -29.67 12.42 -31.48
N LEU A 906 -30.16 12.37 -30.24
CA LEU A 906 -30.62 11.11 -29.67
C LEU A 906 -31.98 10.74 -30.24
N GLN A 907 -32.13 9.48 -30.63
CA GLN A 907 -33.34 9.01 -31.29
C GLN A 907 -34.59 9.32 -30.50
N TYR A 908 -34.49 9.30 -29.18
CA TYR A 908 -35.65 9.54 -28.34
C TYR A 908 -36.44 10.77 -28.75
N PHE A 909 -35.75 11.84 -29.14
CA PHE A 909 -36.42 13.09 -29.46
C PHE A 909 -37.17 13.03 -30.77
N PHE A 910 -36.90 12.01 -31.57
CA PHE A 910 -37.60 11.81 -32.82
C PHE A 910 -38.85 10.98 -32.58
N ASP A 911 -38.70 9.92 -31.80
CA ASP A 911 -39.79 9.02 -31.50
C ASP A 911 -40.83 9.67 -30.59
N HIS A 912 -40.37 10.54 -29.68
CA HIS A 912 -41.26 11.19 -28.73
C HIS A 912 -40.98 12.69 -28.63
N PRO A 913 -41.22 13.45 -29.71
CA PRO A 913 -40.81 14.83 -29.92
C PRO A 913 -41.49 15.81 -28.97
N GLU A 914 -42.58 15.39 -28.35
CA GLU A 914 -43.28 16.27 -27.44
C GLU A 914 -42.43 16.55 -26.19
N SER A 915 -41.41 15.73 -25.97
CA SER A 915 -40.56 15.87 -24.81
C SER A 915 -39.73 17.13 -24.88
N LEU A 916 -39.59 17.69 -26.08
CA LEU A 916 -38.80 18.89 -26.25
C LEU A 916 -39.38 20.05 -25.45
N SER A 917 -40.69 20.07 -25.31
CA SER A 917 -41.38 21.16 -24.62
C SER A 917 -41.16 21.13 -23.12
N LEU A 918 -40.57 20.06 -22.61
CA LEU A 918 -40.33 19.91 -21.19
C LEU A 918 -39.01 20.55 -20.77
N LEU A 919 -38.14 20.81 -21.74
CA LEU A 919 -36.81 21.33 -21.43
C LEU A 919 -36.86 22.80 -21.13
N ARG A 920 -35.90 23.28 -20.37
CA ARG A 920 -35.80 24.69 -20.09
C ARG A 920 -34.99 25.39 -21.15
N SER A 921 -33.89 24.76 -21.58
CA SER A 921 -33.04 25.39 -22.59
C SER A 921 -32.10 24.41 -23.29
N ILE A 922 -31.65 24.83 -24.46
CA ILE A 922 -30.60 24.15 -25.22
C ILE A 922 -29.35 25.03 -25.27
N HIS A 923 -28.21 24.46 -24.95
CA HIS A 923 -26.95 25.22 -24.93
C HIS A 923 -26.15 25.01 -26.22
N PHE A 924 -25.89 26.11 -26.93
CA PHE A 924 -25.16 26.09 -28.18
C PHE A 924 -23.97 27.07 -28.18
N PRO A 925 -22.83 26.67 -27.61
CA PRO A 925 -21.60 27.42 -27.57
C PRO A 925 -20.79 27.28 -28.85
N ILE A 926 -20.09 28.36 -29.21
CA ILE A 926 -19.09 28.32 -30.27
C ILE A 926 -17.84 29.03 -29.76
N ARG A 927 -16.66 28.46 -29.99
CA ARG A 927 -15.46 29.07 -29.40
C ARG A 927 -14.39 29.55 -30.38
N GLY A 928 -14.24 28.90 -31.52
CA GLY A 928 -13.15 29.28 -32.40
C GLY A 928 -11.81 29.09 -31.70
N ASN A 929 -10.89 30.04 -31.88
CA ASN A 929 -9.57 29.95 -31.27
C ASN A 929 -8.85 31.30 -31.15
N LYS A 930 -9.60 32.37 -30.90
CA LYS A 930 -8.98 33.69 -30.81
C LYS A 930 -8.05 33.77 -29.60
N THR A 931 -6.94 34.47 -29.78
CA THR A 931 -5.95 34.63 -28.72
C THR A 931 -6.36 35.63 -27.65
N SER A 932 -6.11 35.26 -26.41
CA SER A 932 -6.27 36.13 -25.24
C SER A 932 -4.89 36.31 -24.61
N PRO A 933 -4.17 37.38 -24.99
CA PRO A 933 -2.72 37.56 -24.87
C PRO A 933 -2.10 36.90 -23.65
N ARG A 934 -2.33 37.45 -22.46
CA ARG A 934 -1.72 36.89 -21.26
C ARG A 934 -2.24 37.50 -19.96
N ALA A 935 -1.93 36.83 -18.84
CA ALA A 935 -2.25 37.33 -17.51
C ALA A 935 -1.53 38.64 -17.22
N HIS A 936 -0.34 38.80 -17.79
CA HIS A 936 0.45 40.02 -17.64
C HIS A 936 0.91 40.25 -16.20
N PHE A 937 1.84 39.42 -15.75
CA PHE A 937 2.34 39.43 -14.39
C PHE A 937 3.48 40.42 -14.19
N SER A 938 3.67 40.85 -12.94
CA SER A 938 4.77 41.71 -12.54
C SER A 938 4.75 43.06 -13.23
N VAL A 939 3.56 43.61 -13.41
CA VAL A 939 3.42 44.94 -14.00
C VAL A 939 2.63 45.89 -13.10
N LEU A 940 1.93 45.33 -12.11
CA LEU A 940 1.13 46.13 -11.20
C LEU A 940 1.61 45.99 -9.77
N GLU A 941 1.80 44.75 -9.37
CA GLU A 941 2.18 44.41 -8.01
C GLU A 941 3.56 44.94 -7.69
N THR A 942 4.32 45.31 -8.71
CA THR A 942 5.68 45.82 -8.57
C THR A 942 5.70 47.28 -8.13
N CYS A 943 4.54 47.92 -8.16
CA CYS A 943 4.41 49.31 -7.74
C CYS A 943 3.25 49.43 -6.76
N PHE A 944 3.40 48.80 -5.59
CA PHE A 944 2.32 48.66 -4.64
C PHE A 944 2.82 48.58 -3.19
N ASP A 945 3.61 47.56 -2.90
CA ASP A 945 3.97 47.20 -1.53
C ASP A 945 5.34 47.68 -1.06
N LYS A 946 6.10 48.33 -1.94
CA LYS A 946 7.44 48.74 -1.58
C LYS A 946 7.44 49.76 -0.47
N SER A 947 8.42 49.63 0.43
CA SER A 947 8.63 50.49 1.61
C SER A 947 7.83 49.99 2.82
N GLN A 948 6.91 49.05 2.60
CA GLN A 948 6.10 48.48 3.67
C GLN A 948 6.47 47.03 3.93
N VAL A 949 7.62 46.64 3.41
CA VAL A 949 8.06 45.25 3.47
C VAL A 949 8.26 44.80 4.91
N PRO A 950 7.82 43.58 5.25
CA PRO A 950 7.90 42.94 6.54
C PRO A 950 9.30 42.45 6.87
N THR A 951 9.54 42.20 8.16
CA THR A 951 10.81 41.66 8.62
C THR A 951 10.60 40.32 9.34
N ILE A 952 10.68 39.24 8.56
CA ILE A 952 10.47 37.89 9.05
C ILE A 952 11.81 37.30 9.47
N ASP A 953 11.79 36.40 10.44
CA ASP A 953 13.02 35.79 10.91
C ASP A 953 13.44 34.60 10.04
N GLN A 954 14.51 33.93 10.43
CA GLN A 954 15.11 32.87 9.63
C GLN A 954 14.22 31.63 9.48
N ASP A 955 13.45 31.32 10.53
CA ASP A 955 12.68 30.09 10.57
C ASP A 955 11.35 30.17 9.82
N TYR A 956 10.75 31.36 9.77
CA TYR A 956 9.43 31.52 9.17
C TYR A 956 9.49 32.18 7.80
N ALA A 957 10.70 32.32 7.28
CA ALA A 957 10.97 33.03 6.04
C ALA A 957 10.20 32.49 4.85
N SER A 958 9.87 31.21 4.85
CA SER A 958 9.23 30.54 3.71
C SER A 958 7.85 31.10 3.38
N ALA A 959 7.29 31.92 4.26
CA ALA A 959 5.97 32.50 4.04
C ALA A 959 5.91 33.34 2.75
N PHE A 960 7.04 33.88 2.33
CA PHE A 960 7.07 34.74 1.14
C PHE A 960 7.92 34.15 0.02
N GLU A 961 7.33 33.94 -1.14
CA GLU A 961 8.05 33.42 -2.30
C GLU A 961 8.34 34.54 -3.30
N PRO A 962 9.45 34.44 -4.05
CA PRO A 962 9.85 35.35 -5.11
C PRO A 962 8.92 35.28 -6.30
N MET A 963 8.60 36.43 -6.88
CA MET A 963 7.70 36.48 -8.02
C MET A 963 8.36 36.02 -9.31
N ASN A 964 9.67 36.22 -9.44
CA ASN A 964 10.34 35.89 -10.70
C ASN A 964 10.30 34.40 -11.01
N GLU A 965 10.50 33.58 -9.99
CA GLU A 965 10.47 32.14 -10.20
C GLU A 965 9.05 31.66 -10.36
N TRP A 966 8.12 32.29 -9.63
CA TRP A 966 6.73 31.92 -9.73
C TRP A 966 6.25 32.08 -11.16
N GLU A 967 6.53 33.25 -11.75
CA GLU A 967 6.09 33.54 -13.10
C GLU A 967 6.76 32.63 -14.11
N ARG A 968 8.06 32.41 -13.96
CA ARG A 968 8.78 31.60 -14.93
C ARG A 968 8.21 30.19 -15.01
N ASN A 969 7.97 29.57 -13.86
CA ASN A 969 7.46 28.20 -13.85
C ASN A 969 6.07 28.13 -14.44
N LEU A 970 5.25 29.13 -14.14
CA LEU A 970 3.90 29.14 -14.68
C LEU A 970 3.91 29.30 -16.19
N ALA A 971 4.76 30.20 -16.69
CA ALA A 971 4.84 30.44 -18.12
C ALA A 971 5.24 29.18 -18.87
N GLU A 972 6.20 28.44 -18.31
CA GLU A 972 6.64 27.20 -18.96
C GLU A 972 5.50 26.20 -19.05
N LYS A 973 4.78 26.03 -17.95
CA LYS A 973 3.70 25.05 -17.91
C LYS A 973 2.58 25.44 -18.84
N GLU A 974 2.29 26.73 -18.92
CA GLU A 974 1.23 27.20 -19.79
C GLU A 974 1.53 26.90 -21.26
N ASP A 975 2.78 27.11 -21.67
CA ASP A 975 3.18 26.84 -23.05
C ASP A 975 3.05 25.37 -23.42
N ASN A 976 3.32 24.49 -22.46
CA ASN A 976 3.23 23.06 -22.70
C ASN A 976 1.81 22.61 -22.97
N VAL A 977 0.84 23.40 -22.52
CA VAL A 977 -0.56 23.08 -22.75
C VAL A 977 -1.02 23.64 -24.08
N LYS A 978 -0.63 24.88 -24.35
CA LYS A 978 -1.06 25.55 -25.58
C LYS A 978 -0.66 24.75 -26.81
N SER A 979 0.54 24.20 -26.80
CA SER A 979 1.04 23.47 -27.96
C SER A 979 0.22 22.22 -28.25
N TYR A 980 -0.50 21.73 -27.26
CA TYR A 980 -1.33 20.55 -27.44
C TYR A 980 -2.73 20.93 -27.89
N MET A 981 -3.28 21.96 -27.27
CA MET A 981 -4.65 22.37 -27.58
C MET A 981 -4.77 22.83 -29.02
N ASP A 982 -3.69 23.39 -29.56
CA ASP A 982 -3.66 23.84 -30.94
C ASP A 982 -3.83 22.69 -31.93
N MET A 983 -3.54 21.48 -31.49
CA MET A 983 -3.61 20.32 -32.36
C MET A 983 -5.00 19.70 -32.38
N GLN A 984 -5.90 20.23 -31.56
CA GLN A 984 -7.24 19.68 -31.45
C GLN A 984 -8.17 20.29 -32.48
N ARG A 985 -9.17 19.52 -32.89
CA ARG A 985 -10.16 20.03 -33.82
C ARG A 985 -11.56 19.90 -33.24
N ARG A 986 -12.26 21.05 -33.15
CA ARG A 986 -13.55 21.10 -32.48
C ARG A 986 -14.63 20.23 -33.13
N ALA A 987 -14.64 20.22 -34.47
CA ALA A 987 -15.64 19.53 -35.27
C ALA A 987 -17.00 20.26 -35.23
N SER A 988 -17.42 20.78 -36.38
CA SER A 988 -18.71 21.46 -36.45
C SER A 988 -19.82 20.46 -36.13
N PRO A 989 -20.93 20.89 -35.50
CA PRO A 989 -22.14 20.14 -35.20
C PRO A 989 -22.66 19.33 -36.40
N ASP A 990 -22.88 18.05 -36.21
CA ASP A 990 -23.39 17.14 -37.25
C ASP A 990 -24.90 17.11 -37.24
N LEU A 991 -25.53 18.23 -37.58
CA LEU A 991 -26.97 18.35 -37.45
C LEU A 991 -27.72 17.67 -38.58
N SER A 992 -27.60 16.36 -38.66
CA SER A 992 -28.22 15.61 -39.74
C SER A 992 -28.60 14.19 -39.33
N THR A 993 -27.77 13.59 -38.47
CA THR A 993 -27.94 12.19 -38.12
C THR A 993 -28.97 12.03 -37.02
N GLY A 994 -30.21 12.33 -37.36
CA GLY A 994 -31.31 12.22 -36.40
C GLY A 994 -31.59 13.54 -35.70
N TYR A 995 -30.70 14.53 -35.90
CA TYR A 995 -30.85 15.82 -35.24
C TYR A 995 -32.24 16.35 -35.31
N TRP A 996 -32.99 16.19 -34.23
CA TRP A 996 -34.34 16.69 -34.20
C TRP A 996 -34.94 16.57 -35.59
N LYS A 997 -34.71 15.42 -36.23
CA LYS A 997 -35.01 15.26 -37.65
C LYS A 997 -36.48 14.97 -37.87
N LEU A 998 -37.30 15.94 -37.51
CA LEU A 998 -38.73 15.83 -37.62
C LEU A 998 -39.23 16.86 -38.63
N SER A 999 -38.34 17.29 -39.53
CA SER A 999 -38.65 18.38 -40.44
C SER A 999 -39.63 19.33 -39.79
N PRO A 1000 -39.21 19.97 -38.69
CA PRO A 1000 -40.00 20.32 -37.51
C PRO A 1000 -41.33 20.97 -37.88
N LYS A 1001 -42.40 20.46 -37.26
CA LYS A 1001 -43.74 20.89 -37.60
C LYS A 1001 -44.51 21.42 -36.39
N GLN A 1002 -44.61 20.61 -35.35
CA GLN A 1002 -45.45 20.97 -34.21
C GLN A 1002 -44.68 21.43 -32.99
N TYR A 1003 -43.40 21.08 -32.93
CA TYR A 1003 -42.63 21.42 -31.74
C TYR A 1003 -41.41 22.26 -32.09
N LYS A 1004 -41.06 23.16 -31.19
CA LYS A 1004 -39.93 24.06 -31.35
C LYS A 1004 -39.09 24.08 -30.09
N ILE A 1005 -37.82 24.44 -30.22
CA ILE A 1005 -36.96 24.55 -29.05
C ILE A 1005 -37.39 25.77 -28.23
N PRO A 1006 -37.77 25.59 -26.96
CA PRO A 1006 -38.33 26.61 -26.10
C PRO A 1006 -37.36 27.74 -25.77
N CYS A 1007 -36.07 27.45 -25.83
CA CYS A 1007 -35.07 28.46 -25.57
C CYS A 1007 -33.70 28.04 -26.05
N LEU A 1008 -33.08 28.89 -26.86
CA LEU A 1008 -31.75 28.60 -27.38
C LEU A 1008 -30.73 29.57 -26.83
N GLU A 1009 -29.73 29.06 -26.12
CA GLU A 1009 -28.69 29.89 -25.57
C GLU A 1009 -27.45 29.84 -26.44
N VAL A 1010 -27.11 30.97 -27.04
CA VAL A 1010 -25.97 31.02 -27.94
C VAL A 1010 -24.79 31.68 -27.25
N ASP A 1011 -23.75 30.90 -27.00
CA ASP A 1011 -22.60 31.39 -26.25
C ASP A 1011 -21.40 31.59 -27.16
N VAL A 1012 -21.11 32.84 -27.46
CA VAL A 1012 -20.05 33.19 -28.41
C VAL A 1012 -18.84 33.72 -27.68
N ASN A 1013 -17.73 32.98 -27.73
CA ASN A 1013 -16.57 33.38 -26.95
C ASN A 1013 -15.25 33.06 -27.61
N ASP A 1014 -14.45 34.10 -27.86
CA ASP A 1014 -13.15 34.01 -28.53
C ASP A 1014 -13.25 33.58 -29.99
N ILE A 1015 -14.30 34.05 -30.66
CA ILE A 1015 -14.44 33.77 -32.09
C ILE A 1015 -14.70 35.05 -32.86
N ASP A 1016 -14.13 35.20 -34.03
CA ASP A 1016 -14.36 36.41 -34.82
C ASP A 1016 -15.19 36.13 -36.08
N VAL A 1017 -14.66 35.30 -36.97
CA VAL A 1017 -15.31 35.05 -38.24
C VAL A 1017 -15.72 33.60 -38.40
N VAL A 1018 -17.00 33.41 -38.69
CA VAL A 1018 -17.56 32.09 -38.91
C VAL A 1018 -17.49 31.72 -40.38
N GLY A 1019 -17.19 30.45 -40.67
CA GLY A 1019 -17.14 29.98 -42.04
C GLY A 1019 -18.54 29.71 -42.56
N GLN A 1020 -18.63 29.29 -43.81
CA GLN A 1020 -19.95 29.08 -44.42
C GLN A 1020 -20.71 27.96 -43.73
N ASP A 1021 -20.00 26.94 -43.27
CA ASP A 1021 -20.67 25.82 -42.63
C ASP A 1021 -21.37 26.27 -41.37
N MET A 1022 -20.73 27.18 -40.64
CA MET A 1022 -21.31 27.68 -39.41
C MET A 1022 -22.51 28.56 -39.68
N LEU A 1023 -22.51 29.26 -40.82
CA LEU A 1023 -23.65 30.08 -41.16
C LEU A 1023 -24.85 29.20 -41.45
N GLU A 1024 -24.61 28.06 -42.10
CA GLU A 1024 -25.69 27.15 -42.41
C GLU A 1024 -26.26 26.57 -41.13
N ILE A 1025 -25.38 26.25 -40.19
CA ILE A 1025 -25.77 25.71 -38.90
C ILE A 1025 -26.51 26.73 -38.06
N LEU A 1026 -25.99 27.94 -37.96
CA LEU A 1026 -26.63 28.97 -37.15
C LEU A 1026 -28.02 29.28 -37.66
N MET A 1027 -28.16 29.39 -38.98
CA MET A 1027 -29.46 29.69 -39.57
C MET A 1027 -30.44 28.55 -39.32
N THR A 1028 -29.96 27.31 -39.50
CA THR A 1028 -30.80 26.14 -39.31
C THR A 1028 -31.29 26.00 -37.88
N VAL A 1029 -30.39 26.24 -36.93
CA VAL A 1029 -30.73 26.13 -35.52
C VAL A 1029 -31.60 27.30 -35.06
N PHE A 1030 -31.26 28.51 -35.47
CA PHE A 1030 -32.01 29.67 -35.01
C PHE A 1030 -33.49 29.59 -35.38
N SER A 1031 -33.79 29.13 -36.59
CA SER A 1031 -35.18 29.06 -37.04
C SER A 1031 -35.96 27.97 -36.31
N ALA A 1032 -35.26 27.12 -35.57
CA ALA A 1032 -35.89 26.02 -34.87
C ALA A 1032 -36.26 26.37 -33.44
N SER A 1033 -35.97 27.61 -33.01
CA SER A 1033 -36.27 28.00 -31.63
C SER A 1033 -37.27 29.14 -31.55
N GLN A 1034 -37.94 29.23 -30.41
CA GLN A 1034 -38.90 30.31 -30.18
C GLN A 1034 -38.25 31.54 -29.52
N ARG A 1035 -37.20 31.30 -28.74
CA ARG A 1035 -36.52 32.37 -28.02
C ARG A 1035 -35.01 32.21 -28.13
N ILE A 1036 -34.35 33.24 -28.66
CA ILE A 1036 -32.90 33.21 -28.81
C ILE A 1036 -32.22 34.20 -27.89
N GLU A 1037 -31.23 33.72 -27.15
CA GLU A 1037 -30.46 34.56 -26.26
C GLU A 1037 -29.01 34.60 -26.72
N LEU A 1038 -28.52 35.80 -27.02
CA LEU A 1038 -27.15 35.95 -27.50
C LEU A 1038 -26.22 36.46 -26.42
N HIS A 1039 -25.18 35.69 -26.13
CA HIS A 1039 -24.16 36.11 -25.18
C HIS A 1039 -22.86 36.31 -25.94
N LEU A 1040 -22.45 37.55 -26.12
CA LEU A 1040 -21.30 37.85 -26.95
C LEU A 1040 -20.09 38.27 -26.16
N ASN A 1041 -19.12 37.37 -26.01
CA ASN A 1041 -17.90 37.66 -25.30
C ASN A 1041 -16.95 38.32 -26.28
N HIS A 1042 -15.74 38.67 -25.83
CA HIS A 1042 -14.75 39.31 -26.69
C HIS A 1042 -14.67 38.64 -28.06
N SER A 1043 -15.53 39.09 -28.99
CA SER A 1043 -15.64 38.52 -30.33
C SER A 1043 -15.87 39.59 -31.40
N ARG A 1044 -14.84 40.40 -31.66
CA ARG A 1044 -15.00 41.54 -32.55
C ARG A 1044 -15.29 41.11 -33.98
N GLY A 1045 -16.32 41.72 -34.56
CA GLY A 1045 -16.70 41.45 -35.95
C GLY A 1045 -17.68 40.29 -36.08
N PHE A 1046 -18.04 39.66 -34.97
CA PHE A 1046 -18.93 38.51 -35.05
C PHE A 1046 -20.32 38.88 -35.57
N ILE A 1047 -20.92 39.95 -35.04
CA ILE A 1047 -22.28 40.33 -35.45
C ILE A 1047 -22.21 41.16 -36.74
N GLU A 1048 -21.53 40.61 -37.73
CA GLU A 1048 -21.43 41.19 -39.05
C GLU A 1048 -21.53 40.07 -40.07
N SER A 1049 -21.12 38.87 -39.64
CA SER A 1049 -21.08 37.73 -40.54
C SER A 1049 -22.33 36.85 -40.39
N ILE A 1050 -23.00 36.95 -39.26
CA ILE A 1050 -24.19 36.14 -39.03
C ILE A 1050 -25.44 36.96 -39.29
N ARG A 1051 -25.23 38.15 -39.82
CA ARG A 1051 -26.33 39.03 -40.17
C ARG A 1051 -27.43 38.31 -40.94
N PRO A 1052 -27.13 37.55 -42.01
CA PRO A 1052 -28.10 36.84 -42.83
C PRO A 1052 -29.04 35.97 -42.01
N ALA A 1053 -28.60 35.47 -40.85
CA ALA A 1053 -29.46 34.63 -40.03
C ALA A 1053 -30.28 35.49 -39.09
N LEU A 1054 -29.66 36.51 -38.51
CA LEU A 1054 -30.35 37.37 -37.56
C LEU A 1054 -31.48 38.13 -38.23
N GLU A 1055 -31.28 38.49 -39.49
CA GLU A 1055 -32.28 39.23 -40.26
C GLU A 1055 -33.53 38.40 -40.55
N LEU A 1056 -33.43 37.07 -40.44
CA LEU A 1056 -34.57 36.21 -40.71
C LEU A 1056 -35.32 35.90 -39.42
N SER A 1057 -34.61 35.90 -38.31
CA SER A 1057 -35.17 35.57 -37.00
C SER A 1057 -35.06 36.75 -36.05
N LYS A 1058 -35.23 37.95 -36.56
CA LYS A 1058 -35.09 39.16 -35.77
C LYS A 1058 -36.00 39.16 -34.55
N ALA A 1059 -37.24 38.75 -34.74
CA ALA A 1059 -38.24 38.84 -33.69
C ALA A 1059 -38.08 37.74 -32.65
N SER A 1060 -37.21 36.77 -32.91
CA SER A 1060 -37.04 35.66 -31.99
C SER A 1060 -35.96 35.94 -30.96
N VAL A 1061 -35.21 37.02 -31.13
CA VAL A 1061 -34.12 37.32 -30.21
C VAL A 1061 -34.66 38.08 -29.01
N THR A 1062 -34.45 37.53 -27.81
CA THR A 1062 -34.98 38.14 -26.60
C THR A 1062 -33.90 38.73 -25.71
N LYS A 1063 -32.68 38.23 -25.85
CA LYS A 1063 -31.60 38.75 -25.03
C LYS A 1063 -30.35 39.02 -25.84
N CYS A 1064 -29.64 40.08 -25.49
CA CYS A 1064 -28.37 40.40 -26.12
C CYS A 1064 -27.39 40.98 -25.11
N SER A 1065 -26.44 40.16 -24.70
CA SER A 1065 -25.44 40.55 -23.71
C SER A 1065 -24.10 40.80 -24.37
N ILE A 1066 -23.61 42.03 -24.22
CA ILE A 1066 -22.37 42.45 -24.87
C ILE A 1066 -21.23 42.66 -23.88
N SER A 1067 -20.14 41.92 -24.07
CA SER A 1067 -18.98 42.03 -23.20
C SER A 1067 -17.96 43.03 -23.73
N LYS A 1068 -16.69 42.65 -23.69
CA LYS A 1068 -15.62 43.52 -24.16
C LYS A 1068 -15.57 43.48 -25.68
N LEU A 1069 -16.60 44.05 -26.28
CA LEU A 1069 -16.83 44.00 -27.70
C LEU A 1069 -17.00 45.39 -28.30
N GLU A 1070 -16.21 45.70 -29.32
CA GLU A 1070 -16.35 46.98 -30.00
C GLU A 1070 -17.48 46.89 -31.01
N LEU A 1071 -18.41 47.84 -30.95
CA LEU A 1071 -19.54 47.82 -31.86
C LEU A 1071 -19.32 48.76 -33.03
N SER A 1072 -19.68 48.31 -34.21
CA SER A 1072 -19.63 49.11 -35.43
C SER A 1072 -20.98 49.77 -35.68
N ALA A 1073 -21.01 50.78 -36.54
CA ALA A 1073 -22.26 51.45 -36.84
C ALA A 1073 -23.28 50.51 -37.44
N ALA A 1074 -22.77 49.63 -38.31
CA ALA A 1074 -23.63 48.68 -39.01
C ALA A 1074 -24.18 47.66 -38.02
N GLU A 1075 -23.37 47.28 -37.04
CA GLU A 1075 -23.79 46.37 -36.00
C GLU A 1075 -24.88 46.97 -35.13
N GLN A 1076 -24.71 48.24 -34.74
CA GLN A 1076 -25.68 48.87 -33.87
C GLN A 1076 -27.03 49.01 -34.57
N GLU A 1077 -27.01 49.29 -35.85
CA GLU A 1077 -28.25 49.39 -36.61
C GLU A 1077 -28.97 48.06 -36.66
N LEU A 1078 -28.23 46.95 -36.73
CA LEU A 1078 -28.85 45.64 -36.73
C LEU A 1078 -29.47 45.35 -35.37
N LEU A 1079 -28.79 45.71 -34.30
CA LEU A 1079 -29.30 45.48 -32.95
C LEU A 1079 -30.60 46.25 -32.72
N LEU A 1080 -30.70 47.44 -33.30
CA LEU A 1080 -31.87 48.29 -33.11
C LEU A 1080 -33.07 47.79 -33.91
N THR A 1081 -32.89 46.73 -34.70
CA THR A 1081 -33.98 46.14 -35.45
C THR A 1081 -34.42 44.82 -34.83
N LEU A 1082 -34.07 44.62 -33.56
CA LEU A 1082 -34.50 43.43 -32.81
C LEU A 1082 -35.50 43.84 -31.72
N PRO A 1083 -36.77 44.06 -32.08
CA PRO A 1083 -37.81 44.71 -31.28
C PRO A 1083 -38.26 43.88 -30.08
N SER A 1084 -37.92 42.60 -30.09
CA SER A 1084 -38.36 41.67 -29.06
C SER A 1084 -37.42 41.63 -27.86
N LEU A 1085 -36.31 42.37 -27.92
CA LEU A 1085 -35.35 42.29 -26.83
C LEU A 1085 -35.97 42.66 -25.49
N GLU A 1086 -35.79 41.76 -24.52
CA GLU A 1086 -36.27 41.94 -23.16
C GLU A 1086 -35.11 42.26 -22.23
N SER A 1087 -33.92 41.79 -22.59
CA SER A 1087 -32.74 41.99 -21.75
C SER A 1087 -31.54 42.46 -22.55
N LEU A 1088 -30.99 43.60 -22.14
CA LEU A 1088 -29.84 44.19 -22.82
C LEU A 1088 -28.73 44.50 -21.83
N GLU A 1089 -27.53 44.01 -22.13
CA GLU A 1089 -26.41 44.26 -21.24
C GLU A 1089 -25.19 44.76 -21.99
N VAL A 1090 -24.53 45.78 -21.44
CA VAL A 1090 -23.25 46.24 -21.96
C VAL A 1090 -22.24 46.28 -20.82
N SER A 1091 -21.29 45.36 -20.84
CA SER A 1091 -20.39 45.17 -19.71
C SER A 1091 -19.03 45.82 -19.87
N GLY A 1092 -18.85 46.63 -20.90
CA GLY A 1092 -17.57 47.32 -21.05
C GLY A 1092 -17.29 47.84 -22.43
N THR A 1093 -16.24 48.65 -22.52
CA THR A 1093 -15.73 49.24 -23.75
C THR A 1093 -16.78 49.66 -24.79
N ILE A 1094 -17.81 50.39 -24.36
CA ILE A 1094 -18.67 51.06 -25.33
C ILE A 1094 -18.35 52.55 -25.32
N GLN A 1095 -17.30 52.92 -26.04
CA GLN A 1095 -16.83 54.30 -26.07
C GLN A 1095 -16.99 54.91 -27.46
N SER A 1096 -17.76 54.23 -28.29
CA SER A 1096 -18.02 54.62 -29.67
C SER A 1096 -18.89 55.87 -29.77
N GLN A 1097 -19.55 56.22 -28.67
CA GLN A 1097 -20.49 57.33 -28.65
C GLN A 1097 -21.54 57.13 -29.74
N ASP A 1098 -22.01 55.90 -29.87
CA ASP A 1098 -22.98 55.54 -30.89
C ASP A 1098 -24.41 55.68 -30.38
N GLN A 1099 -25.35 55.26 -31.21
CA GLN A 1099 -26.77 55.46 -30.96
C GLN A 1099 -27.42 54.41 -30.05
N ILE A 1100 -26.62 53.51 -29.45
CA ILE A 1100 -27.22 52.49 -28.59
C ILE A 1100 -28.00 53.07 -27.43
N PHE A 1101 -27.56 54.21 -26.89
CA PHE A 1101 -28.29 54.83 -25.79
C PHE A 1101 -29.34 55.84 -26.28
N PRO A 1102 -29.00 56.78 -27.18
CA PRO A 1102 -29.91 57.74 -27.79
C PRO A 1102 -31.18 57.11 -28.37
N ASN A 1103 -31.05 55.89 -28.91
CA ASN A 1103 -32.22 55.23 -29.48
C ASN A 1103 -32.80 54.17 -28.55
N LEU A 1104 -32.52 54.28 -27.26
CA LEU A 1104 -33.07 53.33 -26.30
C LEU A 1104 -34.52 53.67 -25.98
N ASP A 1105 -35.36 53.55 -27.00
CA ASP A 1105 -36.78 53.79 -26.88
C ASP A 1105 -37.47 52.87 -27.88
N LYS A 1106 -36.65 52.14 -28.63
CA LYS A 1106 -37.16 51.17 -29.60
C LYS A 1106 -37.41 49.83 -28.93
N PHE A 1107 -36.64 49.54 -27.90
CA PHE A 1107 -36.77 48.27 -27.20
C PHE A 1107 -37.88 48.38 -26.17
N LEU A 1108 -39.11 48.40 -26.68
CA LEU A 1108 -40.29 48.67 -25.86
C LEU A 1108 -40.62 47.52 -24.93
N CYS A 1109 -39.98 46.38 -25.16
CA CYS A 1109 -40.19 45.19 -24.36
C CYS A 1109 -39.12 45.04 -23.29
N LEU A 1110 -38.17 45.97 -23.23
CA LEU A 1110 -37.04 45.84 -22.33
C LEU A 1110 -37.49 45.79 -20.87
N LYS A 1111 -37.00 44.78 -20.14
CA LYS A 1111 -37.27 44.58 -18.72
C LYS A 1111 -35.98 44.58 -17.90
N GLU A 1112 -34.89 44.14 -18.50
CA GLU A 1112 -33.63 44.03 -17.79
C GLU A 1112 -32.54 44.88 -18.46
N LEU A 1113 -32.02 45.86 -17.72
CA LEU A 1113 -30.99 46.74 -18.26
C LEU A 1113 -29.76 46.72 -17.37
N SER A 1114 -28.62 46.36 -17.94
CA SER A 1114 -27.38 46.32 -17.19
C SER A 1114 -26.28 47.10 -17.88
N VAL A 1115 -25.81 48.15 -17.21
CA VAL A 1115 -24.80 49.01 -17.80
C VAL A 1115 -23.59 49.17 -16.90
N ASP A 1116 -22.44 48.71 -17.38
CA ASP A 1116 -21.20 48.83 -16.64
C ASP A 1116 -20.07 49.12 -17.62
N LEU A 1117 -19.74 50.39 -17.79
CA LEU A 1117 -18.76 50.77 -18.78
C LEU A 1117 -17.48 51.26 -18.12
N GLU A 1118 -16.36 50.67 -18.55
CA GLU A 1118 -15.05 50.98 -17.99
C GLU A 1118 -14.73 52.46 -18.19
N GLY A 1119 -15.11 52.97 -19.36
CA GLY A 1119 -14.96 54.39 -19.64
C GLY A 1119 -16.22 55.11 -19.17
N ASN A 1120 -16.06 55.98 -18.20
CA ASN A 1120 -17.17 56.67 -17.56
C ASN A 1120 -17.74 57.79 -18.42
N ILE A 1121 -18.95 57.60 -18.91
CA ILE A 1121 -19.61 58.58 -19.77
C ILE A 1121 -20.90 59.12 -19.14
N ASN A 1122 -21.04 58.92 -17.83
CA ASN A 1122 -22.20 59.39 -17.09
C ASN A 1122 -23.52 58.96 -17.74
N VAL A 1123 -23.65 57.66 -17.97
CA VAL A 1123 -24.85 57.11 -18.61
C VAL A 1123 -26.09 57.62 -17.91
N PHE A 1124 -27.17 57.76 -18.69
CA PHE A 1124 -28.45 58.38 -18.33
C PHE A 1124 -28.50 59.81 -18.83
N SER A 1125 -27.34 60.46 -18.93
CA SER A 1125 -27.25 61.75 -19.62
C SER A 1125 -27.50 61.54 -21.11
N VAL A 1126 -27.42 60.28 -21.54
CA VAL A 1126 -27.58 59.88 -22.93
C VAL A 1126 -28.82 59.03 -23.16
N ILE A 1127 -29.70 58.94 -22.15
CA ILE A 1127 -30.92 58.15 -22.26
C ILE A 1127 -32.13 59.09 -22.35
N PRO A 1128 -33.01 58.93 -23.34
CA PRO A 1128 -34.18 59.76 -23.57
C PRO A 1128 -35.06 59.85 -22.34
N GLU A 1129 -35.64 61.03 -22.12
CA GLU A 1129 -36.48 61.30 -20.97
C GLU A 1129 -37.80 60.56 -21.04
N GLU A 1130 -38.10 59.99 -22.19
CA GLU A 1130 -39.32 59.22 -22.37
C GLU A 1130 -39.12 57.76 -22.01
N PHE A 1131 -37.87 57.38 -21.70
CA PHE A 1131 -37.56 55.99 -21.37
C PHE A 1131 -38.24 55.53 -20.07
N PRO A 1132 -38.20 56.29 -18.96
CA PRO A 1132 -38.77 55.94 -17.67
C PRO A 1132 -40.29 56.04 -17.69
N ASN A 1133 -40.92 55.28 -18.58
CA ASN A 1133 -42.36 55.32 -18.73
C ASN A 1133 -42.87 54.07 -19.44
N PHE A 1134 -43.78 53.35 -18.80
CA PHE A 1134 -44.42 52.13 -19.32
C PHE A 1134 -43.50 50.91 -19.39
N HIS A 1135 -42.24 51.06 -19.01
CA HIS A 1135 -41.31 49.94 -19.13
C HIS A 1135 -41.48 48.91 -18.01
N HIS A 1136 -41.69 49.38 -16.79
CA HIS A 1136 -41.85 48.48 -15.65
C HIS A 1136 -40.68 47.51 -15.54
N MET A 1137 -39.48 48.04 -15.35
CA MET A 1137 -38.24 47.25 -15.35
C MET A 1137 -38.20 46.27 -14.19
N GLU A 1138 -37.60 45.10 -14.44
CA GLU A 1138 -37.44 44.09 -13.40
C GLU A 1138 -36.03 44.09 -12.80
N LYS A 1139 -35.04 44.47 -13.60
CA LYS A 1139 -33.66 44.51 -13.10
C LYS A 1139 -32.93 45.77 -13.56
N LEU A 1140 -32.39 46.50 -12.60
CA LEU A 1140 -31.60 47.68 -12.90
C LEU A 1140 -30.20 47.53 -12.34
N LEU A 1141 -29.23 47.27 -13.20
CA LEU A 1141 -27.86 47.11 -12.75
C LEU A 1141 -27.02 48.20 -13.36
N ILE A 1142 -26.82 49.29 -12.65
CA ILE A 1142 -26.16 50.42 -13.29
C ILE A 1142 -24.97 50.98 -12.53
N GLN A 1143 -23.94 51.30 -13.30
CA GLN A 1143 -22.79 52.05 -12.80
C GLN A 1143 -22.88 53.45 -13.39
N ILE A 1144 -23.23 54.40 -12.53
CA ILE A 1144 -23.49 55.76 -12.95
C ILE A 1144 -22.58 56.72 -12.21
N SER A 1145 -22.39 57.90 -12.76
CA SER A 1145 -21.49 58.87 -12.14
C SER A 1145 -21.84 60.30 -12.47
N ALA A 1146 -21.58 61.19 -11.52
CA ALA A 1146 -21.73 62.63 -11.69
C ALA A 1146 -23.12 63.00 -12.18
N GLU A 1147 -24.13 62.29 -11.71
CA GLU A 1147 -25.49 62.64 -12.06
C GLU A 1147 -26.06 63.50 -10.95
N TYR A 1148 -26.96 64.41 -11.29
CA TYR A 1148 -27.57 65.26 -10.28
C TYR A 1148 -29.07 65.23 -10.41
N ASP A 1149 -29.75 65.14 -9.27
CA ASP A 1149 -31.20 65.09 -9.24
C ASP A 1149 -31.75 64.22 -10.37
N PRO A 1150 -31.33 62.94 -10.43
CA PRO A 1150 -31.56 62.02 -11.52
C PRO A 1150 -32.98 61.48 -11.48
N SER A 1151 -33.93 62.37 -11.76
CA SER A 1151 -35.34 62.03 -11.71
C SER A 1151 -35.67 60.92 -12.67
N LYS A 1152 -34.83 60.72 -13.69
CA LYS A 1152 -35.05 59.64 -14.64
C LYS A 1152 -34.98 58.29 -13.95
N LEU A 1153 -34.06 58.16 -13.00
CA LEU A 1153 -33.90 56.90 -12.27
C LEU A 1153 -35.05 56.71 -11.31
N VAL A 1154 -35.45 57.79 -10.66
CA VAL A 1154 -36.54 57.73 -9.70
C VAL A 1154 -37.83 57.35 -10.40
N LYS A 1155 -38.09 57.97 -11.54
CA LYS A 1155 -39.28 57.66 -12.33
C LYS A 1155 -39.25 56.23 -12.83
N LEU A 1156 -38.08 55.76 -13.23
CA LEU A 1156 -37.96 54.41 -13.77
C LEU A 1156 -38.32 53.40 -12.70
N ILE A 1157 -37.85 53.63 -11.47
CA ILE A 1157 -38.17 52.78 -10.33
C ILE A 1157 -39.62 52.92 -9.92
N GLN A 1158 -40.11 54.15 -9.87
CA GLN A 1158 -41.48 54.42 -9.46
C GLN A 1158 -42.48 53.65 -10.28
N ASN A 1159 -42.18 53.48 -11.56
CA ASN A 1159 -43.08 52.77 -12.47
C ASN A 1159 -42.67 51.31 -12.62
N SER A 1160 -41.84 50.81 -11.70
CA SER A 1160 -41.37 49.42 -11.75
C SER A 1160 -41.69 48.67 -10.45
N PRO A 1161 -42.97 48.32 -10.22
CA PRO A 1161 -43.47 47.67 -9.04
C PRO A 1161 -42.96 46.23 -8.92
N ASN A 1162 -42.44 45.70 -10.03
CA ASN A 1162 -41.95 44.33 -10.07
C ASN A 1162 -40.43 44.28 -10.00
N LEU A 1163 -39.80 45.39 -9.64
CA LEU A 1163 -38.35 45.42 -9.57
C LEU A 1163 -37.86 44.37 -8.57
N HIS A 1164 -36.95 43.52 -9.02
CA HIS A 1164 -36.40 42.47 -8.17
C HIS A 1164 -34.96 42.76 -7.73
N VAL A 1165 -34.16 43.26 -8.66
CA VAL A 1165 -32.75 43.48 -8.36
C VAL A 1165 -32.35 44.92 -8.60
N PHE A 1166 -31.79 45.55 -7.56
CA PHE A 1166 -31.35 46.93 -7.71
C PHE A 1166 -29.91 47.12 -7.27
N HIS A 1167 -29.03 47.36 -8.24
CA HIS A 1167 -27.64 47.65 -7.96
C HIS A 1167 -27.32 49.08 -8.35
N LEU A 1168 -26.81 49.85 -7.40
CA LEU A 1168 -26.45 51.23 -7.71
C LEU A 1168 -25.05 51.56 -7.24
N LYS A 1169 -24.19 51.84 -8.19
CA LYS A 1169 -22.82 52.20 -7.90
C LYS A 1169 -22.50 53.57 -8.47
N CYS A 1170 -22.25 54.54 -7.60
CA CYS A 1170 -21.98 55.90 -8.06
C CYS A 1170 -21.27 56.76 -7.04
N ASN A 1171 -20.69 57.83 -7.54
CA ASN A 1171 -20.12 58.87 -6.69
C ASN A 1171 -21.23 59.80 -6.25
N PHE A 1172 -20.85 60.98 -5.76
CA PHE A 1172 -21.82 61.92 -5.22
C PHE A 1172 -23.16 61.86 -5.91
N PHE A 1173 -24.19 61.52 -5.15
CA PHE A 1173 -25.56 61.42 -5.63
C PHE A 1173 -26.39 62.49 -4.94
N SER A 1174 -27.65 62.60 -5.31
CA SER A 1174 -28.53 63.57 -4.66
C SER A 1174 -29.87 62.96 -4.31
N ASP A 1175 -30.52 63.51 -3.29
CA ASP A 1175 -31.82 63.03 -2.84
C ASP A 1175 -31.82 61.52 -2.58
N PHE A 1176 -30.77 61.04 -1.93
CA PHE A 1176 -30.66 59.63 -1.59
C PHE A 1176 -31.91 59.16 -0.86
N GLY A 1177 -32.36 59.97 0.11
CA GLY A 1177 -33.52 59.63 0.91
C GLY A 1177 -34.77 59.43 0.05
N SER A 1178 -34.86 60.17 -1.06
CA SER A 1178 -35.99 60.06 -1.96
C SER A 1178 -35.94 58.70 -2.65
N LEU A 1179 -34.74 58.31 -3.07
CA LEU A 1179 -34.56 57.02 -3.71
C LEU A 1179 -34.93 55.91 -2.75
N MET A 1180 -34.48 56.02 -1.51
CA MET A 1180 -34.76 54.99 -0.51
C MET A 1180 -36.24 54.89 -0.24
N THR A 1181 -36.92 56.04 -0.27
CA THR A 1181 -38.35 56.09 -0.07
C THR A 1181 -39.08 55.44 -1.24
N MET A 1182 -38.65 55.74 -2.46
CA MET A 1182 -39.32 55.23 -3.64
C MET A 1182 -39.23 53.70 -3.73
N LEU A 1183 -38.11 53.15 -3.27
CA LEU A 1183 -37.91 51.71 -3.32
C LEU A 1183 -38.88 50.96 -2.43
N VAL A 1184 -39.53 51.66 -1.51
CA VAL A 1184 -40.48 51.02 -0.62
C VAL A 1184 -41.70 50.51 -1.38
N SER A 1185 -41.90 51.01 -2.60
CA SER A 1185 -43.00 50.58 -3.45
C SER A 1185 -42.68 49.29 -4.19
N CYS A 1186 -41.43 48.84 -4.11
CA CYS A 1186 -41.00 47.64 -4.80
C CYS A 1186 -40.98 46.46 -3.83
N LYS A 1187 -42.14 45.84 -3.67
CA LYS A 1187 -42.35 44.86 -2.60
C LYS A 1187 -41.70 43.52 -2.89
N LYS A 1188 -41.19 43.37 -4.10
CA LYS A 1188 -40.61 42.10 -4.51
C LYS A 1188 -39.09 42.15 -4.63
N LEU A 1189 -38.46 43.22 -4.11
CA LEU A 1189 -37.01 43.27 -4.17
C LEU A 1189 -36.39 42.12 -3.42
N THR A 1190 -35.47 41.42 -4.07
CA THR A 1190 -34.78 40.32 -3.42
C THR A 1190 -33.32 40.64 -3.20
N GLU A 1191 -32.79 41.58 -3.98
CA GLU A 1191 -31.38 41.91 -3.88
C GLU A 1191 -31.11 43.40 -3.97
N ILE A 1192 -30.35 43.90 -2.99
CA ILE A 1192 -29.93 45.29 -2.94
C ILE A 1192 -28.42 45.39 -2.80
N LYS A 1193 -27.78 46.13 -3.70
CA LYS A 1193 -26.34 46.34 -3.58
C LYS A 1193 -25.96 47.81 -3.74
N PHE A 1194 -25.40 48.38 -2.69
CA PHE A 1194 -24.96 49.76 -2.67
C PHE A 1194 -23.49 49.82 -2.28
N SER A 1195 -22.60 50.06 -3.23
CA SER A 1195 -21.19 49.98 -2.89
C SER A 1195 -20.37 51.12 -3.50
N ASP A 1196 -20.67 52.34 -3.09
CA ASP A 1196 -19.87 53.51 -3.46
C ASP A 1196 -20.22 54.70 -2.55
N SER A 1197 -19.53 55.82 -2.75
CA SER A 1197 -19.64 57.00 -1.91
C SER A 1197 -20.87 57.84 -2.19
N PHE A 1198 -22.05 57.28 -1.93
CA PHE A 1198 -23.30 58.01 -2.12
C PHE A 1198 -24.28 57.63 -1.03
N PHE A 1199 -24.01 56.49 -0.40
CA PHE A 1199 -24.89 55.92 0.60
C PHE A 1199 -24.89 56.75 1.87
N GLN A 1200 -26.08 57.07 2.38
CA GLN A 1200 -26.18 57.95 3.55
C GLN A 1200 -26.48 57.23 4.86
N ALA A 1201 -26.54 55.91 4.82
CA ALA A 1201 -26.76 55.05 5.99
C ALA A 1201 -28.12 55.28 6.65
N VAL A 1202 -28.33 56.42 7.28
CA VAL A 1202 -29.55 56.60 8.06
C VAL A 1202 -30.84 56.48 7.25
N PRO A 1203 -30.96 57.08 6.05
CA PRO A 1203 -32.12 57.00 5.20
C PRO A 1203 -32.35 55.57 4.70
N PHE A 1204 -31.33 54.73 4.81
CA PHE A 1204 -31.44 53.34 4.40
C PHE A 1204 -32.05 52.53 5.51
N VAL A 1205 -31.50 52.69 6.72
CA VAL A 1205 -31.95 51.96 7.88
C VAL A 1205 -33.41 52.26 8.16
N ALA A 1206 -33.78 53.52 7.99
CA ALA A 1206 -35.15 53.94 8.21
C ALA A 1206 -36.13 53.19 7.29
N SER A 1207 -35.71 52.92 6.06
CA SER A 1207 -36.58 52.26 5.09
C SER A 1207 -36.41 50.75 5.07
N LEU A 1208 -35.28 50.26 5.59
CA LEU A 1208 -34.96 48.84 5.52
C LEU A 1208 -36.08 47.88 5.99
N PRO A 1209 -36.82 48.16 7.07
CA PRO A 1209 -37.87 47.32 7.62
C PRO A 1209 -39.01 47.03 6.64
N ASN A 1210 -39.08 47.81 5.56
CA ASN A 1210 -40.16 47.62 4.60
C ASN A 1210 -39.84 46.58 3.54
N PHE A 1211 -38.63 46.05 3.57
CA PHE A 1211 -38.22 45.06 2.59
C PHE A 1211 -38.12 43.70 3.26
N ILE A 1212 -39.06 42.80 2.99
CA ILE A 1212 -39.08 41.53 3.72
C ILE A 1212 -38.77 40.33 2.84
N SER A 1213 -38.64 40.57 1.54
CA SER A 1213 -38.36 39.49 0.60
C SER A 1213 -36.87 39.39 0.31
N LEU A 1214 -36.08 40.24 0.94
CA LEU A 1214 -34.66 40.30 0.63
C LEU A 1214 -33.96 38.99 0.90
N LYS A 1215 -33.17 38.56 -0.06
CA LYS A 1215 -32.35 37.38 0.07
C LYS A 1215 -30.89 37.79 0.15
N ILE A 1216 -30.55 38.87 -0.55
CA ILE A 1216 -29.19 39.36 -0.56
C ILE A 1216 -29.11 40.82 -0.14
N LEU A 1217 -28.30 41.09 0.87
CA LEU A 1217 -28.06 42.46 1.32
C LEU A 1217 -26.58 42.76 1.33
N ASN A 1218 -26.12 43.55 0.36
CA ASN A 1218 -24.70 43.80 0.24
C ASN A 1218 -24.36 45.27 0.39
N LEU A 1219 -23.81 45.62 1.54
CA LEU A 1219 -23.44 46.99 1.82
C LEU A 1219 -21.93 47.14 1.99
N GLU A 1220 -21.18 46.23 1.38
CA GLU A 1220 -19.74 46.28 1.51
C GLU A 1220 -19.18 47.60 1.00
N GLY A 1221 -18.31 48.21 1.80
CA GLY A 1221 -17.67 49.46 1.41
C GLY A 1221 -18.34 50.65 2.08
N GLN A 1222 -19.47 50.41 2.72
CA GLN A 1222 -20.19 51.48 3.41
C GLN A 1222 -19.75 51.58 4.85
N GLN A 1223 -19.94 52.77 5.43
CA GLN A 1223 -19.60 53.00 6.83
C GLN A 1223 -20.80 53.47 7.63
N PHE A 1224 -20.90 52.97 8.85
CA PHE A 1224 -21.92 53.39 9.79
C PHE A 1224 -21.30 53.93 11.07
N PRO A 1225 -20.83 55.17 11.07
CA PRO A 1225 -20.16 55.82 12.19
C PRO A 1225 -21.15 56.29 13.24
N ASP A 1226 -21.94 55.36 13.77
CA ASP A 1226 -22.97 55.69 14.75
C ASP A 1226 -23.52 54.50 15.50
N GLU A 1227 -23.43 54.56 16.83
CA GLU A 1227 -23.95 53.48 17.67
C GLU A 1227 -25.46 53.36 17.58
N GLU A 1228 -26.16 54.49 17.48
CA GLU A 1228 -27.62 54.45 17.50
C GLU A 1228 -28.17 53.85 16.22
N THR A 1229 -27.63 54.31 15.09
CA THR A 1229 -28.03 53.76 13.80
C THR A 1229 -27.67 52.29 13.73
N SER A 1230 -26.49 51.94 14.25
CA SER A 1230 -26.02 50.56 14.22
C SER A 1230 -26.93 49.63 15.00
N GLU A 1231 -27.32 50.04 16.21
CA GLU A 1231 -28.19 49.19 17.01
C GLU A 1231 -29.53 48.95 16.32
N LYS A 1232 -30.10 50.01 15.77
CA LYS A 1232 -31.38 49.87 15.08
C LYS A 1232 -31.23 48.90 13.91
N PHE A 1233 -30.16 49.06 13.15
CA PHE A 1233 -29.87 48.19 12.02
C PHE A 1233 -29.77 46.74 12.47
N ALA A 1234 -29.01 46.51 13.54
CA ALA A 1234 -28.78 45.16 14.03
C ALA A 1234 -30.09 44.46 14.37
N TYR A 1235 -31.06 45.21 14.90
CA TYR A 1235 -32.34 44.60 15.23
C TYR A 1235 -33.19 44.33 14.00
N ILE A 1236 -33.11 45.23 13.02
CA ILE A 1236 -33.87 45.08 11.80
C ILE A 1236 -33.44 43.82 11.06
N LEU A 1237 -32.15 43.52 11.10
CA LEU A 1237 -31.64 42.34 10.42
C LEU A 1237 -32.30 41.07 10.90
N GLY A 1238 -32.84 41.08 12.12
CA GLY A 1238 -33.47 39.90 12.67
C GLY A 1238 -34.86 39.68 12.08
N SER A 1239 -35.42 40.72 11.47
CA SER A 1239 -36.74 40.65 10.87
C SER A 1239 -36.63 40.16 9.43
N LEU A 1240 -35.46 40.39 8.83
CA LEU A 1240 -35.24 40.01 7.45
C LEU A 1240 -34.91 38.52 7.40
N SER A 1241 -35.93 37.72 7.70
CA SER A 1241 -35.80 36.29 7.93
C SER A 1241 -35.41 35.50 6.69
N ASN A 1242 -35.47 36.12 5.53
CA ASN A 1242 -35.16 35.42 4.29
C ASN A 1242 -33.72 35.63 3.81
N LEU A 1243 -32.93 36.40 4.54
CA LEU A 1243 -31.59 36.70 4.05
C LEU A 1243 -30.69 35.47 3.97
N GLU A 1244 -30.07 35.29 2.82
CA GLU A 1244 -29.10 34.24 2.62
C GLU A 1244 -27.68 34.80 2.65
N GLU A 1245 -27.51 35.99 2.07
CA GLU A 1245 -26.19 36.58 2.00
C GLU A 1245 -26.15 37.91 2.72
N LEU A 1246 -25.46 37.94 3.85
CA LEU A 1246 -25.36 39.17 4.63
C LEU A 1246 -23.94 39.68 4.66
N ILE A 1247 -23.70 40.72 3.86
CA ILE A 1247 -22.37 41.29 3.77
C ILE A 1247 -22.39 42.61 4.50
N LEU A 1248 -21.74 42.64 5.66
CA LEU A 1248 -21.88 43.78 6.54
C LEU A 1248 -21.06 44.98 6.10
N PRO A 1249 -21.52 46.20 6.42
CA PRO A 1249 -20.80 47.45 6.36
C PRO A 1249 -19.70 47.46 7.41
N THR A 1250 -18.81 48.43 7.31
CA THR A 1250 -17.77 48.62 8.31
C THR A 1250 -18.00 49.89 9.10
N GLY A 1251 -17.03 50.25 9.93
CA GLY A 1251 -17.13 51.48 10.71
C GLY A 1251 -17.36 51.24 12.19
N ASP A 1252 -17.30 52.31 12.96
CA ASP A 1252 -17.38 52.24 14.42
C ASP A 1252 -18.73 51.77 14.94
N GLY A 1253 -19.81 52.11 14.24
CA GLY A 1253 -21.13 51.74 14.73
C GLY A 1253 -21.25 50.22 14.84
N ILE A 1254 -20.87 49.53 13.78
CA ILE A 1254 -20.96 48.08 13.76
C ILE A 1254 -19.95 47.46 14.70
N TYR A 1255 -18.73 47.96 14.71
CA TYR A 1255 -17.72 47.43 15.63
C TYR A 1255 -18.23 47.44 17.06
N ARG A 1256 -18.80 48.57 17.46
CA ARG A 1256 -19.31 48.74 18.81
C ARG A 1256 -20.52 47.87 19.11
N VAL A 1257 -21.34 47.60 18.09
CA VAL A 1257 -22.55 46.82 18.30
C VAL A 1257 -22.54 45.59 17.40
N ALA A 1258 -21.42 44.88 17.34
CA ALA A 1258 -21.31 43.69 16.50
C ALA A 1258 -21.96 42.48 17.14
N LYS A 1259 -22.00 42.43 18.46
CA LYS A 1259 -22.54 41.26 19.14
C LYS A 1259 -24.00 41.03 18.82
N LEU A 1260 -24.75 42.11 18.67
CA LEU A 1260 -26.17 41.96 18.39
C LEU A 1260 -26.38 41.34 17.03
N ILE A 1261 -25.54 41.71 16.07
CA ILE A 1261 -25.68 41.20 14.71
C ILE A 1261 -25.44 39.70 14.69
N ILE A 1262 -24.40 39.26 15.40
CA ILE A 1262 -24.08 37.85 15.47
C ILE A 1262 -25.16 37.05 16.20
N GLN A 1263 -25.61 37.57 17.34
CA GLN A 1263 -26.60 36.85 18.13
C GLN A 1263 -27.94 36.72 17.41
N GLN A 1264 -28.29 37.71 16.60
CA GLN A 1264 -29.54 37.67 15.85
C GLN A 1264 -29.48 36.70 14.67
N CYS A 1265 -28.30 36.19 14.38
CA CYS A 1265 -28.15 35.27 13.27
C CYS A 1265 -28.67 33.89 13.62
N GLN A 1266 -29.11 33.73 14.86
CA GLN A 1266 -29.70 32.47 15.30
C GLN A 1266 -31.16 32.40 14.89
N GLN A 1267 -31.69 33.53 14.40
CA GLN A 1267 -33.08 33.58 13.95
C GLN A 1267 -33.15 33.44 12.43
N LEU A 1268 -32.06 33.77 11.76
CA LEU A 1268 -32.01 33.77 10.30
C LEU A 1268 -31.65 32.39 9.78
N HIS A 1269 -32.61 31.47 9.86
CA HIS A 1269 -32.36 30.08 9.54
C HIS A 1269 -32.27 29.81 8.06
N CYS A 1270 -31.29 30.44 7.41
CA CYS A 1270 -31.06 30.29 5.99
C CYS A 1270 -29.75 30.96 5.57
N LEU A 1271 -29.07 31.60 6.52
CA LEU A 1271 -27.82 32.27 6.17
C LEU A 1271 -26.84 31.32 5.52
N ARG A 1272 -26.31 31.74 4.37
CA ARG A 1272 -25.32 30.98 3.63
C ARG A 1272 -23.97 31.68 3.65
N VAL A 1273 -23.98 33.00 3.59
CA VAL A 1273 -22.74 33.76 3.53
C VAL A 1273 -22.69 34.88 4.55
N LEU A 1274 -21.57 34.97 5.27
CA LEU A 1274 -21.33 36.07 6.20
C LEU A 1274 -19.96 36.67 5.99
N SER A 1275 -19.91 37.98 5.90
CA SER A 1275 -18.64 38.65 5.72
C SER A 1275 -18.48 39.86 6.61
N PHE A 1276 -17.39 39.88 7.37
CA PHE A 1276 -17.10 40.95 8.30
C PHE A 1276 -15.87 41.74 7.84
N PHE A 1277 -15.83 43.04 8.13
CA PHE A 1277 -14.66 43.83 7.75
C PHE A 1277 -14.28 44.88 8.80
N LYS A 1278 -13.25 44.56 9.57
CA LYS A 1278 -12.77 45.38 10.69
C LYS A 1278 -13.85 45.66 11.75
N THR A 1279 -14.71 44.67 12.02
CA THR A 1279 -15.80 44.87 12.96
C THR A 1279 -15.73 44.06 14.25
N LEU A 1280 -14.93 43.00 14.26
CA LEU A 1280 -14.93 42.13 15.44
C LEU A 1280 -13.60 42.22 16.18
N ASN A 1281 -13.61 41.79 17.44
CA ASN A 1281 -12.41 41.81 18.26
C ASN A 1281 -12.29 40.53 19.07
N ASP A 1282 -11.34 40.50 19.99
CA ASP A 1282 -11.05 39.31 20.78
C ASP A 1282 -12.25 38.78 21.55
N ASP A 1283 -13.13 39.68 21.98
CA ASP A 1283 -14.26 39.29 22.81
C ASP A 1283 -15.50 38.97 22.00
N SER A 1284 -15.65 39.59 20.84
CA SER A 1284 -16.85 39.40 20.04
C SER A 1284 -16.74 38.28 19.01
N VAL A 1285 -15.53 37.93 18.59
CA VAL A 1285 -15.38 36.92 17.55
C VAL A 1285 -15.86 35.55 18.02
N VAL A 1286 -15.67 35.27 19.30
CA VAL A 1286 -16.04 33.98 19.88
C VAL A 1286 -17.55 33.76 19.88
N GLU A 1287 -18.32 34.83 19.71
CA GLU A 1287 -19.77 34.74 19.68
C GLU A 1287 -20.22 33.92 18.49
N ILE A 1288 -19.43 33.91 17.43
CA ILE A 1288 -19.79 33.16 16.24
C ILE A 1288 -19.84 31.68 16.58
N ALA A 1289 -18.84 31.21 17.31
CA ALA A 1289 -18.76 29.83 17.72
C ALA A 1289 -19.91 29.49 18.67
N LYS A 1290 -20.21 30.41 19.59
CA LYS A 1290 -21.27 30.15 20.56
C LYS A 1290 -22.63 29.99 19.88
N VAL A 1291 -22.90 30.83 18.89
CA VAL A 1291 -24.16 30.73 18.18
C VAL A 1291 -24.23 29.41 17.41
N ALA A 1292 -23.14 29.03 16.76
CA ALA A 1292 -23.12 27.76 16.02
C ALA A 1292 -23.47 26.60 16.93
N ILE A 1293 -22.99 26.66 18.17
CA ILE A 1293 -23.29 25.62 19.15
C ILE A 1293 -24.77 25.66 19.55
N SER A 1294 -25.29 26.87 19.81
CA SER A 1294 -26.68 27.04 20.20
C SER A 1294 -27.66 26.58 19.12
N GLY A 1295 -27.22 26.56 17.86
CA GLY A 1295 -28.06 26.08 16.79
C GLY A 1295 -28.18 27.03 15.60
N GLY A 1296 -27.41 28.11 15.59
CA GLY A 1296 -27.43 29.02 14.45
C GLY A 1296 -26.38 28.65 13.42
N PHE A 1297 -26.35 29.38 12.30
CA PHE A 1297 -25.37 29.16 11.24
C PHE A 1297 -25.33 27.74 10.73
N GLN A 1298 -26.42 27.00 10.89
CA GLN A 1298 -26.41 25.59 10.55
C GLN A 1298 -26.16 25.33 9.08
N LYS A 1299 -26.58 26.26 8.22
CA LYS A 1299 -26.43 26.12 6.79
C LYS A 1299 -25.34 27.03 6.23
N LEU A 1300 -24.56 27.67 7.09
CA LEU A 1300 -23.58 28.63 6.60
C LEU A 1300 -22.56 27.91 5.73
N GLU A 1301 -22.25 28.48 4.57
CA GLU A 1301 -21.30 27.90 3.63
C GLU A 1301 -19.98 28.66 3.58
N ASN A 1302 -20.04 29.99 3.72
CA ASN A 1302 -18.85 30.81 3.58
C ASN A 1302 -18.73 31.83 4.71
N LEU A 1303 -17.67 31.70 5.50
CA LEU A 1303 -17.45 32.64 6.61
C LEU A 1303 -16.16 33.43 6.39
N LYS A 1304 -16.29 34.72 6.13
CA LYS A 1304 -15.13 35.53 5.79
C LYS A 1304 -14.73 36.52 6.88
N LEU A 1305 -13.54 36.32 7.42
CA LEU A 1305 -13.02 37.17 8.48
C LEU A 1305 -11.71 37.83 8.05
N SER A 1306 -11.78 39.02 7.48
CA SER A 1306 -10.59 39.78 7.07
C SER A 1306 -10.36 40.91 8.06
N ILE A 1307 -11.08 40.79 9.16
CA ILE A 1307 -11.14 41.68 10.31
C ILE A 1307 -9.91 41.56 11.20
N ASN A 1308 -9.07 40.60 10.86
CA ASN A 1308 -8.05 40.05 11.72
C ASN A 1308 -6.96 41.02 12.16
N HIS A 1309 -7.07 42.29 11.82
CA HIS A 1309 -6.11 43.27 12.33
C HIS A 1309 -6.46 43.68 13.75
N LYS A 1310 -7.70 43.45 14.16
CA LYS A 1310 -8.14 43.88 15.48
C LYS A 1310 -8.23 42.72 16.47
N ILE A 1311 -7.76 41.55 16.06
CA ILE A 1311 -7.79 40.35 16.89
C ILE A 1311 -6.38 39.81 17.14
N THR A 1312 -6.07 39.48 18.39
CA THR A 1312 -4.76 38.92 18.69
C THR A 1312 -4.78 37.41 18.65
N GLU A 1313 -3.62 36.79 18.88
CA GLU A 1313 -3.51 35.34 18.76
C GLU A 1313 -4.49 34.60 19.65
N GLU A 1314 -4.73 35.13 20.84
CA GLU A 1314 -5.62 34.50 21.79
C GLU A 1314 -7.04 34.38 21.25
N GLY A 1315 -7.44 35.34 20.41
CA GLY A 1315 -8.78 35.38 19.87
C GLY A 1315 -9.00 34.31 18.82
N TYR A 1316 -7.92 33.69 18.35
CA TYR A 1316 -8.06 32.64 17.36
C TYR A 1316 -8.02 31.30 18.05
N ARG A 1317 -7.16 31.18 19.06
CA ARG A 1317 -7.08 29.93 19.79
C ARG A 1317 -8.41 29.66 20.49
N ASN A 1318 -8.97 30.69 21.12
CA ASN A 1318 -10.24 30.55 21.81
C ASN A 1318 -11.37 30.28 20.83
N PHE A 1319 -11.29 30.90 19.66
CA PHE A 1319 -12.31 30.69 18.63
C PHE A 1319 -12.29 29.28 18.12
N PHE A 1320 -11.10 28.79 17.74
CA PHE A 1320 -10.99 27.47 17.16
C PHE A 1320 -11.45 26.39 18.11
N GLN A 1321 -11.11 26.54 19.39
CA GLN A 1321 -11.45 25.54 20.38
C GLN A 1321 -12.91 25.58 20.78
N ALA A 1322 -13.64 26.57 20.30
CA ALA A 1322 -15.05 26.72 20.66
C ALA A 1322 -15.95 26.37 19.47
N LEU A 1323 -15.35 26.02 18.34
CA LEU A 1323 -16.14 25.75 17.15
C LEU A 1323 -16.34 24.25 16.92
N ASP A 1324 -17.58 23.81 17.13
CA ASP A 1324 -17.92 22.39 17.04
C ASP A 1324 -18.84 22.00 15.89
N ASN A 1325 -19.79 22.86 15.55
CA ASN A 1325 -20.88 22.38 14.68
C ASN A 1325 -21.34 23.35 13.60
N MET A 1326 -20.76 23.22 12.41
CA MET A 1326 -21.17 24.00 11.25
C MET A 1326 -21.08 23.18 9.96
N PRO A 1327 -21.89 22.13 9.81
CA PRO A 1327 -21.76 21.04 8.86
C PRO A 1327 -22.22 21.40 7.45
N ASN A 1328 -21.79 22.55 6.98
CA ASN A 1328 -22.09 23.04 5.63
C ASN A 1328 -20.97 23.95 5.20
N LEU A 1329 -20.16 24.37 6.17
CA LEU A 1329 -19.12 25.35 5.90
C LEU A 1329 -18.10 24.80 4.92
N GLN A 1330 -17.88 25.51 3.82
CA GLN A 1330 -16.95 25.08 2.79
C GLN A 1330 -15.69 25.93 2.78
N GLU A 1331 -15.85 27.23 3.01
CA GLU A 1331 -14.70 28.12 2.99
C GLU A 1331 -14.56 28.94 4.26
N LEU A 1332 -13.41 28.85 4.88
CA LEU A 1332 -13.11 29.61 6.09
C LEU A 1332 -11.91 30.53 5.84
N ASP A 1333 -12.14 31.83 5.86
CA ASP A 1333 -11.08 32.78 5.57
C ASP A 1333 -10.63 33.55 6.79
N ILE A 1334 -9.44 33.24 7.30
CA ILE A 1334 -8.90 33.94 8.45
C ILE A 1334 -7.51 34.48 8.12
N SER A 1335 -7.47 35.62 7.41
CA SER A 1335 -6.21 36.15 6.90
C SER A 1335 -5.97 37.61 7.26
N ARG A 1336 -4.72 38.03 7.14
CA ARG A 1336 -4.32 39.40 7.48
C ARG A 1336 -3.50 40.05 6.37
N HIS A 1337 -3.40 41.37 6.40
CA HIS A 1337 -2.56 42.09 5.45
C HIS A 1337 -1.10 41.83 5.80
N PHE A 1338 -0.24 41.73 4.80
CA PHE A 1338 1.15 41.33 5.01
C PHE A 1338 1.92 42.26 5.95
N THR A 1339 1.43 43.48 6.14
CA THR A 1339 2.11 44.44 7.01
C THR A 1339 1.91 44.11 8.49
N GLU A 1340 0.96 43.22 8.78
CA GLU A 1340 0.69 42.82 10.15
C GLU A 1340 0.62 41.32 10.29
N CYS A 1341 1.75 40.66 10.07
CA CYS A 1341 1.81 39.21 10.11
C CYS A 1341 1.75 38.70 11.53
N ILE A 1342 1.15 37.52 11.70
CA ILE A 1342 1.05 36.90 13.01
C ILE A 1342 1.86 35.62 13.08
N LYS A 1343 2.70 35.50 14.09
CA LYS A 1343 3.47 34.29 14.29
C LYS A 1343 2.72 33.38 15.24
N ALA A 1344 2.42 32.17 14.78
CA ALA A 1344 1.62 31.26 15.59
C ALA A 1344 2.47 30.45 16.54
N GLN A 1345 1.93 30.22 17.73
CA GLN A 1345 2.55 29.34 18.71
C GLN A 1345 2.08 27.91 18.54
N ALA A 1346 2.82 26.97 19.09
CA ALA A 1346 2.51 25.55 18.91
C ALA A 1346 1.08 25.20 19.30
N THR A 1347 0.55 25.87 20.33
CA THR A 1347 -0.79 25.56 20.81
C THR A 1347 -1.87 26.11 19.89
N THR A 1348 -1.54 27.14 19.13
CA THR A 1348 -2.48 27.74 18.21
C THR A 1348 -2.59 26.88 16.96
N VAL A 1349 -1.44 26.39 16.51
CA VAL A 1349 -1.40 25.56 15.31
C VAL A 1349 -2.10 24.25 15.59
N LYS A 1350 -1.85 23.68 16.77
CA LYS A 1350 -2.53 22.45 17.17
C LYS A 1350 -4.03 22.66 17.23
N SER A 1351 -4.46 23.79 17.81
CA SER A 1351 -5.88 24.05 17.93
C SER A 1351 -6.55 24.13 16.57
N LEU A 1352 -5.87 24.75 15.61
CA LEU A 1352 -6.41 24.83 14.26
C LEU A 1352 -6.56 23.46 13.62
N SER A 1353 -5.55 22.62 13.73
CA SER A 1353 -5.61 21.32 13.09
C SER A 1353 -6.76 20.49 13.64
N GLN A 1354 -7.08 20.69 14.92
CA GLN A 1354 -8.22 20.00 15.51
C GLN A 1354 -9.54 20.59 15.02
N CYS A 1355 -9.57 21.89 14.81
CA CYS A 1355 -10.77 22.59 14.38
C CYS A 1355 -11.20 22.14 12.99
N VAL A 1356 -10.24 22.03 12.09
CA VAL A 1356 -10.56 21.65 10.72
C VAL A 1356 -11.27 20.31 10.65
N LEU A 1357 -10.84 19.36 11.48
CA LEU A 1357 -11.41 18.02 11.41
C LEU A 1357 -12.82 17.95 12.00
N ARG A 1358 -13.30 19.05 12.58
CA ARG A 1358 -14.67 19.11 13.09
C ARG A 1358 -15.57 19.81 12.10
N LEU A 1359 -15.02 20.15 10.94
CA LEU A 1359 -15.75 20.80 9.87
C LEU A 1359 -15.68 19.92 8.62
N PRO A 1360 -16.53 18.89 8.52
CA PRO A 1360 -16.43 17.74 7.65
C PRO A 1360 -16.60 18.05 6.18
N ARG A 1361 -17.05 19.25 5.86
CA ARG A 1361 -17.26 19.65 4.48
C ARG A 1361 -16.39 20.83 4.07
N LEU A 1362 -15.41 21.18 4.91
CA LEU A 1362 -14.52 22.29 4.59
C LEU A 1362 -13.61 21.89 3.43
N ILE A 1363 -13.49 22.77 2.43
CA ILE A 1363 -12.59 22.50 1.31
C ILE A 1363 -11.57 23.62 1.08
N ARG A 1364 -11.82 24.80 1.63
CA ARG A 1364 -10.87 25.88 1.44
C ARG A 1364 -10.58 26.64 2.73
N LEU A 1365 -9.30 26.78 3.03
CA LEU A 1365 -8.86 27.54 4.20
C LEU A 1365 -7.82 28.58 3.79
N ASN A 1366 -8.10 29.84 4.11
CA ASN A 1366 -7.17 30.92 3.76
C ASN A 1366 -6.42 31.42 4.99
N MET A 1367 -5.08 31.37 4.92
CA MET A 1367 -4.22 31.78 6.03
C MET A 1367 -3.07 32.67 5.59
N LEU A 1368 -3.33 33.64 4.73
CA LEU A 1368 -2.27 34.52 4.30
C LEU A 1368 -1.80 35.36 5.48
N SER A 1369 -0.49 35.59 5.55
CA SER A 1369 0.16 36.41 6.56
C SER A 1369 0.24 35.72 7.92
N TRP A 1370 -0.09 34.44 7.96
CA TRP A 1370 0.20 33.63 9.14
C TRP A 1370 1.56 33.01 8.98
N LEU A 1371 2.36 33.02 10.05
CA LEU A 1371 3.69 32.45 9.95
C LEU A 1371 3.79 31.12 10.68
N LEU A 1372 4.09 30.09 9.90
CA LEU A 1372 4.24 28.72 10.39
C LEU A 1372 5.62 28.23 10.03
N ASP A 1373 6.25 27.45 10.91
CA ASP A 1373 7.58 26.94 10.57
C ASP A 1373 7.46 25.62 9.81
N ALA A 1374 8.60 25.01 9.48
CA ALA A 1374 8.62 23.79 8.68
C ALA A 1374 7.97 22.61 9.39
N ASP A 1375 7.88 22.67 10.71
CA ASP A 1375 7.31 21.59 11.50
C ASP A 1375 5.81 21.80 11.71
N ASP A 1376 5.38 23.06 11.66
CA ASP A 1376 3.97 23.38 11.83
C ASP A 1376 3.20 23.03 10.56
N ILE A 1377 3.77 23.36 9.40
CA ILE A 1377 3.11 23.06 8.13
C ILE A 1377 3.07 21.56 7.92
N ALA A 1378 4.06 20.87 8.48
CA ALA A 1378 4.14 19.42 8.38
C ALA A 1378 3.04 18.76 9.20
N LEU A 1379 2.44 19.49 10.12
CA LEU A 1379 1.34 18.94 10.91
C LEU A 1379 0.08 19.05 10.11
N LEU A 1380 -0.15 20.23 9.54
CA LEU A 1380 -1.36 20.48 8.77
C LEU A 1380 -1.42 19.61 7.54
N ASN A 1381 -0.25 19.34 6.94
CA ASN A 1381 -0.18 18.54 5.74
C ASN A 1381 -0.46 17.06 6.00
N VAL A 1382 -0.48 16.68 7.28
CA VAL A 1382 -0.81 15.32 7.67
C VAL A 1382 -2.26 15.26 8.06
N MET A 1383 -2.70 16.28 8.80
CA MET A 1383 -4.10 16.41 9.19
C MET A 1383 -5.00 16.32 7.98
N LYS A 1384 -4.56 16.91 6.88
CA LYS A 1384 -5.34 16.89 5.64
C LYS A 1384 -5.73 15.47 5.24
N GLU A 1385 -4.86 14.49 5.50
CA GLU A 1385 -5.10 13.13 5.03
C GLU A 1385 -6.08 12.38 5.93
N ARG A 1386 -6.50 13.01 7.02
CA ARG A 1386 -7.50 12.43 7.90
C ARG A 1386 -8.81 13.16 7.74
N HIS A 1387 -8.81 14.15 6.86
CA HIS A 1387 -9.97 15.00 6.62
C HIS A 1387 -10.88 14.34 5.58
N PRO A 1388 -12.18 14.21 5.84
CA PRO A 1388 -13.17 13.65 4.95
C PRO A 1388 -13.06 14.21 3.54
N GLN A 1389 -12.82 15.52 3.41
CA GLN A 1389 -12.68 16.10 2.09
C GLN A 1389 -11.23 16.07 1.64
N SER A 1390 -10.66 14.88 1.58
CA SER A 1390 -9.30 14.74 1.13
C SER A 1390 -9.27 14.93 -0.37
N LYS A 1391 -8.10 15.25 -0.91
CA LYS A 1391 -7.95 15.47 -2.35
C LYS A 1391 -8.72 16.70 -2.82
N TYR A 1392 -9.19 17.49 -1.87
CA TYR A 1392 -9.89 18.74 -2.14
C TYR A 1392 -9.39 19.84 -1.25
N LEU A 1393 -9.35 19.57 0.07
CA LEU A 1393 -9.00 20.62 1.02
C LEU A 1393 -7.67 21.25 0.65
N THR A 1394 -7.71 22.55 0.48
CA THR A 1394 -6.53 23.31 0.11
C THR A 1394 -6.28 24.45 1.08
N ILE A 1395 -5.05 24.56 1.54
CA ILE A 1395 -4.69 25.60 2.50
C ILE A 1395 -3.76 26.62 1.84
N LEU A 1396 -4.22 27.86 1.81
CA LEU A 1396 -3.46 28.94 1.19
C LEU A 1396 -2.72 29.78 2.22
N GLN A 1397 -1.40 29.69 2.21
CA GLN A 1397 -0.60 30.44 3.17
C GLN A 1397 0.35 31.45 2.55
N LYS A 1398 0.87 31.10 1.38
CA LYS A 1398 1.99 31.84 0.81
C LYS A 1398 1.62 33.14 0.12
N TRP A 1399 2.46 34.15 0.31
CA TRP A 1399 2.40 35.40 -0.44
C TRP A 1399 3.31 35.32 -1.64
N ILE A 1400 2.93 35.97 -2.73
CA ILE A 1400 3.79 36.02 -3.91
C ILE A 1400 4.09 37.46 -4.33
N LEU A 1401 4.36 38.30 -3.34
CA LEU A 1401 4.70 39.70 -3.58
C LEU A 1401 6.07 39.80 -4.23
N PRO A 1402 6.28 40.74 -5.16
CA PRO A 1402 7.49 40.96 -5.93
C PRO A 1402 8.61 41.67 -5.18
N PHE A 1403 9.04 41.09 -4.08
CA PHE A 1403 10.19 41.61 -3.36
C PHE A 1403 10.74 40.55 -2.42
N SER A 1404 11.99 40.72 -2.02
CA SER A 1404 12.55 39.84 -1.00
C SER A 1404 12.33 40.48 0.37
N PRO A 1405 11.80 39.72 1.35
CA PRO A 1405 11.56 40.15 2.70
C PRO A 1405 12.88 40.31 3.41
N ILE A 1406 12.92 41.09 4.49
CA ILE A 1406 14.17 41.23 5.20
C ILE A 1406 14.31 40.13 6.21
N ILE A 1407 15.09 39.11 5.87
CA ILE A 1407 15.22 37.94 6.74
C ILE A 1407 16.46 38.05 7.60
N GLN A 1408 16.26 38.50 8.83
CA GLN A 1408 17.35 38.76 9.75
C GLN A 1408 17.06 38.22 11.13
N LYS A 1409 16.33 39.00 11.92
CA LYS A 1409 16.06 38.66 13.32
C LYS A 1409 14.61 38.32 13.56
N SER B 100 27.31 -62.30 -10.17
CA SER B 100 27.42 -61.54 -11.41
C SER B 100 27.87 -60.11 -11.16
N GLU B 101 29.15 -59.87 -11.44
CA GLU B 101 29.72 -58.54 -11.26
C GLU B 101 29.02 -57.51 -12.14
N GLY B 102 28.63 -57.93 -13.33
CA GLY B 102 27.96 -57.01 -14.26
C GLY B 102 26.67 -56.47 -13.64
N ASP B 103 25.96 -57.31 -12.90
CA ASP B 103 24.72 -56.90 -12.29
C ASP B 103 24.96 -56.07 -11.04
N LEU B 104 26.02 -56.41 -10.30
CA LEU B 104 26.39 -55.63 -9.14
C LEU B 104 26.81 -54.22 -9.52
N ASP B 105 27.53 -54.09 -10.64
CA ASP B 105 27.95 -52.77 -11.09
C ASP B 105 26.76 -51.94 -11.55
N ASP B 106 25.82 -52.56 -12.25
CA ASP B 106 24.64 -51.84 -12.70
C ASP B 106 23.78 -51.45 -11.51
N LEU B 107 23.68 -52.32 -10.52
CA LEU B 107 22.90 -52.01 -9.33
C LEU B 107 23.49 -50.82 -8.59
N ALA B 108 24.81 -50.82 -8.42
CA ALA B 108 25.45 -49.72 -7.74
C ALA B 108 25.24 -48.42 -8.50
N GLN B 109 25.31 -48.48 -9.82
CA GLN B 109 25.10 -47.28 -10.62
C GLN B 109 23.67 -46.79 -10.53
N ASP B 110 22.71 -47.73 -10.53
CA ASP B 110 21.31 -47.33 -10.45
C ASP B 110 21.00 -46.64 -9.13
N LEU B 111 21.57 -47.15 -8.03
CA LEU B 111 21.33 -46.53 -6.75
C LEU B 111 21.90 -45.12 -6.71
N LYS B 112 23.11 -44.94 -7.23
CA LYS B 112 23.74 -43.64 -7.21
C LYS B 112 22.93 -42.63 -8.01
N ASP B 113 22.44 -43.04 -9.17
CA ASP B 113 21.64 -42.15 -10.01
C ASP B 113 20.25 -41.91 -9.44
N LEU B 114 19.66 -42.94 -8.83
CA LEU B 114 18.35 -42.78 -8.23
C LEU B 114 18.32 -41.67 -7.22
N TYR B 115 19.36 -41.60 -6.40
CA TYR B 115 19.40 -40.64 -5.32
C TYR B 115 19.65 -39.22 -5.80
N HIS B 116 19.86 -39.04 -7.12
CA HIS B 116 20.01 -37.71 -7.69
C HIS B 116 18.73 -37.24 -8.38
N THR B 117 17.71 -38.09 -8.42
CA THR B 117 16.48 -37.73 -9.12
C THR B 117 15.61 -36.85 -8.23
N PRO B 118 14.79 -35.96 -8.80
CA PRO B 118 13.89 -35.07 -8.10
C PRO B 118 12.86 -35.84 -7.27
N SER B 119 12.55 -37.06 -7.68
CA SER B 119 11.59 -37.86 -6.95
C SER B 119 12.10 -38.27 -5.58
N PHE B 120 13.40 -38.12 -5.36
CA PHE B 120 14.01 -38.47 -4.10
C PHE B 120 14.46 -37.21 -3.35
N LEU B 121 14.25 -36.05 -3.96
CA LEU B 121 14.74 -34.81 -3.39
C LEU B 121 13.61 -33.86 -3.04
N ASN B 122 12.45 -34.04 -3.67
CA ASN B 122 11.31 -33.18 -3.44
C ASN B 122 10.57 -33.60 -2.18
N PHE B 123 10.75 -32.81 -1.13
CA PHE B 123 10.27 -33.17 0.20
C PHE B 123 9.12 -32.28 0.66
N TYR B 124 8.13 -32.88 1.34
CA TYR B 124 7.01 -32.10 1.88
C TYR B 124 7.15 -31.85 3.39
N PRO B 125 7.54 -30.64 3.82
CA PRO B 125 7.87 -30.28 5.19
C PRO B 125 6.66 -30.17 6.11
N LEU B 126 5.47 -29.95 5.53
CA LEU B 126 4.27 -29.79 6.36
C LEU B 126 3.37 -31.00 6.28
N GLY B 127 3.30 -31.60 5.09
CA GLY B 127 2.40 -32.71 4.83
C GLY B 127 2.16 -32.84 3.34
N GLU B 128 1.45 -33.89 2.96
CA GLU B 128 1.16 -34.14 1.55
C GLU B 128 -0.06 -33.35 1.06
N ASP B 129 -0.82 -32.80 2.00
CA ASP B 129 -2.03 -32.03 1.69
C ASP B 129 -1.69 -30.61 1.25
N ILE B 130 -0.76 -29.99 1.95
CA ILE B 130 -0.31 -28.63 1.65
C ILE B 130 0.85 -28.68 0.67
N ASP B 131 0.64 -28.15 -0.53
CA ASP B 131 1.60 -28.37 -1.61
C ASP B 131 2.82 -27.46 -1.57
N ILE B 132 3.59 -27.58 -0.51
CA ILE B 132 4.85 -26.88 -0.37
C ILE B 132 6.00 -27.86 -0.49
N ILE B 133 6.87 -27.66 -1.46
CA ILE B 133 7.97 -28.60 -1.72
C ILE B 133 9.34 -28.00 -1.49
N PHE B 134 10.14 -28.67 -0.68
CA PHE B 134 11.51 -28.28 -0.42
C PHE B 134 12.48 -29.23 -1.09
N ASN B 135 13.61 -28.71 -1.54
CA ASN B 135 14.64 -29.55 -2.15
C ASN B 135 15.70 -29.93 -1.12
N LEU B 136 15.84 -31.22 -0.85
CA LEU B 136 16.75 -31.72 0.19
C LEU B 136 18.18 -31.22 0.00
N LYS B 137 18.49 -30.78 -1.20
CA LYS B 137 19.82 -30.30 -1.53
C LYS B 137 20.09 -28.90 -0.99
N SER B 138 19.05 -28.09 -0.81
CA SER B 138 19.24 -26.72 -0.34
C SER B 138 18.61 -26.45 1.03
N THR B 139 17.72 -27.33 1.47
CA THR B 139 17.04 -27.15 2.76
C THR B 139 17.86 -27.75 3.89
N PHE B 140 17.21 -28.09 4.99
CA PHE B 140 17.90 -28.60 6.17
C PHE B 140 19.13 -29.41 5.76
N THR B 141 20.32 -28.87 6.04
CA THR B 141 21.58 -29.51 5.65
C THR B 141 22.48 -29.86 6.82
N GLU B 142 22.33 -29.14 7.93
CA GLU B 142 23.27 -29.27 9.04
C GLU B 142 22.59 -29.66 10.35
N PRO B 143 22.28 -30.94 10.54
CA PRO B 143 21.58 -31.47 11.70
C PRO B 143 22.49 -31.46 12.91
N VAL B 144 21.87 -31.38 14.08
CA VAL B 144 22.60 -31.44 15.33
C VAL B 144 22.34 -32.75 16.03
N LEU B 145 23.36 -33.59 16.10
CA LEU B 145 23.16 -34.90 16.72
C LEU B 145 23.96 -35.03 17.99
N TRP B 146 23.40 -35.73 18.96
CA TRP B 146 24.11 -35.98 20.20
C TRP B 146 24.26 -37.47 20.41
N ARG B 147 25.37 -37.88 21.01
CA ARG B 147 25.51 -39.30 21.35
C ARG B 147 25.00 -39.50 22.77
N LYS B 148 23.91 -40.26 22.87
CA LYS B 148 23.20 -40.47 24.12
C LYS B 148 23.57 -41.79 24.78
N ASP B 149 23.88 -41.73 26.08
CA ASP B 149 24.21 -42.93 26.82
C ASP B 149 23.29 -43.15 28.02
N GLN B 150 22.48 -44.19 27.95
CA GLN B 150 21.56 -44.54 29.04
C GLN B 150 20.70 -43.36 29.44
N HIS B 151 20.25 -42.59 28.45
CA HIS B 151 19.41 -41.40 28.67
C HIS B 151 20.19 -40.24 29.28
N HIS B 152 21.33 -40.52 29.89
CA HIS B 152 22.14 -39.49 30.53
C HIS B 152 23.02 -38.82 29.50
N HIS B 153 22.40 -37.99 28.66
CA HIS B 153 23.05 -37.34 27.53
C HIS B 153 24.49 -37.84 27.34
N ARG B 154 25.44 -37.25 28.10
CA ARG B 154 26.85 -37.65 28.12
C ARG B 154 27.82 -36.79 27.32
N VAL B 155 27.64 -36.69 26.00
CA VAL B 155 28.66 -36.02 25.20
C VAL B 155 28.11 -35.02 24.19
N GLU B 156 28.97 -34.08 23.81
CA GLU B 156 28.67 -33.02 22.86
C GLU B 156 28.31 -33.53 21.46
N GLN B 157 28.05 -32.57 20.57
CA GLN B 157 27.53 -32.81 19.23
C GLN B 157 28.44 -33.62 18.32
N LEU B 158 27.83 -34.55 17.58
CA LEU B 158 28.48 -35.35 16.56
C LEU B 158 27.88 -35.05 15.19
N THR B 159 28.65 -34.40 14.33
CA THR B 159 28.14 -33.98 13.03
C THR B 159 28.24 -35.09 12.00
N LEU B 160 27.60 -34.90 10.85
CA LEU B 160 27.73 -35.87 9.77
C LEU B 160 29.18 -35.91 9.31
N ASN B 161 29.53 -36.98 8.62
CA ASN B 161 30.89 -37.30 8.21
C ASN B 161 31.63 -37.86 9.41
N GLY B 162 31.69 -37.08 10.49
CA GLY B 162 32.27 -37.56 11.74
C GLY B 162 31.51 -38.79 12.24
N LEU B 163 30.19 -38.67 12.34
CA LEU B 163 29.36 -39.78 12.77
C LEU B 163 29.34 -40.89 11.74
N LEU B 164 29.73 -40.55 10.50
CA LEU B 164 29.76 -41.51 9.41
C LEU B 164 31.14 -42.15 9.29
N GLN B 165 32.05 -41.75 10.18
CA GLN B 165 33.37 -42.35 10.26
C GLN B 165 33.41 -43.21 11.50
N ALA B 166 32.88 -42.65 12.59
CA ALA B 166 32.77 -43.34 13.86
C ALA B 166 31.53 -44.23 13.87
N LEU B 167 31.48 -45.16 12.94
CA LEU B 167 30.35 -46.07 12.84
C LEU B 167 30.54 -47.27 13.71
N GLN B 168 29.43 -47.80 14.20
CA GLN B 168 29.42 -48.95 15.07
C GLN B 168 28.43 -49.98 14.56
N SER B 169 28.32 -51.07 15.29
CA SER B 169 27.29 -52.06 15.01
C SER B 169 25.97 -51.29 14.97
N PRO B 170 24.85 -51.90 14.60
CA PRO B 170 23.62 -51.21 14.22
C PRO B 170 23.33 -50.09 15.18
N CYS B 171 23.04 -48.92 14.62
CA CYS B 171 22.81 -47.70 15.38
C CYS B 171 21.38 -47.21 15.23
N ILE B 172 20.87 -46.55 16.26
CA ILE B 172 19.53 -46.01 16.21
C ILE B 172 19.54 -44.51 16.42
N ILE B 173 18.85 -43.79 15.56
CA ILE B 173 18.73 -42.35 15.70
C ILE B 173 17.27 -42.01 16.03
N GLU B 174 17.08 -41.17 17.03
CA GLU B 174 15.73 -40.90 17.51
C GLU B 174 15.35 -39.44 17.48
N GLY B 175 14.08 -39.20 17.21
CA GLY B 175 13.49 -37.87 17.30
C GLY B 175 12.63 -37.80 18.55
N GLU B 176 11.63 -36.92 18.56
CA GLU B 176 10.76 -36.80 19.72
C GLU B 176 9.37 -37.35 19.44
N SER B 177 8.37 -36.46 19.49
CA SER B 177 6.97 -36.83 19.25
C SER B 177 6.57 -36.56 17.81
N GLY B 178 7.51 -36.04 17.05
CA GLY B 178 7.27 -35.68 15.65
C GLY B 178 7.44 -34.19 15.44
N LYS B 179 8.68 -33.79 15.18
CA LYS B 179 9.00 -32.40 14.86
C LYS B 179 9.21 -32.30 13.37
N GLY B 180 10.47 -32.24 12.96
CA GLY B 180 10.76 -32.29 11.55
C GLY B 180 10.64 -33.74 11.12
N LYS B 181 10.94 -34.02 9.86
CA LYS B 181 10.82 -35.38 9.36
C LYS B 181 12.18 -36.02 9.19
N SER B 182 12.19 -37.30 8.87
CA SER B 182 13.43 -38.06 8.75
C SER B 182 14.18 -37.74 7.46
N THR B 183 14.64 -36.50 7.35
CA THR B 183 15.37 -36.05 6.17
C THR B 183 16.84 -36.45 6.25
N LEU B 184 17.28 -36.80 7.45
CA LEU B 184 18.68 -37.13 7.68
C LEU B 184 19.10 -38.37 6.91
N LEU B 185 18.27 -39.41 6.94
CA LEU B 185 18.62 -40.63 6.25
C LEU B 185 18.70 -40.38 4.75
N GLN B 186 17.82 -39.52 4.25
CA GLN B 186 17.84 -39.19 2.83
C GLN B 186 19.12 -38.44 2.50
N ARG B 187 19.55 -37.58 3.41
CA ARG B 187 20.76 -36.82 3.20
C ARG B 187 21.96 -37.74 3.09
N ILE B 188 21.99 -38.79 3.91
CA ILE B 188 23.11 -39.72 3.85
C ILE B 188 23.17 -40.40 2.49
N ALA B 189 22.02 -40.85 2.00
CA ALA B 189 21.97 -41.50 0.70
C ALA B 189 22.44 -40.55 -0.40
N MET B 190 22.06 -39.29 -0.29
CA MET B 190 22.49 -38.28 -1.25
C MET B 190 23.99 -38.12 -1.26
N LEU B 191 24.60 -38.06 -0.07
CA LEU B 191 26.03 -37.85 0.02
C LEU B 191 26.79 -39.00 -0.59
N TRP B 192 26.33 -40.23 -0.38
CA TRP B 192 26.96 -41.38 -0.99
C TRP B 192 26.85 -41.31 -2.50
N GLY B 193 25.65 -41.00 -2.99
CA GLY B 193 25.40 -40.92 -4.42
C GLY B 193 26.25 -39.87 -5.12
N SER B 194 26.53 -38.76 -4.43
CA SER B 194 27.35 -37.70 -5.02
C SER B 194 28.82 -38.05 -4.92
N GLY B 195 29.19 -38.76 -3.86
CA GLY B 195 30.58 -39.15 -3.63
C GLY B 195 31.37 -38.03 -2.99
N LYS B 196 30.68 -36.94 -2.63
CA LYS B 196 31.31 -35.77 -2.06
C LYS B 196 32.04 -36.03 -0.76
N CYS B 197 31.46 -36.87 0.08
CA CYS B 197 32.04 -37.16 1.39
C CYS B 197 32.80 -38.47 1.39
N LYS B 198 34.07 -38.41 1.75
CA LYS B 198 34.93 -39.58 1.73
C LYS B 198 34.53 -40.58 2.81
N ALA B 199 33.82 -40.11 3.82
CA ALA B 199 33.39 -40.98 4.91
C ALA B 199 32.57 -42.14 4.36
N LEU B 200 31.86 -41.91 3.26
CA LEU B 200 31.00 -42.91 2.69
C LEU B 200 31.60 -43.57 1.44
N THR B 201 32.87 -43.25 1.14
CA THR B 201 33.49 -43.74 -0.08
C THR B 201 33.75 -45.24 -0.04
N LYS B 202 33.90 -45.77 1.17
CA LYS B 202 34.18 -47.18 1.36
C LYS B 202 32.98 -48.07 1.03
N PHE B 203 31.79 -47.47 0.91
CA PHE B 203 30.58 -48.23 0.66
C PHE B 203 30.35 -48.46 -0.84
N LYS B 204 29.93 -49.68 -1.17
CA LYS B 204 29.63 -50.03 -2.55
C LYS B 204 28.14 -49.93 -2.82
N PHE B 205 27.33 -50.12 -1.80
CA PHE B 205 25.90 -49.99 -1.96
C PHE B 205 25.30 -49.29 -0.76
N VAL B 206 24.35 -48.41 -1.01
CA VAL B 206 23.56 -47.81 0.05
C VAL B 206 22.10 -47.93 -0.30
N PHE B 207 21.33 -48.51 0.60
CA PHE B 207 19.91 -48.73 0.34
C PHE B 207 19.03 -47.92 1.26
N PHE B 208 18.27 -46.99 0.69
CA PHE B 208 17.35 -46.18 1.48
C PHE B 208 15.95 -46.78 1.48
N LEU B 209 15.50 -47.26 2.65
CA LEU B 209 14.21 -47.91 2.76
C LEU B 209 13.25 -47.19 3.69
N ARG B 210 11.96 -47.34 3.38
CA ARG B 210 10.89 -46.84 4.23
C ARG B 210 10.13 -48.02 4.81
N LEU B 211 10.26 -48.25 6.11
CA LEU B 211 9.69 -49.43 6.73
C LEU B 211 8.18 -49.30 6.85
N SER B 212 7.69 -48.07 6.76
CA SER B 212 6.27 -47.77 6.85
C SER B 212 5.53 -48.27 5.60
N ARG B 213 6.29 -48.57 4.54
CA ARG B 213 5.71 -49.07 3.30
C ARG B 213 6.48 -50.28 2.83
N ALA B 214 6.63 -51.25 3.72
CA ALA B 214 7.38 -52.46 3.41
C ALA B 214 6.59 -53.67 3.87
N GLN B 215 6.67 -54.75 3.11
CA GLN B 215 5.94 -55.96 3.45
C GLN B 215 6.55 -57.19 2.79
N GLY B 216 6.28 -58.35 3.36
CA GLY B 216 6.63 -59.62 2.73
C GLY B 216 8.07 -60.05 2.97
N GLY B 217 9.01 -59.29 2.42
CA GLY B 217 10.43 -59.65 2.54
C GLY B 217 11.38 -58.58 1.98
N LEU B 218 12.67 -58.84 2.11
CA LEU B 218 13.72 -57.91 1.69
C LEU B 218 13.77 -57.70 0.19
N PHE B 219 13.70 -58.78 -0.58
CA PHE B 219 13.82 -58.66 -2.02
C PHE B 219 12.59 -57.99 -2.61
N GLU B 220 11.44 -58.29 -2.05
CA GLU B 220 10.20 -57.69 -2.50
C GLU B 220 10.20 -56.20 -2.18
N THR B 221 10.67 -55.85 -0.98
CA THR B 221 10.70 -54.45 -0.59
C THR B 221 11.66 -53.68 -1.48
N LEU B 222 12.86 -54.21 -1.69
CA LEU B 222 13.84 -53.49 -2.50
C LEU B 222 13.37 -53.34 -3.94
N CYS B 223 12.76 -54.39 -4.49
CA CYS B 223 12.32 -54.37 -5.87
C CYS B 223 11.20 -53.35 -6.10
N ASP B 224 10.20 -53.35 -5.24
CA ASP B 224 9.07 -52.47 -5.45
C ASP B 224 9.29 -51.07 -4.89
N GLN B 225 10.09 -50.95 -3.83
CA GLN B 225 10.26 -49.66 -3.18
C GLN B 225 11.41 -48.83 -3.74
N LEU B 226 12.53 -49.47 -4.08
CA LEU B 226 13.70 -48.72 -4.50
C LEU B 226 13.90 -48.77 -6.01
N LEU B 227 14.29 -49.92 -6.52
CA LEU B 227 14.62 -50.09 -7.93
C LEU B 227 13.90 -51.29 -8.53
N ASP B 228 13.56 -51.21 -9.81
CA ASP B 228 12.97 -52.37 -10.46
C ASP B 228 14.05 -53.38 -10.78
N ILE B 229 14.50 -54.05 -9.73
CA ILE B 229 15.60 -54.99 -9.80
C ILE B 229 15.20 -56.18 -10.67
N PRO B 230 16.02 -56.53 -11.69
CA PRO B 230 15.81 -57.58 -12.67
C PRO B 230 15.98 -58.98 -12.09
N GLY B 231 15.51 -59.97 -12.84
CA GLY B 231 15.57 -61.38 -12.43
C GLY B 231 16.99 -61.93 -12.45
N THR B 232 17.94 -61.14 -12.94
CA THR B 232 19.34 -61.54 -12.95
C THR B 232 19.92 -61.43 -11.53
N ILE B 233 19.27 -60.62 -10.70
CA ILE B 233 19.67 -60.43 -9.32
C ILE B 233 18.74 -61.17 -8.38
N ARG B 234 17.43 -61.08 -8.64
CA ARG B 234 16.43 -61.68 -7.76
C ARG B 234 16.30 -63.18 -7.94
N LYS B 235 17.39 -63.90 -7.68
CA LYS B 235 17.40 -65.35 -7.72
C LYS B 235 17.71 -65.92 -6.34
N GLN B 236 17.73 -65.04 -5.35
CA GLN B 236 18.11 -65.37 -3.98
C GLN B 236 19.58 -65.75 -3.88
N THR B 237 20.36 -65.38 -4.91
CA THR B 237 21.80 -65.61 -4.94
C THR B 237 22.54 -64.31 -4.65
N PHE B 238 21.79 -63.22 -4.64
CA PHE B 238 22.34 -61.89 -4.45
C PHE B 238 23.04 -61.76 -3.11
N MET B 239 22.35 -62.17 -2.05
CA MET B 239 22.94 -62.06 -0.72
C MET B 239 24.13 -63.00 -0.56
N ALA B 240 24.08 -64.14 -1.23
CA ALA B 240 25.17 -65.10 -1.13
C ALA B 240 26.47 -64.50 -1.64
N MET B 241 26.40 -63.76 -2.74
CA MET B 241 27.58 -63.10 -3.29
C MET B 241 27.84 -61.75 -2.62
N LEU B 242 26.78 -61.12 -2.14
CA LEU B 242 26.90 -59.82 -1.49
C LEU B 242 27.60 -59.95 -0.14
N LEU B 243 27.43 -61.10 0.54
CA LEU B 243 27.94 -61.38 1.90
C LEU B 243 29.24 -60.64 2.32
N LYS B 244 30.08 -60.26 1.36
CA LYS B 244 31.27 -59.45 1.67
C LYS B 244 30.88 -58.04 2.14
N LEU B 245 29.59 -57.76 2.11
CA LEU B 245 28.95 -56.50 2.47
C LEU B 245 29.18 -56.05 3.89
N ARG B 246 29.67 -56.97 4.73
CA ARG B 246 29.89 -56.67 6.13
C ARG B 246 30.43 -55.26 6.33
N GLN B 247 31.41 -54.86 5.52
CA GLN B 247 32.01 -53.54 5.65
C GLN B 247 31.88 -52.69 4.38
N ARG B 248 30.92 -53.03 3.54
CA ARG B 248 30.74 -52.32 2.27
C ARG B 248 29.30 -51.85 2.01
N VAL B 249 28.33 -52.34 2.78
CA VAL B 249 26.95 -51.96 2.53
C VAL B 249 26.25 -51.34 3.73
N LEU B 250 25.60 -50.21 3.45
CA LEU B 250 24.85 -49.47 4.46
C LEU B 250 23.36 -49.46 4.19
N PHE B 251 22.58 -49.86 5.18
CA PHE B 251 21.13 -49.82 5.09
C PHE B 251 20.54 -48.72 5.95
N LEU B 252 19.70 -47.90 5.35
CA LEU B 252 19.06 -46.79 6.03
C LEU B 252 17.57 -47.05 6.14
N LEU B 253 17.07 -47.18 7.36
CA LEU B 253 15.68 -47.55 7.56
C LEU B 253 14.87 -46.49 8.27
N ASP B 254 13.89 -45.93 7.59
CA ASP B 254 13.02 -44.91 8.19
C ASP B 254 11.71 -45.50 8.68
N GLY B 255 11.07 -44.80 9.61
CA GLY B 255 9.71 -45.11 10.03
C GLY B 255 9.58 -46.40 10.83
N TYR B 256 10.56 -46.73 11.66
CA TYR B 256 10.45 -47.97 12.42
C TYR B 256 9.18 -47.99 13.25
N ASN B 257 8.82 -46.85 13.81
CA ASN B 257 7.65 -46.74 14.67
C ASN B 257 6.34 -46.93 13.90
N GLU B 258 6.43 -46.92 12.58
CA GLU B 258 5.26 -47.10 11.71
C GLU B 258 5.22 -48.53 11.17
N PHE B 259 6.18 -49.34 11.58
CA PHE B 259 6.29 -50.69 11.07
C PHE B 259 5.96 -51.74 12.11
N LYS B 260 5.15 -52.72 11.72
CA LYS B 260 4.83 -53.83 12.60
C LYS B 260 5.49 -55.09 12.04
N PRO B 261 6.22 -55.84 12.87
CA PRO B 261 7.08 -56.95 12.51
C PRO B 261 6.33 -58.08 11.80
N GLN B 262 5.03 -58.18 12.05
CA GLN B 262 4.23 -59.23 11.43
C GLN B 262 4.07 -58.99 9.93
N ASN B 263 4.27 -57.74 9.51
CA ASN B 263 4.11 -57.39 8.11
C ASN B 263 5.26 -57.92 7.27
N CYS B 264 6.39 -58.17 7.93
CA CYS B 264 7.59 -58.62 7.25
C CYS B 264 8.64 -59.12 8.23
N PRO B 265 8.53 -60.36 8.70
CA PRO B 265 9.36 -61.00 9.69
C PRO B 265 10.84 -60.85 9.37
N GLU B 266 11.18 -60.82 8.07
CA GLU B 266 12.58 -60.68 7.68
C GLU B 266 13.17 -59.37 8.16
N ILE B 267 12.38 -58.30 8.14
CA ILE B 267 12.88 -57.00 8.56
C ILE B 267 13.16 -57.01 10.05
N GLU B 268 12.23 -57.57 10.81
CA GLU B 268 12.42 -57.61 12.25
C GLU B 268 13.55 -58.57 12.60
N ALA B 269 13.61 -59.69 11.89
CA ALA B 269 14.65 -60.68 12.15
C ALA B 269 16.03 -60.09 11.90
N LEU B 270 16.17 -59.33 10.82
CA LEU B 270 17.45 -58.74 10.49
C LEU B 270 17.81 -57.58 11.41
N ILE B 271 16.86 -56.72 11.73
CA ILE B 271 17.16 -55.56 12.57
C ILE B 271 17.48 -56.00 13.99
N LYS B 272 16.87 -57.11 14.42
CA LYS B 272 17.13 -57.68 15.73
C LYS B 272 18.47 -58.39 15.81
N GLU B 273 18.74 -59.29 14.87
CA GLU B 273 19.95 -60.09 14.92
C GLU B 273 21.15 -59.40 14.28
N ASN B 274 20.97 -58.89 13.06
CA ASN B 274 21.99 -58.15 12.32
C ASN B 274 23.20 -58.98 11.86
N HIS B 275 23.70 -59.85 12.74
CA HIS B 275 24.91 -60.65 12.51
C HIS B 275 24.83 -61.56 11.28
N ARG B 276 23.65 -61.70 10.70
CA ARG B 276 23.51 -62.49 9.48
C ARG B 276 24.32 -61.86 8.36
N PHE B 277 24.37 -60.53 8.35
CA PHE B 277 25.14 -59.80 7.34
C PHE B 277 26.28 -59.01 7.97
N LYS B 278 26.14 -58.69 9.26
CA LYS B 278 27.13 -57.87 9.96
C LYS B 278 27.42 -56.59 9.20
N ASN B 279 26.38 -56.00 8.64
CA ASN B 279 26.50 -54.79 7.84
C ASN B 279 26.21 -53.55 8.67
N MET B 280 26.27 -52.38 8.04
CA MET B 280 25.99 -51.15 8.77
C MET B 280 24.52 -50.83 8.65
N VAL B 281 23.88 -50.59 9.78
CA VAL B 281 22.46 -50.28 9.79
C VAL B 281 22.16 -49.03 10.60
N ILE B 282 21.44 -48.10 9.99
CA ILE B 282 20.97 -46.92 10.71
C ILE B 282 19.45 -46.85 10.61
N VAL B 283 18.77 -46.86 11.75
CA VAL B 283 17.31 -46.81 11.75
C VAL B 283 16.76 -45.63 12.53
N THR B 284 15.75 -44.97 11.98
CA THR B 284 15.15 -43.81 12.63
C THR B 284 13.87 -44.16 13.39
N THR B 285 13.82 -43.73 14.65
CA THR B 285 12.72 -44.03 15.54
C THR B 285 12.23 -42.80 16.31
N THR B 286 11.24 -43.02 17.18
CA THR B 286 10.65 -42.00 18.06
C THR B 286 10.91 -42.35 19.53
N THR B 287 10.42 -41.52 20.45
CA THR B 287 10.65 -41.79 21.88
C THR B 287 9.93 -43.04 22.36
N GLU B 288 8.82 -43.40 21.70
CA GLU B 288 8.11 -44.61 22.10
C GLU B 288 8.98 -45.84 21.89
N CYS B 289 9.96 -45.72 21.01
CA CYS B 289 10.79 -46.85 20.63
C CYS B 289 11.98 -47.03 21.56
N LEU B 290 12.01 -46.28 22.66
CA LEU B 290 13.05 -46.47 23.68
C LEU B 290 12.93 -47.89 24.22
N ARG B 291 11.72 -48.45 24.10
CA ARG B 291 11.44 -49.81 24.52
C ARG B 291 12.25 -50.84 23.75
N HIS B 292 12.72 -50.45 22.56
CA HIS B 292 13.53 -51.34 21.74
C HIS B 292 14.99 -50.91 21.74
N ILE B 293 15.23 -49.61 21.85
CA ILE B 293 16.58 -49.07 21.77
C ILE B 293 17.48 -49.61 22.85
N ALA B 294 16.99 -49.66 24.09
CA ALA B 294 17.82 -50.11 25.20
C ALA B 294 17.98 -51.62 25.24
N GLN B 295 17.35 -52.33 24.29
CA GLN B 295 17.41 -53.78 24.27
C GLN B 295 18.52 -54.29 23.35
N PHE B 296 19.15 -53.39 22.60
CA PHE B 296 20.17 -53.81 21.65
C PHE B 296 21.58 -53.41 22.04
N GLY B 297 21.70 -52.34 22.82
CA GLY B 297 23.01 -51.82 23.17
C GLY B 297 23.57 -50.96 22.03
N ALA B 298 22.71 -50.71 21.06
CA ALA B 298 23.05 -49.95 19.86
C ALA B 298 23.41 -48.52 20.22
N LEU B 299 24.34 -47.96 19.46
CA LEU B 299 24.67 -46.55 19.63
C LEU B 299 23.42 -45.73 19.40
N THR B 300 23.11 -44.81 20.29
CA THR B 300 21.93 -43.98 20.18
C THR B 300 22.22 -42.56 19.83
N ALA B 301 21.72 -42.04 18.76
CA ALA B 301 21.87 -40.71 18.29
C ALA B 301 20.66 -39.87 18.52
N GLU B 302 20.69 -38.76 19.13
CA GLU B 302 19.57 -37.92 19.36
C GLU B 302 19.55 -36.73 18.45
N VAL B 303 18.43 -36.45 17.81
CA VAL B 303 18.31 -35.27 16.98
C VAL B 303 17.96 -34.07 17.84
N GLY B 304 18.79 -33.04 17.79
CA GLY B 304 18.61 -31.86 18.61
C GLY B 304 17.90 -30.75 17.85
N ASP B 305 18.18 -29.52 18.23
CA ASP B 305 17.51 -28.37 17.63
C ASP B 305 18.35 -27.74 16.51
N MET B 306 17.83 -26.66 15.93
CA MET B 306 18.48 -25.98 14.83
C MET B 306 19.40 -24.86 15.30
N THR B 307 20.42 -24.59 14.52
CA THR B 307 21.27 -23.45 14.77
C THR B 307 20.63 -22.20 14.20
N GLU B 308 21.11 -21.04 14.61
CA GLU B 308 20.58 -19.78 14.11
C GLU B 308 20.81 -19.65 12.61
N ASP B 309 21.95 -20.15 12.15
CA ASP B 309 22.32 -20.06 10.75
C ASP B 309 21.42 -20.93 9.89
N SER B 310 21.03 -22.09 10.43
CA SER B 310 20.17 -22.99 9.68
C SER B 310 18.80 -22.37 9.46
N ALA B 311 18.22 -21.79 10.52
CA ALA B 311 16.93 -21.16 10.39
C ALA B 311 16.99 -19.99 9.42
N GLN B 312 18.06 -19.21 9.50
CA GLN B 312 18.19 -18.09 8.59
C GLN B 312 18.32 -18.57 7.16
N ALA B 313 19.08 -19.64 6.95
CA ALA B 313 19.28 -20.15 5.61
C ALA B 313 17.96 -20.54 4.97
N LEU B 314 17.08 -21.17 5.73
CA LEU B 314 15.79 -21.57 5.17
C LEU B 314 14.95 -20.36 4.82
N ILE B 315 14.98 -19.33 5.67
CA ILE B 315 14.20 -18.14 5.40
C ILE B 315 14.67 -17.46 4.13
N ARG B 316 15.97 -17.36 3.95
CA ARG B 316 16.49 -16.70 2.75
C ARG B 316 16.33 -17.55 1.49
N GLU B 317 16.50 -18.86 1.62
CA GLU B 317 16.44 -19.75 0.46
C GLU B 317 15.05 -19.98 -0.08
N VAL B 318 14.03 -20.03 0.78
CA VAL B 318 12.69 -20.33 0.30
C VAL B 318 11.68 -19.28 0.75
N LEU B 319 11.94 -18.04 0.36
CA LEU B 319 11.04 -16.92 0.60
C LEU B 319 11.54 -15.72 -0.18
N ILE B 320 10.65 -15.02 -0.86
CA ILE B 320 11.11 -13.91 -1.70
C ILE B 320 11.83 -12.88 -0.83
N LYS B 321 12.95 -12.36 -1.34
CA LYS B 321 13.82 -11.45 -0.62
C LYS B 321 13.09 -10.47 0.28
N GLU B 322 12.11 -9.75 -0.25
CA GLU B 322 11.48 -8.68 0.52
C GLU B 322 10.87 -9.19 1.82
N LEU B 323 10.30 -10.38 1.79
CA LEU B 323 9.66 -10.93 2.97
C LEU B 323 10.71 -11.53 3.88
N ALA B 324 11.77 -12.06 3.30
CA ALA B 324 12.85 -12.65 4.08
C ALA B 324 13.52 -11.57 4.91
N GLU B 325 13.70 -10.39 4.32
CA GLU B 325 14.37 -9.30 5.03
C GLU B 325 13.51 -8.81 6.19
N GLY B 326 12.20 -8.74 5.97
CA GLY B 326 11.28 -8.35 7.03
C GLY B 326 11.28 -9.35 8.18
N LEU B 327 11.14 -10.62 7.85
CA LEU B 327 11.04 -11.66 8.87
C LEU B 327 12.30 -11.73 9.72
N LEU B 328 13.46 -11.58 9.09
CA LEU B 328 14.72 -11.67 9.80
C LEU B 328 14.97 -10.47 10.70
N LEU B 329 14.13 -9.45 10.60
CA LEU B 329 14.23 -8.31 11.50
C LEU B 329 13.31 -8.53 12.68
N GLN B 330 12.11 -9.03 12.41
CA GLN B 330 11.16 -9.30 13.48
C GLN B 330 11.75 -10.27 14.50
N ILE B 331 12.50 -11.25 13.99
CA ILE B 331 13.16 -12.25 14.84
C ILE B 331 14.23 -11.62 15.73
N GLN B 332 14.71 -10.45 15.38
CA GLN B 332 15.73 -9.78 16.20
C GLN B 332 15.07 -9.00 17.32
N LYS B 333 13.84 -8.58 17.09
CA LYS B 333 13.11 -7.80 18.09
C LYS B 333 12.48 -8.69 19.19
N SER B 334 12.02 -9.87 18.80
CA SER B 334 11.33 -10.76 19.74
C SER B 334 12.19 -11.92 20.22
N ARG B 335 12.43 -11.98 21.53
CA ARG B 335 13.25 -13.05 22.09
C ARG B 335 12.52 -14.39 21.99
N CYS B 336 11.20 -14.34 22.04
CA CYS B 336 10.42 -15.56 21.96
C CYS B 336 10.63 -16.26 20.64
N LEU B 337 10.74 -15.48 19.56
CA LEU B 337 10.94 -16.08 18.26
C LEU B 337 12.33 -16.68 18.17
N ARG B 338 13.33 -16.01 18.71
CA ARG B 338 14.67 -16.53 18.59
C ARG B 338 14.77 -17.92 19.21
N ASN B 339 14.06 -18.13 20.31
CA ASN B 339 14.06 -19.44 20.95
C ASN B 339 13.16 -20.44 20.22
N LEU B 340 11.99 -20.00 19.78
CA LEU B 340 11.06 -20.90 19.10
C LEU B 340 11.56 -21.33 17.74
N MET B 341 12.30 -20.46 17.07
CA MET B 341 12.82 -20.71 15.73
C MET B 341 13.89 -21.80 15.72
N LYS B 342 14.23 -22.31 16.89
CA LYS B 342 15.19 -23.41 16.97
C LYS B 342 14.51 -24.75 16.65
N THR B 343 13.18 -24.75 16.63
CA THR B 343 12.43 -25.97 16.37
C THR B 343 11.82 -25.91 14.96
N PRO B 344 12.13 -26.88 14.07
CA PRO B 344 11.73 -26.94 12.68
C PRO B 344 10.28 -26.61 12.41
N LEU B 345 9.36 -27.06 13.27
CA LEU B 345 7.95 -26.82 13.02
C LEU B 345 7.54 -25.39 13.28
N PHE B 346 8.44 -24.59 13.82
CA PHE B 346 8.15 -23.19 14.01
C PHE B 346 9.00 -22.37 13.07
N VAL B 347 9.66 -23.05 12.14
CA VAL B 347 10.46 -22.38 11.13
C VAL B 347 9.77 -22.50 9.78
N VAL B 348 9.24 -23.68 9.51
CA VAL B 348 8.56 -23.93 8.23
C VAL B 348 7.14 -23.39 8.23
N ILE B 349 6.64 -22.99 9.41
CA ILE B 349 5.31 -22.43 9.52
C ILE B 349 5.34 -20.91 9.50
N THR B 350 6.31 -20.34 10.20
CA THR B 350 6.40 -18.88 10.30
C THR B 350 6.75 -18.26 8.97
N CYS B 351 7.20 -19.07 8.03
CA CYS B 351 7.45 -18.59 6.69
C CYS B 351 6.39 -19.10 5.71
N ALA B 352 5.76 -20.24 5.99
CA ALA B 352 4.74 -20.78 5.09
C ALA B 352 3.56 -19.84 4.99
N ILE B 353 3.22 -19.20 6.10
CA ILE B 353 2.08 -18.29 6.14
C ILE B 353 2.30 -17.07 5.27
N GLN B 354 3.54 -16.81 4.84
CA GLN B 354 3.81 -15.66 3.99
C GLN B 354 4.18 -16.05 2.56
N MET B 355 4.08 -17.33 2.24
CA MET B 355 4.40 -17.71 0.88
C MET B 355 3.27 -17.29 -0.04
N GLY B 356 3.63 -16.65 -1.15
CA GLY B 356 2.64 -16.18 -2.10
C GLY B 356 2.21 -14.74 -1.81
N GLU B 357 2.67 -14.18 -0.69
CA GLU B 357 2.31 -12.82 -0.34
C GLU B 357 3.26 -11.82 -0.99
N SER B 358 2.79 -10.57 -1.14
CA SER B 358 3.61 -9.52 -1.72
C SER B 358 4.15 -8.53 -0.69
N GLU B 359 3.58 -8.53 0.50
CA GLU B 359 4.00 -7.57 1.53
C GLU B 359 4.27 -8.27 2.86
N PHE B 360 5.20 -7.72 3.62
CA PHE B 360 5.56 -8.30 4.91
C PHE B 360 4.64 -7.85 6.02
N HIS B 361 4.21 -8.82 6.83
CA HIS B 361 3.40 -8.54 8.01
C HIS B 361 4.01 -9.19 9.23
N SER B 362 3.88 -8.54 10.38
CA SER B 362 4.39 -9.07 11.63
C SER B 362 3.47 -10.13 12.23
N HIS B 363 2.20 -10.08 11.82
CA HIS B 363 1.16 -11.03 12.24
C HIS B 363 0.78 -10.95 13.71
N THR B 364 1.74 -11.25 14.60
CA THR B 364 1.57 -11.34 16.05
C THR B 364 1.67 -12.80 16.47
N GLN B 365 2.48 -13.07 17.50
CA GLN B 365 2.73 -14.45 17.89
C GLN B 365 1.59 -15.03 18.71
N THR B 366 0.42 -15.05 18.10
CA THR B 366 -0.75 -15.70 18.63
C THR B 366 -1.35 -16.44 17.46
N THR B 367 -1.08 -15.92 16.27
CA THR B 367 -1.59 -16.51 15.05
C THR B 367 -0.59 -17.49 14.50
N LEU B 368 0.66 -17.38 14.96
CA LEU B 368 1.69 -18.32 14.56
C LEU B 368 1.42 -19.61 15.30
N PHE B 369 0.99 -19.50 16.56
CA PHE B 369 0.63 -20.66 17.34
C PHE B 369 -0.72 -21.19 16.92
N HIS B 370 -1.62 -20.30 16.52
CA HIS B 370 -2.93 -20.74 16.07
C HIS B 370 -2.77 -21.59 14.82
N THR B 371 -1.96 -21.12 13.88
CA THR B 371 -1.72 -21.85 12.66
C THR B 371 -1.08 -23.19 12.98
N PHE B 372 -0.07 -23.16 13.86
CA PHE B 372 0.61 -24.37 14.28
C PHE B 372 -0.38 -25.37 14.87
N TYR B 373 -1.21 -24.89 15.78
CA TYR B 373 -2.19 -25.74 16.46
C TYR B 373 -3.15 -26.36 15.46
N ASP B 374 -3.72 -25.55 14.57
CA ASP B 374 -4.68 -26.07 13.62
C ASP B 374 -4.07 -27.14 12.75
N LEU B 375 -2.85 -26.94 12.30
CA LEU B 375 -2.21 -27.93 11.46
C LEU B 375 -1.91 -29.20 12.24
N LEU B 376 -1.47 -29.04 13.47
CA LEU B 376 -1.12 -30.16 14.32
C LEU B 376 -2.29 -31.11 14.51
N ILE B 377 -3.49 -30.57 14.64
CA ILE B 377 -4.66 -31.41 14.88
C ILE B 377 -5.38 -31.80 13.59
N GLN B 378 -4.83 -31.40 12.45
CA GLN B 378 -5.44 -31.74 11.16
C GLN B 378 -4.62 -32.71 10.34
N LYS B 379 -3.29 -32.60 10.40
CA LYS B 379 -2.44 -33.43 9.55
C LYS B 379 -2.63 -34.91 9.88
N ASN B 380 -3.10 -35.18 11.08
CA ASN B 380 -3.33 -36.55 11.54
C ASN B 380 -4.82 -36.89 11.64
N LYS B 381 -5.67 -36.09 11.00
CA LYS B 381 -7.11 -36.26 11.12
C LYS B 381 -7.61 -37.61 10.61
N HIS B 382 -6.84 -38.25 9.74
CA HIS B 382 -7.23 -39.56 9.22
C HIS B 382 -6.98 -40.65 10.26
N LYS B 383 -5.82 -40.63 10.90
CA LYS B 383 -5.51 -41.61 11.93
C LYS B 383 -6.32 -41.34 13.20
N HIS B 384 -6.76 -40.09 13.35
CA HIS B 384 -7.60 -39.68 14.47
C HIS B 384 -8.97 -40.36 14.41
N LYS B 385 -9.30 -40.99 13.29
CA LYS B 385 -10.59 -41.66 13.14
C LYS B 385 -10.76 -42.80 14.14
N GLY B 386 -9.67 -43.21 14.77
CA GLY B 386 -9.72 -44.27 15.77
C GLY B 386 -10.47 -43.84 17.04
N VAL B 387 -10.70 -42.53 17.18
CA VAL B 387 -11.45 -41.98 18.31
C VAL B 387 -12.65 -41.20 17.82
N ALA B 388 -13.79 -41.38 18.50
CA ALA B 388 -15.02 -40.69 18.10
C ALA B 388 -14.79 -39.20 18.04
N ALA B 389 -15.40 -38.52 17.08
CA ALA B 389 -15.18 -37.10 16.93
C ALA B 389 -15.49 -36.36 18.23
N SER B 390 -16.53 -36.79 18.93
CA SER B 390 -16.87 -36.15 20.19
C SER B 390 -15.84 -36.46 21.27
N ASP B 391 -15.24 -37.65 21.20
CA ASP B 391 -14.22 -38.04 22.17
C ASP B 391 -12.90 -37.35 21.86
N PHE B 392 -12.66 -37.10 20.58
CA PHE B 392 -11.47 -36.37 20.15
C PHE B 392 -11.52 -34.97 20.74
N ILE B 393 -12.68 -34.34 20.63
CA ILE B 393 -12.85 -33.01 21.18
C ILE B 393 -12.64 -33.02 22.68
N ARG B 394 -13.23 -34.00 23.36
CA ARG B 394 -13.06 -34.11 24.80
C ARG B 394 -11.59 -34.26 25.18
N SER B 395 -10.87 -35.06 24.41
CA SER B 395 -9.45 -35.28 24.67
C SER B 395 -8.66 -33.98 24.56
N LEU B 396 -8.93 -33.21 23.51
CA LEU B 396 -8.26 -31.94 23.32
C LEU B 396 -8.65 -30.94 24.41
N ASP B 397 -9.92 -30.94 24.79
CA ASP B 397 -10.37 -30.05 25.86
C ASP B 397 -9.70 -30.41 27.18
N HIS B 398 -9.49 -31.71 27.41
CA HIS B 398 -8.82 -32.17 28.61
C HIS B 398 -7.39 -31.65 28.62
N CYS B 399 -6.70 -31.79 27.49
CA CYS B 399 -5.34 -31.28 27.37
C CYS B 399 -5.32 -29.78 27.67
N GLY B 400 -6.32 -29.07 27.17
CA GLY B 400 -6.45 -27.65 27.42
C GLY B 400 -6.52 -27.37 28.91
N ASP B 401 -7.41 -28.07 29.61
CA ASP B 401 -7.55 -27.87 31.05
C ASP B 401 -6.26 -28.23 31.78
N LEU B 402 -5.57 -29.25 31.31
CA LEU B 402 -4.31 -29.61 31.96
C LEU B 402 -3.30 -28.48 31.83
N ALA B 403 -3.20 -27.89 30.65
CA ALA B 403 -2.26 -26.79 30.44
C ALA B 403 -2.60 -25.60 31.32
N LEU B 404 -3.90 -25.30 31.43
CA LEU B 404 -4.35 -24.14 32.19
C LEU B 404 -4.09 -24.35 33.68
N GLU B 405 -4.40 -25.55 34.16
CA GLU B 405 -4.13 -25.86 35.55
C GLU B 405 -2.63 -25.84 35.81
N GLY B 406 -1.87 -26.30 34.83
CA GLY B 406 -0.42 -26.33 34.94
C GLY B 406 0.15 -24.93 35.14
N VAL B 407 -0.43 -23.95 34.46
CA VAL B 407 0.09 -22.59 34.59
C VAL B 407 -0.13 -22.10 36.02
N PHE B 408 -1.32 -22.31 36.55
CA PHE B 408 -1.63 -21.86 37.90
C PHE B 408 -0.87 -22.62 38.97
N SER B 409 -0.58 -23.88 38.71
CA SER B 409 0.15 -24.73 39.65
C SER B 409 1.66 -24.65 39.48
N HIS B 410 2.12 -23.82 38.54
CA HIS B 410 3.54 -23.67 38.27
C HIS B 410 4.19 -24.98 37.85
N LYS B 411 3.50 -25.78 37.03
CA LYS B 411 4.08 -27.03 36.56
C LYS B 411 3.92 -27.17 35.05
N PHE B 412 4.95 -27.72 34.42
CA PHE B 412 4.94 -27.93 32.99
C PHE B 412 5.06 -29.41 32.67
N ASP B 413 5.54 -30.18 33.64
CA ASP B 413 5.69 -31.62 33.48
C ASP B 413 4.48 -32.35 34.03
N PHE B 414 3.85 -33.14 33.19
CA PHE B 414 2.67 -33.87 33.60
C PHE B 414 2.98 -35.36 33.70
N GLU B 415 2.81 -35.92 34.89
CA GLU B 415 3.10 -37.32 35.07
C GLU B 415 2.03 -38.14 34.38
N LEU B 416 2.33 -39.37 34.02
CA LEU B 416 1.33 -40.18 33.35
C LEU B 416 0.02 -40.16 34.12
N GLN B 417 0.11 -40.30 35.45
CA GLN B 417 -1.08 -40.34 36.29
C GLN B 417 -1.77 -38.98 36.42
N ASP B 418 -1.10 -37.90 36.00
CA ASP B 418 -1.70 -36.58 36.06
C ASP B 418 -2.65 -36.42 34.90
N VAL B 419 -2.29 -37.02 33.77
CA VAL B 419 -3.13 -36.96 32.58
C VAL B 419 -4.22 -38.02 32.68
N SER B 420 -3.79 -39.26 32.96
CA SER B 420 -4.68 -40.41 33.11
C SER B 420 -6.04 -40.23 32.45
N SER B 421 -6.03 -39.98 31.14
CA SER B 421 -7.26 -39.63 30.44
C SER B 421 -7.76 -40.74 29.55
N VAL B 422 -7.03 -41.84 29.48
CA VAL B 422 -7.31 -42.96 28.57
C VAL B 422 -7.01 -42.58 27.11
N ASN B 423 -7.46 -41.41 26.69
CA ASN B 423 -7.21 -40.91 25.34
C ASN B 423 -5.84 -40.24 25.27
N GLU B 424 -4.90 -40.81 26.00
CA GLU B 424 -3.51 -40.35 25.99
C GLU B 424 -2.94 -40.60 24.62
N ASP B 425 -3.34 -41.72 24.03
CA ASP B 425 -2.89 -42.10 22.70
C ASP B 425 -3.36 -41.09 21.67
N VAL B 426 -4.54 -40.50 21.91
CA VAL B 426 -5.09 -39.53 20.98
C VAL B 426 -4.25 -38.25 21.00
N LEU B 427 -3.91 -37.79 22.19
CA LEU B 427 -3.09 -36.59 22.32
C LEU B 427 -1.68 -36.83 21.79
N LEU B 428 -1.18 -38.04 21.98
CA LEU B 428 0.15 -38.41 21.49
C LEU B 428 0.13 -38.58 19.97
N THR B 429 -0.95 -39.14 19.47
CA THR B 429 -1.12 -39.29 18.03
C THR B 429 -1.17 -37.90 17.39
N THR B 430 -1.89 -37.00 18.05
CA THR B 430 -2.01 -35.62 17.60
C THR B 430 -0.66 -34.93 17.62
N GLY B 431 0.09 -35.13 18.70
CA GLY B 431 1.40 -34.51 18.84
C GLY B 431 1.37 -33.32 19.79
N LEU B 432 0.31 -33.22 20.59
CA LEU B 432 0.21 -32.14 21.57
C LEU B 432 1.17 -32.38 22.72
N LEU B 433 1.33 -33.65 23.08
CA LEU B 433 2.23 -34.03 24.16
C LEU B 433 3.33 -34.95 23.67
N CYS B 434 4.50 -34.82 24.26
CA CYS B 434 5.60 -35.71 23.98
C CYS B 434 5.76 -36.71 25.12
N LYS B 435 5.76 -37.98 24.79
CA LYS B 435 5.89 -39.02 25.80
C LYS B 435 7.34 -39.39 26.06
N TYR B 436 7.67 -39.58 27.33
CA TYR B 436 8.99 -40.07 27.71
C TYR B 436 8.86 -41.30 28.59
N THR B 437 9.76 -42.26 28.38
CA THR B 437 9.80 -43.48 29.19
C THR B 437 11.21 -43.73 29.71
N ALA B 438 12.07 -42.74 29.57
CA ALA B 438 13.47 -42.83 29.91
C ALA B 438 13.68 -42.92 31.42
N GLN B 439 14.82 -43.46 31.83
CA GLN B 439 15.13 -43.54 33.26
C GLN B 439 15.08 -42.16 33.93
N ARG B 440 15.51 -41.13 33.21
CA ARG B 440 15.47 -39.77 33.75
C ARG B 440 14.11 -39.12 33.53
N PHE B 441 13.26 -39.82 32.78
CA PHE B 441 11.93 -39.33 32.44
C PHE B 441 10.91 -40.44 32.58
N LYS B 442 10.70 -40.92 33.80
CA LYS B 442 9.76 -42.01 34.01
C LYS B 442 8.43 -41.57 33.41
N PRO B 443 7.54 -42.50 33.02
CA PRO B 443 6.37 -42.25 32.19
C PRO B 443 5.75 -40.91 32.52
N LYS B 444 5.99 -39.95 31.62
CA LYS B 444 5.54 -38.57 31.77
C LYS B 444 5.34 -37.91 30.42
N TYR B 445 4.64 -36.79 30.42
CA TYR B 445 4.38 -36.04 29.21
C TYR B 445 4.82 -34.58 29.32
N LYS B 446 5.28 -34.03 28.20
CA LYS B 446 5.62 -32.62 28.12
C LYS B 446 4.96 -31.97 26.92
N PHE B 447 4.79 -30.66 26.99
CA PHE B 447 4.29 -29.90 25.84
C PHE B 447 5.41 -29.57 24.87
N PHE B 448 5.04 -29.41 23.60
CA PHE B 448 5.96 -29.04 22.53
C PHE B 448 6.98 -28.00 22.99
N HIS B 449 6.51 -26.97 23.67
CA HIS B 449 7.36 -25.91 24.17
C HIS B 449 6.68 -25.23 25.35
N LYS B 450 7.46 -24.71 26.28
CA LYS B 450 6.88 -24.01 27.43
C LYS B 450 5.84 -22.96 26.99
N SER B 451 6.18 -22.18 25.97
CA SER B 451 5.28 -21.13 25.51
C SER B 451 4.06 -21.70 24.79
N PHE B 452 4.15 -22.95 24.36
CA PHE B 452 3.04 -23.61 23.69
C PHE B 452 2.03 -24.04 24.72
N GLN B 453 2.51 -24.49 25.88
CA GLN B 453 1.62 -24.84 26.97
C GLN B 453 0.82 -23.61 27.37
N GLU B 454 1.51 -22.47 27.40
CA GLU B 454 0.84 -21.22 27.75
C GLU B 454 -0.19 -20.85 26.70
N TYR B 455 0.14 -21.02 25.42
CA TYR B 455 -0.85 -20.80 24.36
C TYR B 455 -2.05 -21.70 24.55
N THR B 456 -1.79 -22.98 24.76
CA THR B 456 -2.85 -23.96 24.93
C THR B 456 -3.78 -23.54 26.06
N ALA B 457 -3.17 -23.12 27.17
CA ALA B 457 -3.95 -22.68 28.32
C ALA B 457 -4.79 -21.47 27.97
N GLY B 458 -4.24 -20.55 27.20
CA GLY B 458 -4.96 -19.36 26.77
C GLY B 458 -6.15 -19.73 25.90
N ARG B 459 -5.92 -20.62 24.94
CA ARG B 459 -6.97 -21.03 24.04
C ARG B 459 -8.13 -21.64 24.81
N ARG B 460 -7.81 -22.45 25.82
CA ARG B 460 -8.84 -23.09 26.62
C ARG B 460 -9.57 -22.07 27.50
N LEU B 461 -8.83 -21.14 28.10
CA LEU B 461 -9.48 -20.17 28.95
C LEU B 461 -10.47 -19.32 28.16
N SER B 462 -10.07 -18.90 26.97
CA SER B 462 -10.95 -18.08 26.16
C SER B 462 -12.19 -18.86 25.73
N SER B 463 -12.02 -20.14 25.38
CA SER B 463 -13.16 -20.92 24.96
C SER B 463 -14.14 -21.16 26.10
N LEU B 464 -13.64 -21.15 27.34
CA LEU B 464 -14.54 -21.26 28.49
C LEU B 464 -15.32 -19.97 28.66
N LEU B 465 -14.62 -18.85 28.61
CA LEU B 465 -15.24 -17.54 28.83
C LEU B 465 -16.29 -17.19 27.80
N THR B 466 -16.09 -17.64 26.56
CA THR B 466 -17.00 -17.32 25.48
C THR B 466 -18.09 -18.37 25.29
N SER B 467 -18.11 -19.37 26.16
CA SER B 467 -19.12 -20.42 26.07
C SER B 467 -20.49 -19.89 26.44
N HIS B 468 -21.53 -20.44 25.83
CA HIS B 468 -22.89 -20.04 26.16
C HIS B 468 -23.39 -20.76 27.40
N GLU B 469 -22.70 -21.81 27.82
CA GLU B 469 -23.10 -22.59 28.97
C GLU B 469 -22.51 -21.99 30.25
N PRO B 470 -23.35 -21.60 31.22
CA PRO B 470 -22.98 -20.86 32.41
C PRO B 470 -21.99 -21.61 33.29
N GLU B 471 -21.96 -22.94 33.17
CA GLU B 471 -21.01 -23.73 33.94
C GLU B 471 -19.60 -23.49 33.42
N GLU B 472 -19.48 -23.38 32.11
CA GLU B 472 -18.18 -23.18 31.46
C GLU B 472 -17.72 -21.76 31.71
N VAL B 473 -18.67 -20.84 31.67
CA VAL B 473 -18.37 -19.43 31.92
C VAL B 473 -17.90 -19.26 33.34
N THR B 474 -18.55 -19.94 34.28
CA THR B 474 -18.16 -19.87 35.67
C THR B 474 -16.73 -20.37 35.85
N LYS B 475 -16.40 -21.49 35.24
CA LYS B 475 -15.03 -22.01 35.34
C LYS B 475 -14.04 -21.01 34.78
N GLY B 476 -14.38 -20.39 33.65
CA GLY B 476 -13.53 -19.39 33.05
C GLY B 476 -13.27 -18.24 34.02
N ASN B 477 -14.35 -17.72 34.62
CA ASN B 477 -14.23 -16.63 35.57
C ASN B 477 -13.48 -17.08 36.81
N GLY B 478 -13.63 -18.35 37.18
CA GLY B 478 -12.94 -18.90 38.33
C GLY B 478 -11.43 -18.78 38.18
N TYR B 479 -10.95 -18.93 36.94
CA TYR B 479 -9.51 -18.81 36.70
C TYR B 479 -9.06 -17.35 36.72
N LEU B 480 -9.87 -16.46 36.16
CA LEU B 480 -9.51 -15.05 36.16
C LEU B 480 -9.55 -14.48 37.56
N GLN B 481 -10.48 -14.95 38.37
CA GLN B 481 -10.68 -14.46 39.71
C GLN B 481 -9.44 -14.60 40.59
N LYS B 482 -8.64 -15.62 40.32
CA LYS B 482 -7.43 -15.86 41.08
C LYS B 482 -6.37 -14.80 40.85
N MET B 483 -6.46 -14.10 39.73
CA MET B 483 -5.43 -13.14 39.34
C MET B 483 -5.63 -11.77 39.97
N VAL B 484 -5.36 -11.66 41.25
CA VAL B 484 -5.49 -10.37 41.92
C VAL B 484 -4.19 -9.99 42.62
N SER B 485 -3.25 -9.50 41.85
CA SER B 485 -1.93 -9.11 42.32
C SER B 485 -1.13 -8.50 41.18
N ILE B 486 -0.83 -7.21 41.27
CA ILE B 486 -0.15 -6.56 40.16
C ILE B 486 1.19 -7.25 39.87
N SER B 487 1.91 -7.60 40.93
CA SER B 487 3.21 -8.23 40.78
C SER B 487 3.15 -9.60 40.11
N ASP B 488 1.98 -10.24 40.15
CA ASP B 488 1.85 -11.56 39.53
C ASP B 488 1.30 -11.45 38.11
N ILE B 489 0.41 -10.48 37.90
CA ILE B 489 -0.19 -10.25 36.60
C ILE B 489 0.86 -9.86 35.58
N THR B 490 1.83 -9.06 36.02
CA THR B 490 2.88 -8.56 35.15
C THR B 490 4.01 -9.57 35.01
N SER B 491 3.87 -10.72 35.66
CA SER B 491 4.90 -11.74 35.64
C SER B 491 4.35 -13.10 35.20
N THR B 492 3.97 -13.93 36.16
CA THR B 492 3.55 -15.30 35.89
C THR B 492 2.40 -15.40 34.91
N TYR B 493 1.42 -14.53 35.01
CA TYR B 493 0.23 -14.67 34.20
C TYR B 493 0.21 -13.74 32.99
N SER B 494 1.32 -13.07 32.73
CA SER B 494 1.35 -12.13 31.62
C SER B 494 1.14 -12.85 30.29
N SER B 495 1.86 -13.94 30.09
CA SER B 495 1.79 -14.69 28.85
C SER B 495 0.40 -15.28 28.64
N LEU B 496 -0.18 -15.82 29.69
CA LEU B 496 -1.50 -16.44 29.59
C LEU B 496 -2.54 -15.42 29.16
N LEU B 497 -2.51 -14.24 29.77
CA LEU B 497 -3.49 -13.21 29.42
C LEU B 497 -3.32 -12.75 27.98
N ARG B 498 -2.08 -12.66 27.50
CA ARG B 498 -1.84 -12.25 26.13
C ARG B 498 -2.48 -13.21 25.14
N TYR B 499 -2.34 -14.50 25.38
CA TYR B 499 -2.92 -15.48 24.47
C TYR B 499 -4.44 -15.50 24.61
N THR B 500 -4.92 -15.34 25.83
CA THR B 500 -6.35 -15.37 26.10
C THR B 500 -7.06 -14.29 25.29
N CYS B 501 -6.51 -13.08 25.33
CA CYS B 501 -7.08 -11.95 24.61
C CYS B 501 -6.92 -12.09 23.10
N GLY B 502 -5.75 -12.52 22.66
CA GLY B 502 -5.45 -12.62 21.23
C GLY B 502 -6.43 -13.52 20.51
N SER B 503 -6.90 -14.57 21.18
CA SER B 503 -7.81 -15.52 20.57
C SER B 503 -9.27 -15.08 20.49
N SER B 504 -9.65 -14.02 21.19
CA SER B 504 -11.05 -13.61 21.20
C SER B 504 -11.33 -12.21 21.76
N VAL B 505 -12.21 -11.49 21.08
CA VAL B 505 -12.63 -10.17 21.52
C VAL B 505 -13.48 -10.28 22.79
N GLU B 506 -14.38 -11.26 22.81
CA GLU B 506 -15.23 -11.47 23.96
C GLU B 506 -14.41 -11.92 25.16
N ALA B 507 -13.39 -12.73 24.94
CA ALA B 507 -12.53 -13.13 26.04
C ALA B 507 -11.81 -11.90 26.57
N THR B 508 -11.41 -11.01 25.67
CA THR B 508 -10.74 -9.78 26.05
C THR B 508 -11.64 -8.94 26.94
N ARG B 509 -12.92 -8.83 26.57
CA ARG B 509 -13.84 -8.07 27.41
C ARG B 509 -13.81 -8.57 28.85
N ALA B 510 -13.88 -9.89 29.02
CA ALA B 510 -13.86 -10.46 30.37
C ALA B 510 -12.57 -10.14 31.10
N VAL B 511 -11.46 -10.21 30.38
CA VAL B 511 -10.17 -9.96 30.99
C VAL B 511 -9.98 -8.52 31.42
N MET B 512 -10.33 -7.58 30.55
CA MET B 512 -10.10 -6.18 30.88
C MET B 512 -11.00 -5.73 32.02
N LYS B 513 -12.23 -6.23 32.06
CA LYS B 513 -13.13 -5.86 33.13
C LYS B 513 -12.56 -6.32 34.47
N HIS B 514 -11.98 -7.51 34.49
CA HIS B 514 -11.35 -8.03 35.68
C HIS B 514 -10.11 -7.23 36.08
N LEU B 515 -9.20 -7.04 35.13
CA LEU B 515 -7.92 -6.41 35.45
C LEU B 515 -8.08 -5.00 35.96
N ALA B 516 -9.07 -4.29 35.43
CA ALA B 516 -9.31 -2.91 35.83
C ALA B 516 -9.70 -2.82 37.31
N ALA B 517 -10.12 -3.92 37.90
CA ALA B 517 -10.56 -3.93 39.28
C ALA B 517 -9.44 -4.32 40.26
N VAL B 518 -8.25 -4.60 39.74
CA VAL B 518 -7.14 -5.00 40.61
C VAL B 518 -6.36 -3.80 41.11
N TYR B 519 -6.17 -3.71 42.42
CA TYR B 519 -5.43 -2.59 42.99
C TYR B 519 -4.30 -3.07 43.88
N GLN B 520 -4.39 -4.31 44.33
CA GLN B 520 -3.41 -4.87 45.24
C GLN B 520 -2.07 -5.01 44.54
N HIS B 521 -1.01 -4.50 45.16
CA HIS B 521 0.30 -4.51 44.54
C HIS B 521 0.92 -5.89 44.48
N GLY B 522 0.63 -6.71 45.49
CA GLY B 522 1.28 -8.01 45.56
C GLY B 522 2.62 -7.85 46.23
N CYS B 523 3.61 -8.60 45.75
CA CYS B 523 4.93 -8.60 46.37
C CYS B 523 5.88 -7.65 45.65
N LEU B 524 6.36 -6.63 46.34
CA LEU B 524 7.25 -5.64 45.74
C LEU B 524 8.71 -5.99 45.97
N LEU B 525 8.96 -7.15 46.57
CA LEU B 525 10.33 -7.55 46.84
C LEU B 525 10.95 -8.15 45.57
N GLY B 526 12.08 -7.59 45.17
CA GLY B 526 12.74 -8.01 43.94
C GLY B 526 12.25 -7.17 42.77
N LEU B 527 12.89 -7.34 41.61
CA LEU B 527 12.55 -6.59 40.40
C LEU B 527 12.79 -5.10 40.53
N SER B 528 13.56 -4.70 41.55
CA SER B 528 13.90 -3.30 41.77
C SER B 528 14.87 -2.82 40.72
N ILE B 529 15.48 -3.77 40.02
CA ILE B 529 16.47 -3.50 38.99
C ILE B 529 15.84 -2.98 37.70
N ALA B 530 14.51 -3.08 37.62
CA ALA B 530 13.80 -2.60 36.45
C ALA B 530 13.98 -1.09 36.34
N LYS B 531 14.02 -0.58 35.10
CA LYS B 531 14.22 0.85 34.88
C LYS B 531 15.58 1.29 35.39
N ARG B 532 16.60 1.10 34.56
CA ARG B 532 18.00 1.35 34.91
C ARG B 532 18.26 2.51 35.90
N PRO B 533 17.63 3.69 35.76
CA PRO B 533 17.80 4.83 36.64
C PRO B 533 17.12 4.58 37.98
N LEU B 534 17.58 3.56 38.70
CA LEU B 534 16.99 3.14 39.97
C LEU B 534 16.77 4.33 40.88
N TRP B 535 17.80 5.14 41.02
CA TRP B 535 17.71 6.35 41.81
C TRP B 535 18.04 7.55 40.92
N ARG B 536 17.40 7.59 39.76
CA ARG B 536 17.60 8.65 38.79
C ARG B 536 19.08 8.74 38.44
N GLN B 537 19.67 7.57 38.19
CA GLN B 537 21.09 7.43 37.90
C GLN B 537 21.95 7.99 39.03
N GLU B 538 21.56 7.67 40.27
CA GLU B 538 22.27 8.10 41.47
C GLU B 538 22.53 9.60 41.45
N SER B 539 21.49 10.37 41.19
CA SER B 539 21.61 11.82 41.09
C SER B 539 20.54 12.55 41.87
N LEU B 540 19.32 12.52 41.34
CA LEU B 540 18.22 13.28 41.92
C LEU B 540 17.59 12.53 43.08
N GLN B 541 16.88 13.27 43.94
CA GLN B 541 16.21 12.74 45.12
C GLN B 541 17.17 12.62 46.30
N SER B 542 16.83 13.32 47.37
CA SER B 542 17.67 13.41 48.56
C SER B 542 17.45 12.22 49.47
N VAL B 543 17.81 12.38 50.74
CA VAL B 543 17.68 11.32 51.74
C VAL B 543 16.22 10.99 52.02
N LYS B 544 15.32 11.87 51.60
CA LYS B 544 13.89 11.64 51.79
C LYS B 544 13.30 10.93 50.58
N ASN B 545 12.15 10.32 50.77
CA ASN B 545 11.49 9.54 49.70
C ASN B 545 12.35 8.35 49.27
N THR B 546 13.06 7.77 50.23
CA THR B 546 13.92 6.62 49.96
C THR B 546 13.20 5.32 50.27
N THR B 547 11.97 5.43 50.75
CA THR B 547 11.16 4.27 51.07
C THR B 547 11.08 3.40 49.82
N GLU B 548 11.36 2.12 49.97
CA GLU B 548 11.38 1.26 48.81
C GLU B 548 10.03 1.27 48.12
N GLN B 549 8.96 1.31 48.89
CA GLN B 549 7.62 1.32 48.30
C GLN B 549 7.40 2.57 47.46
N GLU B 550 7.94 3.69 47.91
CA GLU B 550 7.71 4.95 47.21
C GLU B 550 8.14 4.85 45.76
N ILE B 551 9.24 4.14 45.51
CA ILE B 551 9.73 3.99 44.14
C ILE B 551 9.21 2.70 43.49
N LEU B 552 9.11 1.63 44.26
CA LEU B 552 8.71 0.35 43.68
C LEU B 552 7.27 0.32 43.23
N LYS B 553 6.40 1.02 43.94
CA LYS B 553 5.00 1.05 43.54
C LYS B 553 4.85 1.69 42.16
N ALA B 554 5.61 2.77 41.93
CA ALA B 554 5.56 3.43 40.63
C ALA B 554 6.06 2.49 39.54
N ILE B 555 7.12 1.75 39.82
CA ILE B 555 7.66 0.82 38.84
C ILE B 555 6.64 -0.27 38.57
N ASN B 556 6.03 -0.77 39.64
CA ASN B 556 5.04 -1.84 39.54
C ASN B 556 3.91 -1.44 38.60
N ILE B 557 3.41 -0.21 38.77
CA ILE B 557 2.36 0.28 37.89
C ILE B 557 2.85 0.44 36.47
N ASN B 558 4.04 0.98 36.28
CA ASN B 558 4.52 1.18 34.91
C ASN B 558 4.48 -0.13 34.14
N SER B 559 4.87 -1.23 34.78
CA SER B 559 4.83 -2.54 34.15
C SER B 559 3.40 -2.97 33.86
N PHE B 560 2.48 -2.61 34.74
CA PHE B 560 1.08 -2.95 34.60
C PHE B 560 0.46 -2.23 33.42
N VAL B 561 0.78 -0.96 33.28
CA VAL B 561 0.27 -0.17 32.17
C VAL B 561 0.81 -0.69 30.84
N GLU B 562 2.08 -1.02 30.80
CA GLU B 562 2.65 -1.57 29.58
C GLU B 562 1.96 -2.87 29.21
N CYS B 563 1.62 -3.69 30.22
CA CYS B 563 0.91 -4.93 29.95
C CYS B 563 -0.43 -4.64 29.30
N GLY B 564 -1.13 -3.61 29.80
CA GLY B 564 -2.41 -3.23 29.23
C GLY B 564 -2.26 -2.85 27.75
N ILE B 565 -1.18 -2.13 27.44
CA ILE B 565 -0.95 -1.72 26.07
C ILE B 565 -0.71 -2.93 25.17
N HIS B 566 0.09 -3.88 25.65
CA HIS B 566 0.38 -5.06 24.87
C HIS B 566 -0.87 -5.89 24.61
N LEU B 567 -1.75 -5.98 25.61
CA LEU B 567 -2.98 -6.74 25.43
C LEU B 567 -3.85 -6.08 24.36
N TYR B 568 -3.86 -4.75 24.34
CA TYR B 568 -4.63 -4.04 23.33
C TYR B 568 -4.14 -4.36 21.94
N GLN B 569 -2.82 -4.25 21.73
CA GLN B 569 -2.30 -4.52 20.40
C GLN B 569 -2.65 -5.93 19.96
N GLU B 570 -2.45 -6.89 20.85
CA GLU B 570 -2.71 -8.28 20.53
C GLU B 570 -4.17 -8.64 20.76
N SER B 571 -5.06 -7.94 20.07
CA SER B 571 -6.49 -8.20 20.17
C SER B 571 -7.13 -7.75 18.88
N THR B 572 -6.41 -6.89 18.17
CA THR B 572 -6.91 -6.27 16.96
C THR B 572 -8.40 -5.91 17.08
N SER B 573 -8.80 -5.37 18.23
CA SER B 573 -10.19 -4.99 18.46
C SER B 573 -10.49 -3.58 18.00
N LYS B 574 -9.44 -2.81 17.72
CA LYS B 574 -9.57 -1.43 17.29
C LYS B 574 -10.43 -0.61 18.25
N SER B 575 -11.53 -0.06 17.76
CA SER B 575 -12.40 0.78 18.59
C SER B 575 -13.48 -0.03 19.31
N ALA B 576 -13.58 -1.32 18.99
CA ALA B 576 -14.64 -2.15 19.54
C ALA B 576 -14.61 -2.17 21.06
N LEU B 577 -13.41 -2.12 21.63
CA LEU B 577 -13.27 -2.18 23.07
C LEU B 577 -12.71 -0.89 23.64
N SER B 578 -13.08 0.25 23.05
CA SER B 578 -12.59 1.54 23.48
C SER B 578 -12.99 1.89 24.90
N GLN B 579 -14.02 1.25 25.44
CA GLN B 579 -14.46 1.57 26.79
C GLN B 579 -13.72 0.74 27.83
N GLU B 580 -13.55 -0.54 27.56
CA GLU B 580 -12.85 -1.41 28.50
C GLU B 580 -11.40 -0.97 28.64
N PHE B 581 -10.81 -0.52 27.55
CA PHE B 581 -9.42 -0.10 27.56
C PHE B 581 -9.27 1.36 27.94
N GLU B 582 -10.36 1.98 28.37
CA GLU B 582 -10.28 3.33 28.90
C GLU B 582 -10.37 3.26 30.42
N ALA B 583 -11.28 2.43 30.90
CA ALA B 583 -11.50 2.25 32.33
C ALA B 583 -10.26 1.71 33.01
N PHE B 584 -9.55 0.82 32.31
CA PHE B 584 -8.34 0.21 32.84
C PHE B 584 -7.25 1.23 33.10
N PHE B 585 -6.97 2.07 32.11
CA PHE B 585 -5.87 3.02 32.17
C PHE B 585 -6.15 4.22 33.04
N GLN B 586 -7.41 4.62 33.15
CA GLN B 586 -7.72 5.81 33.91
C GLN B 586 -7.09 5.77 35.30
N GLY B 587 -6.35 6.83 35.63
CA GLY B 587 -5.73 6.98 36.93
C GLY B 587 -4.32 6.39 37.00
N LYS B 588 -3.87 5.75 35.93
CA LYS B 588 -2.55 5.14 35.93
C LYS B 588 -1.47 6.10 35.47
N SER B 589 -0.22 5.72 35.70
CA SER B 589 0.93 6.52 35.28
C SER B 589 1.63 5.89 34.08
N LEU B 590 2.58 6.61 33.50
CA LEU B 590 3.37 6.08 32.40
C LEU B 590 4.68 6.85 32.26
N TYR B 591 5.78 6.12 32.23
CA TYR B 591 7.11 6.73 32.12
C TYR B 591 7.73 6.48 30.76
N ILE B 592 8.21 7.54 30.13
CA ILE B 592 8.84 7.45 28.82
C ILE B 592 10.22 8.08 28.83
N ASN B 593 11.20 7.33 28.34
CA ASN B 593 12.56 7.83 28.22
C ASN B 593 12.73 8.49 26.86
N SER B 594 13.05 9.77 26.82
CA SER B 594 13.10 10.47 25.54
C SER B 594 14.15 9.87 24.62
N GLY B 595 15.15 9.23 25.21
CA GLY B 595 16.25 8.63 24.45
C GLY B 595 15.93 7.18 24.07
N ASN B 596 14.76 6.71 24.47
CA ASN B 596 14.34 5.35 24.19
C ASN B 596 12.83 5.25 24.19
N ILE B 597 12.24 5.39 23.00
CA ILE B 597 10.80 5.40 22.84
C ILE B 597 10.34 4.20 22.00
N PRO B 598 9.88 3.13 22.62
CA PRO B 598 9.34 1.93 21.99
C PRO B 598 8.23 2.27 21.05
N ASP B 599 8.17 1.54 19.93
CA ASP B 599 7.17 1.79 18.91
C ASP B 599 5.73 1.59 19.38
N TYR B 600 5.52 0.74 20.38
CA TYR B 600 4.16 0.51 20.85
C TYR B 600 3.54 1.76 21.45
N LEU B 601 4.37 2.70 21.88
CA LEU B 601 3.83 3.94 22.43
C LEU B 601 3.17 4.75 21.35
N PHE B 602 3.69 4.64 20.12
CA PHE B 602 3.09 5.36 19.02
C PHE B 602 1.72 4.79 18.73
N ASP B 603 1.60 3.46 18.76
CA ASP B 603 0.31 2.83 18.53
C ASP B 603 -0.68 3.20 19.62
N PHE B 604 -0.21 3.25 20.86
CA PHE B 604 -1.09 3.59 21.97
C PHE B 604 -1.66 4.99 21.79
N PHE B 605 -0.80 5.98 21.56
CA PHE B 605 -1.29 7.34 21.40
C PHE B 605 -2.08 7.51 20.10
N GLU B 606 -1.64 6.84 19.03
CA GLU B 606 -2.26 7.00 17.73
C GLU B 606 -3.62 6.32 17.58
N HIS B 607 -3.76 5.11 18.11
CA HIS B 607 -4.98 4.36 17.88
C HIS B 607 -5.94 4.31 19.06
N LEU B 608 -5.50 4.76 20.23
CA LEU B 608 -6.40 4.68 21.38
C LEU B 608 -6.50 6.02 22.14
N PRO B 609 -7.05 7.06 21.50
CA PRO B 609 -7.31 8.35 22.05
C PRO B 609 -8.42 8.21 23.06
N ASN B 610 -8.50 9.15 23.99
CA ASN B 610 -9.45 9.16 25.09
C ASN B 610 -9.02 8.20 26.19
N CYS B 611 -8.06 7.34 25.88
CA CYS B 611 -7.46 6.50 26.88
C CYS B 611 -6.18 7.13 27.34
N ALA B 612 -5.34 7.52 26.39
CA ALA B 612 -4.08 8.15 26.72
C ALA B 612 -4.33 9.39 27.57
N SER B 613 -5.42 10.09 27.30
CA SER B 613 -5.79 11.29 28.02
C SER B 613 -6.43 10.98 29.39
N ALA B 614 -6.57 9.70 29.71
CA ALA B 614 -7.13 9.30 30.99
C ALA B 614 -6.01 9.09 32.01
N LEU B 615 -4.77 9.19 31.55
CA LEU B 615 -3.60 8.99 32.40
C LEU B 615 -3.27 10.28 33.14
N ASP B 616 -2.75 10.16 34.36
CA ASP B 616 -2.47 11.35 35.16
C ASP B 616 -1.00 11.75 35.23
N PHE B 617 -0.15 11.18 34.38
CA PHE B 617 1.26 11.54 34.47
C PHE B 617 1.93 11.82 33.13
N ILE B 618 2.39 10.76 32.45
CA ILE B 618 3.21 10.93 31.25
C ILE B 618 4.48 11.69 31.59
N LYS B 619 5.50 10.97 32.02
CA LYS B 619 6.76 11.62 32.37
C LYS B 619 7.83 11.43 31.32
N LEU B 620 8.46 12.53 30.91
CA LEU B 620 9.54 12.49 29.92
C LEU B 620 10.89 12.84 30.52
N ASP B 621 11.82 11.90 30.39
CA ASP B 621 13.17 12.11 30.88
C ASP B 621 14.16 12.48 29.78
N PHE B 622 14.68 13.71 29.85
CA PHE B 622 15.67 14.19 28.90
C PHE B 622 17.05 14.30 29.56
N ILE B 650 17.22 16.66 22.51
CA ILE B 650 15.80 16.50 22.21
C ILE B 650 15.61 15.82 20.86
N PRO B 651 15.49 14.50 20.84
CA PRO B 651 15.28 13.65 19.67
C PRO B 651 14.01 14.00 18.93
N SER B 652 14.03 13.91 17.62
CA SER B 652 12.87 14.20 16.80
C SER B 652 11.71 13.25 17.11
N ARG B 653 12.02 12.05 17.59
CA ARG B 653 10.97 11.10 17.92
C ARG B 653 10.09 11.61 19.05
N ALA B 654 10.70 12.31 20.01
CA ALA B 654 9.93 12.84 21.12
C ALA B 654 8.96 13.89 20.62
N VAL B 655 9.41 14.66 19.65
CA VAL B 655 8.59 15.71 19.07
C VAL B 655 7.47 15.12 18.22
N SER B 656 7.80 14.15 17.39
CA SER B 656 6.82 13.54 16.50
C SER B 656 5.75 12.79 17.27
N LEU B 657 6.11 12.20 18.39
CA LEU B 657 5.14 11.45 19.18
C LEU B 657 4.12 12.38 19.83
N PHE B 658 4.59 13.47 20.44
CA PHE B 658 3.70 14.37 21.18
C PHE B 658 3.05 15.47 20.35
N PHE B 659 3.71 15.95 19.31
CA PHE B 659 3.16 17.05 18.53
C PHE B 659 2.20 16.50 17.49
N ASN B 660 0.94 16.36 17.89
CA ASN B 660 -0.08 15.74 17.06
C ASN B 660 -1.39 16.49 17.19
N TRP B 661 -2.42 16.03 16.48
CA TRP B 661 -3.69 16.74 16.44
C TRP B 661 -4.80 16.00 17.18
N LYS B 662 -4.44 15.15 18.13
CA LYS B 662 -5.48 14.32 18.72
C LYS B 662 -6.12 14.93 19.96
N GLN B 663 -5.32 15.22 20.97
CA GLN B 663 -5.87 15.71 22.23
C GLN B 663 -4.77 16.08 23.21
N GLU B 664 -5.13 16.80 24.25
CA GLU B 664 -4.17 17.16 25.29
C GLU B 664 -4.19 16.17 26.43
N PHE B 665 -3.03 15.96 27.06
CA PHE B 665 -2.93 15.08 28.21
C PHE B 665 -3.31 15.81 29.48
N ARG B 666 -3.85 15.10 30.45
CA ARG B 666 -4.23 15.73 31.72
C ARG B 666 -3.05 16.42 32.37
N THR B 667 -1.92 15.74 32.38
CA THR B 667 -0.69 16.26 32.92
C THR B 667 0.46 15.80 32.05
N LEU B 668 1.47 16.63 31.94
CA LEU B 668 2.73 16.28 31.30
C LEU B 668 3.86 16.71 32.20
N GLU B 669 4.78 15.80 32.50
CA GLU B 669 5.89 16.16 33.36
C GLU B 669 7.20 15.99 32.62
N VAL B 670 7.99 17.06 32.55
CA VAL B 670 9.24 17.02 31.81
C VAL B 670 10.43 17.31 32.71
N THR B 671 11.38 16.39 32.74
CA THR B 671 12.59 16.61 33.53
C THR B 671 13.83 16.67 32.65
N LEU B 672 14.59 17.74 32.83
CA LEU B 672 15.84 17.94 32.08
C LEU B 672 17.03 17.65 32.98
N ARG B 673 17.81 16.63 32.64
CA ARG B 673 18.93 16.25 33.50
C ARG B 673 20.29 16.42 32.84
N ASP B 674 20.34 16.41 31.51
CA ASP B 674 21.64 16.44 30.83
C ASP B 674 21.73 17.55 29.77
N PHE B 675 21.83 18.79 30.22
CA PHE B 675 21.95 19.94 29.32
C PHE B 675 23.03 20.92 29.71
N SER B 676 24.25 20.65 29.26
CA SER B 676 25.37 21.56 29.51
C SER B 676 25.27 22.77 28.57
N LYS B 677 24.54 22.59 27.48
CA LYS B 677 24.29 23.64 26.51
C LYS B 677 22.88 23.54 25.95
N LEU B 678 22.22 24.68 25.78
CA LEU B 678 20.87 24.71 25.21
C LEU B 678 20.86 25.54 23.93
N ASN B 679 20.43 24.94 22.83
CA ASN B 679 20.40 25.63 21.54
C ASN B 679 19.09 26.40 21.35
N LYS B 680 18.98 27.11 20.22
CA LYS B 680 17.76 27.83 19.90
C LYS B 680 16.76 26.87 19.28
N GLN B 681 17.28 25.91 18.52
CA GLN B 681 16.43 24.92 17.90
C GLN B 681 15.90 23.97 18.95
N ASP B 682 16.69 23.77 20.01
CA ASP B 682 16.27 22.94 21.11
C ASP B 682 15.06 23.55 21.79
N ILE B 683 15.09 24.86 21.96
CA ILE B 683 13.96 25.56 22.58
C ILE B 683 12.73 25.45 21.69
N ARG B 684 12.93 25.64 20.38
CA ARG B 684 11.83 25.57 19.44
C ARG B 684 11.14 24.21 19.48
N TYR B 685 11.93 23.14 19.57
CA TYR B 685 11.35 21.79 19.64
C TYR B 685 10.71 21.51 20.99
N LEU B 686 11.35 21.96 22.06
CA LEU B 686 10.84 21.70 23.40
C LEU B 686 9.47 22.36 23.56
N GLY B 687 9.31 23.53 22.96
CA GLY B 687 8.07 24.28 23.03
C GLY B 687 6.91 23.58 22.32
N LYS B 688 7.23 22.58 21.49
CA LYS B 688 6.18 21.84 20.80
C LYS B 688 5.73 20.70 21.69
N ILE B 689 6.68 20.07 22.36
CA ILE B 689 6.39 18.97 23.28
C ILE B 689 5.49 19.43 24.42
N PHE B 690 5.75 20.63 24.92
CA PHE B 690 4.95 21.21 26.00
C PHE B 690 3.51 21.50 25.59
N SER B 691 3.25 21.51 24.29
CA SER B 691 1.94 21.90 23.77
C SER B 691 0.83 20.93 24.17
N SER B 692 1.10 19.63 24.10
CA SER B 692 0.07 18.63 24.31
C SER B 692 -0.20 18.35 25.79
N ALA B 693 -0.58 19.39 26.53
CA ALA B 693 -0.89 19.22 27.93
C ALA B 693 -1.82 20.30 28.43
N THR B 694 -2.73 19.92 29.33
CA THR B 694 -3.58 20.90 29.98
C THR B 694 -2.91 21.43 31.22
N SER B 695 -1.85 20.75 31.63
CA SER B 695 -1.11 21.10 32.84
C SER B 695 0.33 20.62 32.76
N LEU B 696 1.28 21.54 32.87
CA LEU B 696 2.68 21.19 32.76
C LEU B 696 3.44 21.35 34.07
N ARG B 697 4.24 20.34 34.37
CA ARG B 697 5.18 20.38 35.49
C ARG B 697 6.58 20.22 34.95
N LEU B 698 7.42 21.23 35.19
CA LEU B 698 8.75 21.24 34.62
C LEU B 698 9.83 21.18 35.68
N GLN B 699 10.77 20.24 35.51
CA GLN B 699 11.88 20.10 36.42
C GLN B 699 13.20 20.27 35.70
N ILE B 700 13.99 21.22 36.15
CA ILE B 700 15.30 21.46 35.57
C ILE B 700 16.35 21.16 36.60
N LYS B 701 17.12 20.11 36.38
CA LYS B 701 18.02 19.69 37.43
C LYS B 701 19.46 19.56 36.98
N ARG B 702 20.33 20.27 37.70
CA ARG B 702 21.77 20.21 37.52
C ARG B 702 22.19 20.50 36.09
N CYS B 703 21.54 21.47 35.49
CA CYS B 703 21.88 21.89 34.13
C CYS B 703 22.32 23.34 34.14
N ALA B 704 23.43 23.64 33.47
CA ALA B 704 23.95 25.00 33.42
C ALA B 704 23.66 25.68 32.10
N GLY B 705 23.40 24.90 31.05
CA GLY B 705 23.21 25.48 29.72
C GLY B 705 21.87 26.20 29.61
N VAL B 706 21.04 26.00 30.62
CA VAL B 706 19.72 26.60 30.67
C VAL B 706 19.75 28.01 31.23
N ALA B 707 20.82 28.35 31.94
CA ALA B 707 20.89 29.64 32.61
C ALA B 707 21.00 30.75 31.58
N GLY B 708 20.21 31.80 31.75
CA GLY B 708 20.22 32.93 30.83
C GLY B 708 19.22 32.72 29.70
N SER B 709 18.69 31.50 29.59
CA SER B 709 17.74 31.16 28.54
C SER B 709 16.43 30.65 29.12
N LEU B 710 16.31 30.58 30.44
CA LEU B 710 15.10 30.04 31.04
C LEU B 710 13.92 30.91 30.69
N SER B 711 14.14 32.23 30.67
CA SER B 711 13.09 33.18 30.31
C SER B 711 12.65 33.01 28.86
N LEU B 712 13.43 32.28 28.06
CA LEU B 712 13.09 32.03 26.66
C LEU B 712 12.39 30.69 26.48
N VAL B 713 12.24 29.96 27.59
CA VAL B 713 11.58 28.67 27.58
C VAL B 713 10.23 28.77 28.27
N LEU B 714 10.23 29.43 29.42
CA LEU B 714 9.00 29.59 30.20
C LEU B 714 8.03 30.52 29.47
N SER B 715 8.53 31.30 28.54
CA SER B 715 7.72 32.25 27.81
C SER B 715 6.70 31.56 26.91
N THR B 716 6.94 30.28 26.62
CA THR B 716 6.04 29.52 25.77
C THR B 716 5.20 28.55 26.59
N CYS B 717 5.29 28.67 27.92
CA CYS B 717 4.56 27.79 28.81
C CYS B 717 3.46 28.53 29.54
N LYS B 718 2.27 28.52 28.96
CA LYS B 718 1.13 29.21 29.54
C LYS B 718 0.29 28.23 30.34
N ASN B 719 0.72 26.98 30.33
CA ASN B 719 0.03 25.89 30.99
C ASN B 719 0.88 25.28 32.11
N ILE B 720 1.83 26.04 32.62
CA ILE B 720 2.74 25.55 33.65
C ILE B 720 2.25 25.91 35.05
N TYR B 721 2.21 24.92 35.93
CA TYR B 721 1.74 25.16 37.29
C TYR B 721 2.82 24.85 38.31
N SER B 722 3.84 24.10 37.91
CA SER B 722 4.88 23.71 38.85
C SER B 722 6.27 23.77 38.22
N LEU B 723 7.17 24.49 38.89
CA LEU B 723 8.54 24.65 38.41
C LEU B 723 9.57 24.34 39.49
N MET B 724 10.45 23.38 39.20
CA MET B 724 11.51 23.03 40.13
C MET B 724 12.87 23.20 39.48
N VAL B 725 13.78 23.87 40.17
CA VAL B 725 15.12 24.10 39.62
C VAL B 725 16.21 23.74 40.64
N GLU B 726 17.13 22.86 40.23
CA GLU B 726 18.20 22.46 41.14
C GLU B 726 19.60 22.72 40.61
N ALA B 727 20.37 23.47 41.38
CA ALA B 727 21.77 23.71 41.08
C ALA B 727 21.96 24.31 39.70
N SER B 728 21.14 25.30 39.38
CA SER B 728 21.26 26.02 38.13
C SER B 728 21.68 27.47 38.38
N PRO B 729 22.77 27.95 37.76
CA PRO B 729 23.33 29.27 37.91
C PRO B 729 22.48 30.29 37.17
N LEU B 730 21.24 30.45 37.62
CA LEU B 730 20.27 31.33 36.96
C LEU B 730 20.65 32.79 37.15
N THR B 731 20.24 33.61 36.18
CA THR B 731 20.46 35.05 36.29
C THR B 731 19.21 35.78 36.76
N ILE B 732 19.34 37.09 36.93
CA ILE B 732 18.25 37.91 37.42
C ILE B 732 17.12 37.95 36.42
N GLU B 733 17.47 38.00 35.14
CA GLU B 733 16.46 38.02 34.09
C GLU B 733 15.57 36.77 34.17
N ASP B 734 16.16 35.63 34.55
CA ASP B 734 15.40 34.39 34.64
C ASP B 734 14.52 34.41 35.87
N GLU B 735 15.07 34.92 36.97
CA GLU B 735 14.33 34.97 38.22
C GLU B 735 13.14 35.91 38.13
N ARG B 736 13.31 37.02 37.41
CA ARG B 736 12.23 37.98 37.23
C ARG B 736 11.10 37.36 36.39
N HIS B 737 11.47 36.51 35.44
CA HIS B 737 10.48 35.81 34.66
C HIS B 737 9.69 34.86 35.56
N ILE B 738 10.39 34.13 36.43
CA ILE B 738 9.73 33.18 37.32
C ILE B 738 8.71 33.88 38.20
N THR B 739 9.09 35.02 38.76
CA THR B 739 8.20 35.75 39.66
C THR B 739 7.08 36.45 38.91
N SER B 740 7.06 36.32 37.59
CA SER B 740 6.00 36.90 36.77
C SER B 740 4.90 35.88 36.48
N VAL B 741 5.15 34.60 36.76
CA VAL B 741 4.19 33.57 36.43
C VAL B 741 3.16 33.44 37.55
N THR B 742 2.14 34.28 37.50
CA THR B 742 1.20 34.39 38.61
C THR B 742 0.29 33.19 38.75
N ASN B 743 0.25 32.35 37.73
CA ASN B 743 -0.57 31.14 37.78
C ASN B 743 0.22 29.94 38.27
N LEU B 744 1.44 30.16 38.74
CA LEU B 744 2.26 29.09 39.29
C LEU B 744 1.74 28.68 40.67
N LYS B 745 1.71 27.37 40.93
CA LYS B 745 1.28 26.89 42.24
C LYS B 745 2.43 26.34 43.07
N THR B 746 3.39 25.70 42.40
CA THR B 746 4.52 25.11 43.11
C THR B 746 5.84 25.66 42.61
N LEU B 747 6.66 26.15 43.53
CA LEU B 747 7.99 26.63 43.20
C LEU B 747 9.02 26.01 44.09
N SER B 748 9.98 25.32 43.50
CA SER B 748 11.02 24.68 44.31
C SER B 748 12.41 24.97 43.80
N ILE B 749 13.19 25.68 44.61
CA ILE B 749 14.53 26.05 44.24
C ILE B 749 15.56 25.41 45.17
N HIS B 750 16.56 24.76 44.58
CA HIS B 750 17.63 24.14 45.34
C HIS B 750 19.01 24.66 44.91
N ASP B 751 19.88 24.88 45.89
CA ASP B 751 21.29 25.21 45.68
C ASP B 751 21.54 26.49 44.87
N LEU B 752 20.74 27.53 45.10
CA LEU B 752 20.96 28.82 44.46
C LEU B 752 21.91 29.63 45.32
N GLN B 753 23.08 29.99 44.78
CA GLN B 753 24.11 30.63 45.58
C GLN B 753 24.51 32.00 45.06
N ASN B 754 23.56 32.72 44.48
CA ASN B 754 23.87 34.03 43.92
C ASN B 754 24.26 35.05 44.98
N GLN B 755 23.66 34.93 46.16
CA GLN B 755 23.92 35.85 47.29
C GLN B 755 23.45 37.28 47.04
N ARG B 756 23.43 37.72 45.78
CA ARG B 756 22.99 39.06 45.43
C ARG B 756 21.86 38.96 44.42
N LEU B 757 20.69 39.43 44.83
CA LEU B 757 19.50 39.31 44.01
C LEU B 757 18.76 40.65 43.85
N PRO B 758 19.35 41.62 43.17
CA PRO B 758 18.86 42.99 43.02
C PRO B 758 17.65 43.04 42.11
N GLY B 759 16.51 42.70 42.65
CA GLY B 759 15.30 42.57 41.86
C GLY B 759 15.12 41.14 41.38
N GLY B 760 15.77 40.20 42.08
CA GLY B 760 15.70 38.79 41.73
C GLY B 760 14.58 38.08 42.48
N LEU B 761 14.66 36.76 42.52
CA LEU B 761 13.63 35.90 43.11
C LEU B 761 13.26 36.25 44.54
N THR B 762 14.24 36.56 45.36
CA THR B 762 13.98 36.78 46.77
C THR B 762 13.72 38.25 47.08
N ASP B 763 13.72 39.08 46.03
CA ASP B 763 13.51 40.51 46.19
C ASP B 763 12.05 40.80 46.51
N SER B 764 11.15 40.01 45.93
CA SER B 764 9.73 40.19 46.13
C SER B 764 9.06 38.88 46.50
N LEU B 765 8.76 38.08 45.47
CA LEU B 765 8.12 36.77 45.61
C LEU B 765 6.69 36.89 46.16
N GLY B 766 6.17 38.11 46.21
CA GLY B 766 4.81 38.34 46.67
C GLY B 766 3.84 38.34 45.51
N ASN B 767 4.38 38.09 44.31
CA ASN B 767 3.58 38.10 43.09
C ASN B 767 2.85 36.78 42.91
N LEU B 768 3.46 35.71 43.38
CA LEU B 768 2.92 34.37 43.15
C LEU B 768 1.86 34.07 44.19
N LYS B 769 0.77 34.82 44.12
CA LYS B 769 -0.31 34.76 45.09
C LYS B 769 -1.03 33.43 45.09
N ASN B 770 -0.89 32.67 44.01
CA ASN B 770 -1.56 31.38 43.89
C ASN B 770 -0.65 30.24 44.32
N LEU B 771 0.52 30.58 44.84
CA LEU B 771 1.48 29.57 45.27
C LEU B 771 1.00 28.84 46.52
N THR B 772 1.12 27.51 46.51
CA THR B 772 0.75 26.71 47.67
C THR B 772 1.93 25.97 48.28
N LYS B 773 2.96 25.70 47.47
CA LYS B 773 4.12 24.93 47.92
C LYS B 773 5.44 25.65 47.60
N LEU B 774 6.17 26.03 48.65
CA LEU B 774 7.41 26.78 48.46
C LEU B 774 8.62 26.08 49.08
N ILE B 775 9.59 25.75 48.24
CA ILE B 775 10.82 25.13 48.72
C ILE B 775 12.00 26.09 48.48
N MET B 776 12.76 26.38 49.52
CA MET B 776 13.91 27.27 49.39
C MET B 776 15.14 26.64 50.01
N ASP B 777 15.67 25.64 49.31
CA ASP B 777 16.72 24.76 49.81
C ASP B 777 18.13 25.23 49.51
N ASN B 778 18.89 25.54 50.55
CA ASN B 778 20.27 25.97 50.42
C ASN B 778 20.44 27.21 49.57
N ILE B 779 19.60 28.21 49.83
CA ILE B 779 19.74 29.47 49.11
C ILE B 779 20.55 30.45 49.94
N LYS B 780 21.61 30.98 49.34
CA LYS B 780 22.47 31.90 50.06
C LYS B 780 21.86 33.29 50.05
N MET B 781 21.86 33.93 51.22
CA MET B 781 21.22 35.24 51.37
C MET B 781 22.12 36.19 52.14
N ASN B 782 21.89 37.50 51.93
CA ASN B 782 22.71 38.57 52.49
C ASN B 782 22.23 39.05 53.85
N GLU B 783 21.40 38.26 54.53
CA GLU B 783 20.83 38.57 55.85
C GLU B 783 19.72 39.62 55.75
N GLU B 784 20.06 40.78 55.21
CA GLU B 784 19.14 41.90 55.12
C GLU B 784 17.89 41.57 54.33
N ASP B 785 18.03 40.74 53.29
CA ASP B 785 16.90 40.37 52.43
C ASP B 785 15.87 39.54 53.19
N ALA B 786 16.19 39.14 54.42
CA ALA B 786 15.23 38.40 55.21
C ALA B 786 13.95 39.21 55.34
N ILE B 787 14.09 40.53 55.37
CA ILE B 787 12.91 41.39 55.48
C ILE B 787 12.09 41.31 54.21
N LYS B 788 12.76 41.43 53.07
CA LYS B 788 12.07 41.40 51.78
C LYS B 788 11.41 40.04 51.57
N LEU B 789 12.09 38.98 51.96
CA LEU B 789 11.54 37.64 51.83
C LEU B 789 10.36 37.47 52.75
N ALA B 790 10.48 37.98 53.98
CA ALA B 790 9.39 37.90 54.93
C ALA B 790 8.16 38.63 54.40
N GLU B 791 8.39 39.78 53.77
CA GLU B 791 7.29 40.56 53.20
C GLU B 791 6.64 39.82 52.05
N GLY B 792 7.44 39.12 51.26
CA GLY B 792 6.91 38.31 50.17
C GLY B 792 6.01 37.21 50.72
N LEU B 793 6.49 36.54 51.76
CA LEU B 793 5.77 35.42 52.37
C LEU B 793 4.42 35.87 52.91
N LYS B 794 4.35 37.10 53.41
CA LYS B 794 3.12 37.64 53.98
C LYS B 794 1.97 37.68 52.98
N ASN B 795 2.29 37.73 51.69
CA ASN B 795 1.25 37.85 50.67
C ASN B 795 0.82 36.49 50.13
N LEU B 796 1.50 35.43 50.55
CA LEU B 796 1.20 34.10 50.04
C LEU B 796 0.14 33.44 50.91
N LYS B 797 -1.08 33.96 50.81
CA LYS B 797 -2.17 33.60 51.70
C LYS B 797 -2.68 32.19 51.49
N LYS B 798 -2.33 31.57 50.36
CA LYS B 798 -2.78 30.23 50.05
C LYS B 798 -1.72 29.19 50.39
N MET B 799 -0.59 29.62 50.95
CA MET B 799 0.50 28.70 51.21
C MET B 799 0.08 27.59 52.16
N CYS B 800 0.48 26.37 51.81
CA CYS B 800 0.19 25.20 52.63
C CYS B 800 1.48 24.56 53.12
N LEU B 801 2.49 24.53 52.27
CA LEU B 801 3.75 23.88 52.61
C LEU B 801 4.94 24.83 52.54
N PHE B 802 5.62 25.01 53.66
CA PHE B 802 6.80 25.85 53.72
C PHE B 802 7.99 25.04 54.19
N HIS B 803 8.95 24.78 53.31
CA HIS B 803 10.05 23.90 53.70
C HIS B 803 11.39 24.58 53.92
N LEU B 804 11.57 25.80 53.41
CA LEU B 804 12.84 26.48 53.54
C LEU B 804 14.00 25.48 53.47
N THR B 805 14.76 25.37 54.57
CA THR B 805 15.87 24.44 54.80
C THR B 805 17.22 24.94 54.28
N HIS B 806 18.25 24.80 55.13
CA HIS B 806 19.62 25.20 54.79
C HIS B 806 19.74 26.66 54.39
N LEU B 807 19.08 27.57 55.08
CA LEU B 807 19.18 28.99 54.75
C LEU B 807 20.48 29.56 55.28
N SER B 808 21.59 29.11 54.70
CA SER B 808 22.92 29.52 55.10
C SER B 808 23.02 29.64 56.62
N ASP B 809 23.64 30.72 57.05
CA ASP B 809 23.64 31.08 58.45
C ASP B 809 23.60 32.59 58.56
N ILE B 810 22.40 33.15 58.59
CA ILE B 810 22.23 34.59 58.57
C ILE B 810 22.21 35.17 59.97
N GLY B 811 21.72 34.40 60.93
CA GLY B 811 21.58 34.91 62.28
C GLY B 811 20.43 35.91 62.29
N GLU B 812 20.77 37.18 62.10
CA GLU B 812 19.76 38.23 62.05
C GLU B 812 18.79 37.97 60.93
N GLY B 813 17.50 38.11 61.23
CA GLY B 813 16.48 37.92 60.22
C GLY B 813 15.79 36.56 60.32
N MET B 814 16.37 35.63 61.07
CA MET B 814 15.76 34.33 61.21
C MET B 814 14.36 34.46 61.81
N ASP B 815 14.18 35.49 62.61
CA ASP B 815 12.92 35.76 63.27
C ASP B 815 11.93 36.42 62.34
N TYR B 816 12.42 37.00 61.24
CA TYR B 816 11.54 37.67 60.30
C TYR B 816 10.77 36.62 59.52
N ILE B 817 11.45 35.53 59.22
CA ILE B 817 10.82 34.42 58.52
C ILE B 817 9.81 33.75 59.45
N VAL B 818 10.22 33.53 60.69
CA VAL B 818 9.34 32.93 61.68
C VAL B 818 8.16 33.84 62.00
N LYS B 819 8.43 35.14 62.14
CA LYS B 819 7.40 36.11 62.47
C LYS B 819 6.38 36.30 61.35
N SER B 820 6.83 36.27 60.09
CA SER B 820 5.92 36.47 58.97
C SER B 820 4.90 35.35 58.90
N LEU B 821 5.29 34.16 59.34
CA LEU B 821 4.36 33.04 59.38
C LEU B 821 3.75 32.96 60.77
N SER B 822 2.49 32.53 60.85
CA SER B 822 1.74 32.38 62.09
C SER B 822 1.27 33.75 62.63
N SER B 823 1.76 34.83 62.04
CA SER B 823 1.27 36.17 62.31
C SER B 823 0.16 36.44 61.30
N GLU B 824 -1.05 36.60 61.82
CA GLU B 824 -2.27 36.65 61.02
C GLU B 824 -2.61 35.21 60.65
N PRO B 825 -3.80 34.71 60.99
CA PRO B 825 -4.18 33.32 60.91
C PRO B 825 -3.72 32.68 59.61
N CYS B 826 -2.93 31.60 59.74
CA CYS B 826 -2.38 30.88 58.61
C CYS B 826 -2.96 29.48 58.51
N ASP B 827 -2.99 28.93 57.29
CA ASP B 827 -3.50 27.59 57.03
C ASP B 827 -2.39 26.60 56.68
N LEU B 828 -1.16 26.90 57.07
CA LEU B 828 -0.02 26.03 56.75
C LEU B 828 -0.20 24.64 57.35
N GLU B 829 0.09 23.63 56.54
CA GLU B 829 -0.01 22.24 56.97
C GLU B 829 1.35 21.69 57.42
N GLU B 830 2.40 22.18 56.80
CA GLU B 830 3.74 21.74 57.19
C GLU B 830 4.71 22.92 57.27
N ILE B 831 5.41 23.01 58.39
CA ILE B 831 6.42 24.04 58.57
C ILE B 831 7.76 23.41 58.90
N GLN B 832 8.64 23.41 57.92
CA GLN B 832 9.94 22.76 58.10
C GLN B 832 11.07 23.77 57.97
N LEU B 833 11.81 23.93 59.06
CA LEU B 833 12.92 24.85 59.12
C LEU B 833 14.16 24.14 59.64
N VAL B 834 14.83 23.42 58.75
CA VAL B 834 15.94 22.56 59.14
C VAL B 834 17.27 23.15 58.73
N SER B 835 18.20 23.15 59.68
CA SER B 835 19.53 23.69 59.45
C SER B 835 19.48 25.09 58.87
N CYS B 836 18.59 25.92 59.41
CA CYS B 836 18.40 27.27 58.91
C CYS B 836 18.91 28.31 59.89
N CYS B 837 19.38 27.84 61.05
CA CYS B 837 19.87 28.67 62.14
C CYS B 837 18.73 29.34 62.88
N LEU B 838 18.36 28.73 64.01
CA LEU B 838 17.33 29.27 64.87
C LEU B 838 17.93 29.72 66.19
N SER B 839 17.18 30.54 66.91
CA SER B 839 17.59 31.03 68.22
C SER B 839 16.45 30.89 69.18
N ALA B 840 16.75 31.00 70.47
CA ALA B 840 15.71 30.90 71.48
C ALA B 840 14.62 31.94 71.24
N ASN B 841 15.00 33.11 70.74
CA ASN B 841 14.03 34.15 70.46
C ASN B 841 13.12 33.76 69.31
N ALA B 842 13.70 33.20 68.26
CA ALA B 842 12.90 32.78 67.12
C ALA B 842 11.88 31.72 67.54
N VAL B 843 12.31 30.82 68.42
CA VAL B 843 11.43 29.76 68.91
C VAL B 843 10.34 30.33 69.80
N LYS B 844 10.70 31.25 70.69
CA LYS B 844 9.71 31.89 71.55
C LYS B 844 8.66 32.62 70.71
N ILE B 845 9.11 33.31 69.66
CA ILE B 845 8.18 34.04 68.80
C ILE B 845 7.20 33.08 68.16
N LEU B 846 7.69 31.97 67.64
CA LEU B 846 6.78 31.00 67.06
C LEU B 846 5.77 30.56 68.10
N ALA B 847 6.23 30.15 69.27
CA ALA B 847 5.35 29.62 70.31
C ALA B 847 4.29 30.64 70.70
N GLN B 848 4.69 31.91 70.76
CA GLN B 848 3.78 32.98 71.11
C GLN B 848 2.64 33.13 70.12
N ASN B 849 2.89 32.77 68.86
CA ASN B 849 1.87 32.93 67.83
C ASN B 849 1.09 31.64 67.55
N LEU B 850 1.30 30.60 68.35
CA LEU B 850 0.59 29.34 68.10
C LEU B 850 -0.79 29.34 68.75
N HIS B 851 -1.61 30.29 68.32
CA HIS B 851 -3.00 30.42 68.75
C HIS B 851 -3.91 30.11 67.58
N ASN B 852 -3.31 29.92 66.43
CA ASN B 852 -3.99 29.64 65.18
C ASN B 852 -3.21 28.52 64.51
N LEU B 853 -3.08 28.57 63.20
CA LEU B 853 -2.25 27.59 62.51
C LEU B 853 -2.75 26.18 62.78
N VAL B 854 -4.06 26.05 62.91
CA VAL B 854 -4.67 24.75 63.10
C VAL B 854 -4.54 23.98 61.80
N LYS B 855 -4.62 22.65 61.88
CA LYS B 855 -4.43 21.78 60.73
C LYS B 855 -2.95 21.66 60.38
N LEU B 856 -2.09 22.25 61.19
CA LEU B 856 -0.66 22.00 61.07
C LEU B 856 -0.38 20.59 61.53
N SER B 857 0.28 19.81 60.70
CA SER B 857 0.58 18.43 61.08
C SER B 857 2.06 18.23 61.31
N ILE B 858 2.89 18.89 60.51
CA ILE B 858 4.33 18.69 60.63
C ILE B 858 5.05 19.95 61.10
N LEU B 859 5.77 19.82 62.19
CA LEU B 859 6.57 20.92 62.70
C LEU B 859 7.93 20.38 63.15
N ASP B 860 9.00 20.87 62.52
CA ASP B 860 10.32 20.32 62.78
C ASP B 860 11.23 21.24 63.60
N LEU B 861 11.84 22.21 62.92
CA LEU B 861 12.79 23.14 63.54
C LEU B 861 14.04 22.42 64.05
N SER B 862 14.28 21.23 63.50
CA SER B 862 15.42 20.41 63.88
C SER B 862 16.72 20.90 63.27
N GLU B 863 17.82 20.41 63.81
CA GLU B 863 19.17 20.74 63.37
C GLU B 863 19.47 22.23 63.42
N ASN B 864 18.97 22.88 64.46
CA ASN B 864 19.22 24.30 64.67
C ASN B 864 19.61 24.50 66.12
N TYR B 865 20.89 24.27 66.42
CA TYR B 865 21.32 24.29 67.81
C TYR B 865 21.09 25.63 68.48
N LEU B 866 20.50 25.60 69.67
CA LEU B 866 20.32 26.83 70.44
C LEU B 866 21.39 26.92 71.53
N GLU B 867 22.32 27.87 71.35
CA GLU B 867 23.45 27.99 72.26
C GLU B 867 23.05 28.42 73.66
N LYS B 868 22.09 29.31 73.76
CA LYS B 868 21.67 29.84 75.05
C LYS B 868 20.16 30.05 75.14
N ASP B 869 19.65 30.05 76.35
CA ASP B 869 18.24 30.32 76.63
C ASP B 869 17.34 29.26 76.01
N GLY B 870 17.94 28.12 75.68
CA GLY B 870 17.22 27.02 75.06
C GLY B 870 16.10 26.53 75.96
N ASN B 871 16.34 26.53 77.27
CA ASN B 871 15.36 26.03 78.20
C ASN B 871 14.11 26.87 78.19
N GLU B 872 14.29 28.19 78.14
CA GLU B 872 13.13 29.07 78.19
C GLU B 872 12.30 28.94 76.94
N ALA B 873 12.97 28.85 75.79
CA ALA B 873 12.26 28.75 74.54
C ALA B 873 11.58 27.40 74.40
N LEU B 874 12.26 26.35 74.85
CA LEU B 874 11.71 25.02 74.77
C LEU B 874 10.54 24.87 75.72
N HIS B 875 10.64 25.46 76.90
CA HIS B 875 9.55 25.34 77.86
C HIS B 875 8.31 26.04 77.34
N GLU B 876 8.50 27.20 76.70
CA GLU B 876 7.37 27.94 76.16
C GLU B 876 6.67 27.12 75.07
N LEU B 877 7.46 26.42 74.27
CA LEU B 877 6.91 25.57 73.22
C LEU B 877 6.16 24.37 73.80
N ILE B 878 6.74 23.72 74.80
CA ILE B 878 6.13 22.53 75.41
C ILE B 878 4.80 22.87 76.05
N ASP B 879 4.71 24.03 76.68
CA ASP B 879 3.48 24.47 77.33
C ASP B 879 2.36 24.78 76.34
N ARG B 880 2.70 24.83 75.05
CA ARG B 880 1.72 25.11 74.01
C ARG B 880 1.43 23.85 73.19
N MET B 881 1.14 24.04 71.90
CA MET B 881 0.78 22.92 71.01
C MET B 881 -0.47 22.21 71.49
N ASN B 882 -1.28 22.90 72.29
CA ASN B 882 -2.50 22.35 72.84
C ASN B 882 -3.74 22.77 72.05
N VAL B 883 -3.51 23.44 70.94
CA VAL B 883 -4.58 23.85 70.03
C VAL B 883 -4.33 23.23 68.66
N LEU B 884 -3.09 22.80 68.46
CA LEU B 884 -2.66 22.22 67.21
C LEU B 884 -2.90 20.71 67.28
N GLU B 885 -4.18 20.36 67.23
CA GLU B 885 -4.65 18.99 67.46
C GLU B 885 -4.16 18.00 66.41
N GLN B 886 -3.78 18.52 65.26
CA GLN B 886 -3.39 17.69 64.13
C GLN B 886 -1.91 17.34 64.13
N LEU B 887 -1.15 17.88 65.09
CA LEU B 887 0.28 17.65 65.08
C LEU B 887 0.66 16.20 65.30
N THR B 888 1.60 15.75 64.49
CA THR B 888 2.17 14.42 64.59
C THR B 888 3.53 14.39 63.93
N ALA B 889 4.32 13.38 64.22
CA ALA B 889 5.62 13.23 63.58
C ALA B 889 6.48 14.46 63.81
N LEU B 890 6.51 14.92 65.04
CA LEU B 890 7.20 16.14 65.41
C LEU B 890 8.64 15.91 65.79
N MET B 891 9.45 16.93 65.58
CA MET B 891 10.83 16.93 66.03
C MET B 891 11.05 18.17 66.88
N LEU B 892 11.99 18.10 67.80
CA LEU B 892 12.26 19.24 68.66
C LEU B 892 13.54 19.96 68.26
N PRO B 893 13.63 21.29 68.51
CA PRO B 893 14.82 22.10 68.43
C PRO B 893 15.90 21.54 69.33
N TRP B 894 17.11 21.45 68.80
CA TRP B 894 18.26 21.02 69.55
C TRP B 894 18.86 22.20 70.28
N GLY B 895 19.11 22.07 71.57
CA GLY B 895 19.71 23.18 72.30
C GLY B 895 19.98 22.83 73.75
N CYS B 896 20.58 23.78 74.48
CA CYS B 896 20.92 23.61 75.88
C CYS B 896 19.80 24.12 76.79
N ASP B 897 19.09 23.23 77.51
CA ASP B 897 19.24 21.77 77.46
C ASP B 897 17.88 21.10 77.53
N VAL B 898 17.45 20.59 76.39
CA VAL B 898 16.14 19.97 76.22
C VAL B 898 15.94 18.79 77.16
N GLN B 899 17.02 18.22 77.68
CA GLN B 899 16.88 17.09 78.57
C GLN B 899 15.96 17.42 79.74
N GLY B 900 16.04 18.65 80.23
CA GLY B 900 15.31 19.06 81.42
C GLY B 900 13.79 19.08 81.23
N SER B 901 13.35 19.06 79.97
CA SER B 901 11.92 19.10 79.68
C SER B 901 11.42 17.82 79.03
N LEU B 902 12.27 16.78 78.99
CA LEU B 902 11.86 15.56 78.33
C LEU B 902 10.65 14.93 78.99
N SER B 903 10.63 14.91 80.33
CA SER B 903 9.52 14.30 81.04
C SER B 903 8.21 15.02 80.72
N SER B 904 8.26 16.35 80.67
CA SER B 904 7.07 17.14 80.38
C SER B 904 6.59 16.87 78.97
N LEU B 905 7.53 16.79 78.04
CA LEU B 905 7.21 16.51 76.66
C LEU B 905 6.47 15.20 76.53
N LEU B 906 7.04 14.15 77.13
CA LEU B 906 6.49 12.83 76.97
C LEU B 906 5.08 12.78 77.54
N LYS B 907 4.86 13.42 78.69
CA LYS B 907 3.54 13.46 79.29
C LYS B 907 2.52 14.08 78.33
N HIS B 908 2.94 15.10 77.60
CA HIS B 908 2.05 15.76 76.66
C HIS B 908 1.90 14.94 75.38
N LEU B 909 2.94 14.19 75.01
CA LEU B 909 2.85 13.35 73.82
C LEU B 909 1.86 12.22 74.03
N GLU B 910 1.68 11.81 75.29
CA GLU B 910 0.71 10.77 75.63
C GLU B 910 -0.72 11.23 75.33
N GLU B 911 -0.90 12.54 75.14
CA GLU B 911 -2.21 13.12 74.87
C GLU B 911 -2.59 12.97 73.39
N VAL B 912 -1.62 12.59 72.56
CA VAL B 912 -1.84 12.48 71.14
C VAL B 912 -1.36 11.12 70.59
N PRO B 913 -2.24 10.10 70.60
CA PRO B 913 -2.02 8.75 70.12
C PRO B 913 -1.66 8.72 68.63
N GLN B 914 -1.93 9.81 67.92
CA GLN B 914 -1.67 9.89 66.50
C GLN B 914 -0.20 10.15 66.17
N LEU B 915 0.63 10.27 67.20
CA LEU B 915 2.04 10.50 66.97
C LEU B 915 2.64 9.39 66.11
N VAL B 916 3.24 9.78 64.99
CA VAL B 916 3.85 8.82 64.08
C VAL B 916 5.36 8.76 64.27
N LYS B 917 5.95 9.91 64.50
CA LYS B 917 7.39 10.04 64.62
C LYS B 917 7.74 10.98 65.77
N LEU B 918 8.91 10.78 66.36
CA LEU B 918 9.40 11.70 67.39
C LEU B 918 10.89 11.98 67.23
N GLY B 919 11.23 13.26 67.10
CA GLY B 919 12.63 13.65 66.94
C GLY B 919 13.26 14.28 68.16
N LEU B 920 14.12 13.50 68.81
CA LEU B 920 14.89 13.97 69.96
C LEU B 920 16.36 13.77 69.66
N LYS B 921 16.88 14.60 68.76
CA LYS B 921 18.19 14.38 68.17
C LYS B 921 19.32 15.19 68.78
N ASN B 922 20.55 14.65 68.63
CA ASN B 922 21.82 15.33 68.91
C ASN B 922 22.14 15.57 70.38
N TRP B 923 21.19 16.07 71.15
CA TRP B 923 21.44 16.38 72.56
C TRP B 923 21.86 15.12 73.31
N ARG B 924 22.67 15.30 74.35
CA ARG B 924 23.20 14.20 75.14
C ARG B 924 22.19 13.57 76.08
N LEU B 925 22.06 12.26 75.99
CA LEU B 925 21.15 11.51 76.85
C LEU B 925 21.92 10.79 77.93
N THR B 926 21.22 10.37 78.98
CA THR B 926 21.79 9.58 80.05
C THR B 926 21.11 8.22 80.12
N ASP B 927 21.63 7.34 80.98
CA ASP B 927 21.06 6.02 81.18
C ASP B 927 19.70 6.10 81.87
N THR B 928 19.39 7.25 82.44
CA THR B 928 18.12 7.40 83.14
C THR B 928 17.07 7.99 82.21
N GLU B 929 17.52 8.76 81.21
CA GLU B 929 16.60 9.36 80.27
C GLU B 929 16.00 8.28 79.37
N ILE B 930 16.82 7.29 79.01
CA ILE B 930 16.33 6.20 78.17
C ILE B 930 15.35 5.30 78.92
N ARG B 931 15.48 5.22 80.24
CA ARG B 931 14.54 4.44 81.04
C ARG B 931 13.20 5.16 81.09
N ILE B 932 13.24 6.48 81.11
CA ILE B 932 12.02 7.29 81.07
C ILE B 932 11.32 7.07 79.73
N LEU B 933 12.09 7.06 78.65
CA LEU B 933 11.52 6.78 77.33
C LEU B 933 10.94 5.37 77.30
N GLY B 934 11.63 4.42 77.93
CA GLY B 934 11.12 3.07 78.01
C GLY B 934 9.71 3.09 78.58
N ALA B 935 9.53 3.78 79.70
CA ALA B 935 8.21 3.88 80.32
C ALA B 935 7.20 4.51 79.36
N PHE B 936 7.63 5.55 78.65
CA PHE B 936 6.79 6.21 77.66
C PHE B 936 6.27 5.23 76.61
N PHE B 937 7.12 4.28 76.22
CA PHE B 937 6.74 3.30 75.20
C PHE B 937 6.12 2.05 75.80
N GLY B 938 5.85 2.09 77.12
CA GLY B 938 5.13 1.04 77.84
C GLY B 938 4.21 0.25 76.92
N LYS B 939 3.00 0.75 76.57
CA LYS B 939 2.29 1.94 77.10
C LYS B 939 0.93 1.95 76.42
N ASN B 940 0.02 2.80 76.86
CA ASN B 940 -1.19 3.02 76.08
C ASN B 940 -0.77 3.06 74.61
N PRO B 941 -1.35 2.21 73.76
CA PRO B 941 -0.89 1.90 72.42
C PRO B 941 -0.83 3.12 71.51
N LEU B 942 0.26 3.24 70.76
CA LEU B 942 0.43 4.33 69.81
C LEU B 942 -0.04 3.88 68.43
N LYS B 943 0.15 2.59 68.13
CA LYS B 943 -0.28 1.95 66.88
C LYS B 943 0.43 2.42 65.62
N ASN B 944 0.44 3.73 65.39
CA ASN B 944 0.97 4.30 64.15
C ASN B 944 2.34 4.96 64.33
N PHE B 945 3.04 4.64 65.41
CA PHE B 945 4.37 5.21 65.62
C PHE B 945 5.39 4.47 64.79
N GLN B 946 5.83 5.08 63.70
CA GLN B 946 6.65 4.39 62.70
C GLN B 946 8.14 4.77 62.72
N GLN B 947 8.46 5.95 63.22
CA GLN B 947 9.85 6.41 63.16
C GLN B 947 10.37 7.00 64.45
N LEU B 948 11.59 6.62 64.81
CA LEU B 948 12.24 7.22 65.98
C LEU B 948 13.55 7.86 65.59
N ASN B 949 13.64 9.17 65.80
CA ASN B 949 14.85 9.91 65.44
C ASN B 949 15.65 10.31 66.67
N LEU B 950 16.91 9.89 66.67
CA LEU B 950 17.82 10.11 67.77
C LEU B 950 19.24 10.09 67.25
N ALA B 951 19.78 11.27 66.94
CA ALA B 951 21.06 11.41 66.26
C ALA B 951 22.24 11.32 67.22
N GLY B 952 21.94 11.15 68.49
CA GLY B 952 22.99 11.05 69.49
C GLY B 952 22.43 10.50 70.79
N ASN B 953 23.26 9.74 71.50
CA ASN B 953 22.89 9.12 72.76
C ASN B 953 24.15 8.77 73.55
N ARG B 954 23.96 8.23 74.73
CA ARG B 954 25.03 7.67 75.51
C ARG B 954 24.57 6.31 76.00
N VAL B 955 25.32 5.29 75.63
CA VAL B 955 24.90 3.92 75.90
C VAL B 955 26.00 3.12 76.58
N SER B 956 25.64 1.99 77.18
CA SER B 956 26.57 1.13 77.88
C SER B 956 26.06 -0.31 77.95
N SER B 957 26.47 -1.02 78.99
CA SER B 957 26.03 -2.39 79.21
C SER B 957 24.60 -2.42 79.78
N ASP B 958 24.11 -1.27 80.22
CA ASP B 958 22.76 -1.14 80.74
C ASP B 958 22.12 0.04 80.02
N GLY B 959 21.49 -0.26 78.91
CA GLY B 959 20.99 0.75 77.98
C GLY B 959 21.85 0.66 76.72
N TRP B 960 21.30 0.19 75.58
CA TRP B 960 19.89 -0.09 75.32
C TRP B 960 19.22 -1.16 76.18
N LEU B 961 19.97 -2.10 76.75
CA LEU B 961 19.34 -3.19 77.49
C LEU B 961 18.40 -2.68 78.59
N ALA B 962 18.63 -1.46 79.05
CA ALA B 962 17.79 -0.84 80.07
C ALA B 962 16.33 -0.77 79.62
N PHE B 963 16.10 -0.60 78.31
CA PHE B 963 14.75 -0.51 77.78
C PHE B 963 14.48 -1.49 76.63
N MET B 964 15.53 -2.13 76.10
CA MET B 964 15.36 -2.97 74.93
C MET B 964 14.28 -4.02 75.18
N GLY B 965 13.39 -4.16 74.21
CA GLY B 965 12.28 -5.08 74.28
C GLY B 965 10.96 -4.30 74.38
N VAL B 966 11.04 -3.05 74.81
CA VAL B 966 9.86 -2.20 74.88
C VAL B 966 9.35 -1.86 73.49
N PHE B 967 10.20 -2.02 72.50
CA PHE B 967 9.86 -1.72 71.12
C PHE B 967 9.31 -2.94 70.39
N GLU B 968 9.17 -4.06 71.10
CA GLU B 968 8.58 -5.26 70.50
C GLU B 968 7.08 -5.05 70.35
N ASN B 969 6.55 -4.06 71.06
CA ASN B 969 5.15 -3.72 71.03
C ASN B 969 4.86 -2.68 69.97
N LEU B 970 5.91 -2.30 69.24
CA LEU B 970 5.83 -1.30 68.19
C LEU B 970 6.36 -1.89 66.90
N LYS B 971 5.62 -2.85 66.33
CA LYS B 971 6.11 -3.61 65.19
C LYS B 971 5.94 -2.86 63.89
N GLN B 972 5.20 -1.77 63.93
CA GLN B 972 4.95 -0.94 62.76
C GLN B 972 6.17 -0.10 62.42
N LEU B 973 7.18 -0.11 63.29
CA LEU B 973 8.36 0.72 63.07
C LEU B 973 8.96 0.46 61.71
N VAL B 974 9.24 1.55 61.01
CA VAL B 974 9.83 1.50 59.70
C VAL B 974 11.33 1.70 59.82
N PHE B 975 11.74 2.69 60.60
CA PHE B 975 13.15 2.90 60.83
C PHE B 975 13.38 3.69 62.10
N PHE B 976 14.63 3.71 62.52
CA PHE B 976 15.07 4.40 63.72
C PHE B 976 16.58 4.60 63.69
N ASP B 977 17.06 5.61 64.41
CA ASP B 977 18.50 5.91 64.48
C ASP B 977 19.22 5.37 65.72
N PHE B 978 18.63 5.56 66.90
CA PHE B 978 19.30 5.20 68.16
C PHE B 978 20.82 5.38 68.09
N SER B 979 21.27 6.55 67.64
CA SER B 979 22.69 6.78 67.37
C SER B 979 23.46 7.18 68.61
N THR B 980 24.78 7.02 68.55
CA THR B 980 25.67 7.46 69.62
C THR B 980 26.99 7.93 69.04
N LYS B 981 28.00 8.08 69.90
CA LYS B 981 29.30 8.55 69.45
C LYS B 981 30.21 7.38 69.09
N GLU B 982 30.48 6.52 70.07
CA GLU B 982 31.32 5.35 69.84
C GLU B 982 31.12 4.29 70.92
N PHE B 983 30.44 3.21 70.58
CA PHE B 983 30.22 2.14 71.56
C PHE B 983 30.03 0.76 70.94
N LEU B 984 30.74 -0.22 71.49
CA LEU B 984 30.62 -1.60 71.04
C LEU B 984 29.58 -2.34 71.88
N PRO B 985 28.50 -2.83 71.27
CA PRO B 985 27.34 -3.41 71.92
C PRO B 985 27.66 -4.70 72.65
N ASP B 986 27.04 -4.88 73.81
CA ASP B 986 27.16 -6.11 74.58
C ASP B 986 26.57 -7.27 73.78
N PRO B 987 27.24 -8.43 73.68
CA PRO B 987 26.78 -9.62 72.99
C PRO B 987 25.33 -9.97 73.37
N ALA B 988 24.94 -9.70 74.62
CA ALA B 988 23.57 -9.97 75.07
C ALA B 988 22.60 -9.03 74.36
N LEU B 989 23.06 -7.80 74.10
CA LEU B 989 22.24 -6.82 73.43
C LEU B 989 22.12 -7.13 71.96
N VAL B 990 23.19 -7.63 71.37
CA VAL B 990 23.18 -7.93 69.95
C VAL B 990 22.22 -9.09 69.69
N ARG B 991 22.27 -10.10 70.56
CA ARG B 991 21.35 -11.23 70.43
C ARG B 991 19.90 -10.82 70.68
N LYS B 992 19.67 -9.97 71.68
CA LYS B 992 18.32 -9.50 71.97
C LYS B 992 17.84 -8.61 70.84
N LEU B 993 18.73 -7.75 70.34
CA LEU B 993 18.40 -6.85 69.24
C LEU B 993 17.94 -7.64 68.04
N SER B 994 18.65 -8.72 67.73
CA SER B 994 18.34 -9.52 66.58
C SER B 994 16.91 -10.04 66.67
N GLN B 995 16.52 -10.51 67.84
CA GLN B 995 15.16 -11.01 68.04
C GLN B 995 14.13 -9.89 67.96
N VAL B 996 14.47 -8.73 68.50
CA VAL B 996 13.55 -7.60 68.47
C VAL B 996 13.32 -7.16 67.03
N LEU B 997 14.39 -7.11 66.24
CA LEU B 997 14.31 -6.74 64.84
C LEU B 997 13.51 -7.76 64.03
N SER B 998 13.72 -9.04 64.34
CA SER B 998 13.09 -10.13 63.62
C SER B 998 11.57 -10.04 63.67
N LYS B 999 11.06 -9.61 64.82
CA LYS B 999 9.63 -9.58 65.05
C LYS B 999 8.95 -8.30 64.55
N LEU B 1000 9.71 -7.41 63.91
CA LEU B 1000 9.15 -6.17 63.37
C LEU B 1000 8.53 -6.42 61.99
N THR B 1001 7.57 -5.59 61.60
CA THR B 1001 6.86 -5.76 60.34
C THR B 1001 7.52 -5.07 59.15
N PHE B 1002 8.22 -3.97 59.39
CA PHE B 1002 8.78 -3.20 58.27
C PHE B 1002 10.29 -3.10 58.33
N LEU B 1003 10.82 -2.29 59.24
CA LEU B 1003 12.26 -2.18 59.40
C LEU B 1003 12.94 -1.89 58.06
N GLN B 1004 12.45 -0.89 57.35
CA GLN B 1004 12.96 -0.59 56.02
C GLN B 1004 14.22 0.24 56.08
N GLU B 1005 15.31 -0.41 56.50
CA GLU B 1005 16.63 0.17 56.69
C GLU B 1005 16.80 0.77 58.06
N ALA B 1006 17.46 0.03 58.95
CA ALA B 1006 17.72 0.53 60.28
C ALA B 1006 18.96 1.39 60.25
N ARG B 1007 19.01 2.36 61.13
CA ARG B 1007 20.21 3.15 61.30
C ARG B 1007 20.58 3.07 62.76
N LEU B 1008 21.80 2.65 63.03
CA LEU B 1008 22.31 2.53 64.39
C LEU B 1008 23.72 3.09 64.41
N VAL B 1009 23.84 4.35 63.99
CA VAL B 1009 25.13 4.98 63.72
C VAL B 1009 25.92 5.33 64.99
N GLY B 1010 27.20 5.01 64.98
CA GLY B 1010 28.08 5.31 66.11
C GLY B 1010 28.33 4.07 66.94
N TRP B 1011 27.91 2.94 66.40
CA TRP B 1011 28.07 1.67 67.08
C TRP B 1011 29.16 0.84 66.43
N GLN B 1012 29.96 0.18 67.26
CA GLN B 1012 31.07 -0.60 66.76
C GLN B 1012 30.64 -2.03 66.45
N PHE B 1013 29.76 -2.15 65.46
CA PHE B 1013 29.30 -3.45 64.99
C PHE B 1013 30.26 -3.98 63.93
N ASP B 1014 30.50 -5.29 63.95
CA ASP B 1014 31.33 -5.90 62.91
C ASP B 1014 30.74 -7.22 62.43
N ASP B 1015 31.51 -7.98 61.66
CA ASP B 1015 31.02 -9.20 61.03
C ASP B 1015 30.41 -10.19 62.01
N ASP B 1016 30.93 -10.23 63.23
CA ASP B 1016 30.45 -11.19 64.21
C ASP B 1016 29.07 -10.81 64.71
N ASP B 1017 28.78 -9.51 64.72
CA ASP B 1017 27.49 -9.05 65.21
C ASP B 1017 26.47 -9.16 64.10
N LEU B 1018 26.94 -8.96 62.87
CA LEU B 1018 26.09 -9.03 61.70
C LEU B 1018 25.63 -10.46 61.47
N SER B 1019 26.46 -11.42 61.88
CA SER B 1019 26.07 -12.82 61.84
C SER B 1019 24.92 -13.08 62.81
N VAL B 1020 25.02 -12.51 64.01
CA VAL B 1020 23.99 -12.65 65.04
C VAL B 1020 22.70 -11.93 64.67
N ILE B 1021 22.84 -10.73 64.08
CA ILE B 1021 21.69 -9.93 63.69
C ILE B 1021 20.90 -10.62 62.60
N THR B 1022 19.59 -10.64 62.80
CA THR B 1022 18.66 -11.31 61.90
C THR B 1022 18.53 -10.59 60.56
N GLY B 1023 17.76 -11.17 59.66
CA GLY B 1023 17.59 -10.60 58.35
C GLY B 1023 16.92 -9.24 58.43
N ALA B 1024 17.42 -8.30 57.64
CA ALA B 1024 16.91 -6.94 57.61
C ALA B 1024 17.24 -6.33 56.26
N PHE B 1025 16.54 -5.27 55.89
CA PHE B 1025 16.83 -4.60 54.62
C PHE B 1025 18.27 -4.10 54.65
N LYS B 1026 18.66 -3.48 55.76
CA LYS B 1026 20.01 -3.02 55.99
C LYS B 1026 20.14 -2.47 57.40
N LEU B 1027 21.38 -2.37 57.88
CA LEU B 1027 21.68 -1.67 59.13
C LEU B 1027 22.87 -0.75 58.93
N VAL B 1028 22.67 0.55 59.15
CA VAL B 1028 23.74 1.53 58.99
C VAL B 1028 24.38 1.83 60.33
N THR B 1029 25.60 1.39 60.53
CA THR B 1029 26.24 1.54 61.84
C THR B 1029 27.37 2.57 61.83
N ALA B 1030 27.85 2.91 60.65
CA ALA B 1030 28.93 3.87 60.50
C ALA B 1030 28.38 5.23 60.08
N ASP C 296 -29.24 3.20 -32.74
CA ASP C 296 -28.14 2.93 -33.65
C ASP C 296 -27.27 4.16 -33.83
N TYR C 297 -27.71 5.28 -33.26
CA TYR C 297 -27.03 6.54 -33.44
C TYR C 297 -25.81 6.69 -32.55
N GLU C 298 -24.80 5.87 -32.82
CA GLU C 298 -23.53 5.91 -32.10
C GLU C 298 -23.71 6.05 -30.60
N TRP C 299 -24.33 5.06 -29.97
CA TRP C 299 -24.58 5.11 -28.54
C TRP C 299 -23.28 4.86 -27.76
N SER C 300 -22.43 5.87 -27.73
CA SER C 300 -21.11 5.75 -27.10
C SER C 300 -21.19 6.03 -25.60
N GLY C 301 -21.02 4.96 -24.81
CA GLY C 301 -21.12 5.03 -23.36
C GLY C 301 -19.81 5.47 -22.71
N TYR C 302 -19.39 6.70 -23.00
CA TYR C 302 -18.14 7.19 -22.44
C TYR C 302 -18.12 8.71 -22.26
N LEU C 303 -17.42 9.17 -21.23
CA LEU C 303 -17.31 10.60 -20.96
C LEU C 303 -16.25 11.26 -21.81
N THR C 304 -16.62 11.61 -23.04
CA THR C 304 -15.69 12.28 -23.94
C THR C 304 -15.73 13.77 -23.70
N GLY C 305 -14.67 14.47 -24.12
CA GLY C 305 -14.66 15.93 -24.07
C GLY C 305 -14.33 16.50 -22.70
N ILE C 306 -13.88 15.66 -21.76
CA ILE C 306 -13.58 16.13 -20.43
C ILE C 306 -12.39 17.07 -20.44
N GLY C 307 -11.39 16.76 -21.25
CA GLY C 307 -10.22 17.62 -21.35
C GLY C 307 -10.63 19.03 -21.78
N ARG C 308 -11.65 19.10 -22.64
CA ARG C 308 -12.14 20.39 -23.10
C ARG C 308 -12.94 21.07 -22.00
N ALA C 309 -13.78 20.30 -21.31
CA ALA C 309 -14.61 20.85 -20.24
C ALA C 309 -13.73 21.48 -19.17
N PHE C 310 -12.59 20.86 -18.90
CA PHE C 310 -11.66 21.39 -17.92
C PHE C 310 -10.98 22.64 -18.45
N ASP C 311 -10.46 22.56 -19.67
CA ASP C 311 -9.70 23.67 -20.23
C ASP C 311 -10.55 24.94 -20.35
N THR C 312 -11.82 24.78 -20.67
CA THR C 312 -12.71 25.94 -20.80
C THR C 312 -13.05 26.52 -19.44
N GLY C 313 -12.73 25.80 -18.38
CA GLY C 313 -12.95 26.27 -17.02
C GLY C 313 -11.77 27.13 -16.60
N VAL C 314 -10.57 26.63 -16.85
CA VAL C 314 -9.36 27.35 -16.50
C VAL C 314 -9.29 28.68 -17.23
N LYS C 315 -9.72 28.70 -18.48
CA LYS C 315 -9.73 29.94 -19.24
C LYS C 315 -10.60 31.01 -18.58
N ASP C 316 -11.64 30.59 -17.84
CA ASP C 316 -12.47 31.55 -17.14
C ASP C 316 -11.69 32.15 -15.98
N LEU C 317 -10.86 31.32 -15.34
CA LEU C 317 -10.06 31.80 -14.23
C LEU C 317 -9.09 32.85 -14.73
N ASN C 318 -8.57 32.65 -15.95
CA ASN C 318 -7.66 33.61 -16.53
C ASN C 318 -8.35 34.96 -16.70
N GLN C 319 -9.59 34.94 -17.15
CA GLN C 319 -10.33 36.19 -17.32
C GLN C 319 -10.56 36.85 -15.97
N GLN C 320 -10.84 36.05 -14.94
CA GLN C 320 -11.08 36.59 -13.61
C GLN C 320 -9.81 37.25 -13.08
N LEU C 321 -8.67 36.67 -13.40
CA LEU C 321 -7.40 37.19 -12.94
C LEU C 321 -7.12 38.55 -13.57
N GLN C 322 -7.41 38.68 -14.87
CA GLN C 322 -7.21 39.95 -15.55
C GLN C 322 -8.14 41.02 -14.99
N ASP C 323 -9.37 40.65 -14.68
CA ASP C 323 -10.33 41.61 -14.15
C ASP C 323 -9.92 42.06 -12.76
N ALA C 324 -9.41 41.12 -11.96
CA ALA C 324 -8.95 41.44 -10.62
C ALA C 324 -7.78 42.40 -10.67
N GLN C 325 -6.90 42.22 -11.66
CA GLN C 325 -5.76 43.10 -11.82
C GLN C 325 -6.23 44.53 -12.09
N ALA C 326 -7.27 44.66 -12.91
CA ALA C 326 -7.79 45.97 -13.24
C ALA C 326 -8.33 46.69 -12.00
N ASN C 327 -9.01 45.95 -11.12
CA ASN C 327 -9.56 46.56 -9.92
C ASN C 327 -8.45 46.99 -8.96
N LEU C 328 -7.40 46.18 -8.87
CA LEU C 328 -6.27 46.52 -8.04
C LEU C 328 -5.54 47.74 -8.61
N THR C 329 -5.45 47.81 -9.93
CA THR C 329 -4.80 48.92 -10.60
C THR C 329 -5.46 50.25 -10.26
N LYS C 330 -6.79 50.23 -10.27
CA LYS C 330 -7.56 51.44 -9.98
C LYS C 330 -7.52 51.82 -8.51
N ASN C 331 -7.36 50.82 -7.63
CA ASN C 331 -7.28 51.09 -6.21
C ASN C 331 -6.06 50.46 -5.56
N PRO C 332 -4.85 50.89 -5.93
CA PRO C 332 -3.57 50.27 -5.64
C PRO C 332 -3.11 50.57 -4.23
N SER C 333 -3.94 50.24 -3.25
CA SER C 333 -3.61 50.41 -1.84
C SER C 333 -4.64 49.66 -1.02
N ASP C 334 -5.66 49.17 -1.71
CA ASP C 334 -6.78 48.47 -1.08
C ASP C 334 -6.39 47.01 -0.73
N PRO C 335 -6.34 46.65 0.55
CA PRO C 335 -5.89 45.38 1.07
C PRO C 335 -6.81 44.24 0.66
N THR C 336 -8.06 44.55 0.30
CA THR C 336 -8.97 43.50 -0.10
C THR C 336 -8.82 43.27 -1.59
N ALA C 337 -8.48 44.34 -2.30
CA ALA C 337 -8.22 44.21 -3.73
C ALA C 337 -7.00 43.34 -3.93
N LEU C 338 -6.02 43.50 -3.05
CA LEU C 338 -4.81 42.70 -3.13
C LEU C 338 -5.09 41.23 -2.79
N ALA C 339 -5.79 41.01 -1.67
CA ALA C 339 -6.06 39.64 -1.26
C ALA C 339 -6.86 38.89 -2.30
N ASN C 340 -7.81 39.57 -2.94
CA ASN C 340 -8.65 38.94 -3.92
C ASN C 340 -7.91 38.70 -5.22
N TYR C 341 -6.72 39.26 -5.34
CA TYR C 341 -5.92 39.13 -6.54
C TYR C 341 -5.03 37.91 -6.43
N GLN C 342 -4.40 37.75 -5.26
CA GLN C 342 -3.52 36.60 -5.06
C GLN C 342 -4.28 35.31 -4.81
N MET C 343 -5.48 35.39 -4.25
CA MET C 343 -6.28 34.18 -4.08
C MET C 343 -6.63 33.58 -5.43
N ILE C 344 -7.02 34.43 -6.38
CA ILE C 344 -7.37 33.98 -7.72
C ILE C 344 -6.13 33.52 -8.46
N MET C 345 -5.06 34.29 -8.35
CA MET C 345 -3.84 33.95 -9.03
C MET C 345 -3.28 32.61 -8.58
N SER C 346 -3.36 32.31 -7.29
CA SER C 346 -2.87 31.03 -6.80
C SER C 346 -3.67 29.89 -7.40
N GLU C 347 -4.99 30.05 -7.50
CA GLU C 347 -5.81 29.01 -8.09
C GLU C 347 -5.45 28.80 -9.55
N TYR C 348 -5.23 29.89 -10.28
CA TYR C 348 -4.86 29.78 -11.68
C TYR C 348 -3.60 28.93 -11.82
N ASN C 349 -2.60 29.23 -11.00
CA ASN C 349 -1.35 28.50 -11.03
C ASN C 349 -1.54 27.03 -10.66
N LEU C 350 -2.37 26.77 -9.66
CA LEU C 350 -2.63 25.41 -9.22
C LEU C 350 -3.26 24.56 -10.30
N TYR C 351 -4.22 25.12 -11.03
CA TYR C 351 -4.90 24.35 -12.05
C TYR C 351 -4.08 24.21 -13.31
N ARG C 352 -3.30 25.23 -13.67
CA ARG C 352 -2.43 25.07 -14.82
C ARG C 352 -1.42 23.97 -14.58
N ASN C 353 -0.94 23.87 -13.35
CA ASN C 353 0.04 22.84 -13.00
C ASN C 353 -0.58 21.44 -12.99
N ALA C 354 -1.92 21.39 -13.03
CA ALA C 354 -2.59 20.11 -13.02
C ALA C 354 -2.79 19.63 -14.44
N GLN C 355 -3.33 20.49 -15.30
CA GLN C 355 -3.57 20.07 -16.68
C GLN C 355 -2.27 19.99 -17.47
N SER C 356 -1.23 20.69 -17.01
CA SER C 356 0.06 20.60 -17.68
C SER C 356 0.67 19.22 -17.48
N SER C 357 0.17 18.49 -16.49
CA SER C 357 0.61 17.14 -16.23
C SER C 357 -0.29 16.16 -16.97
N ALA C 358 -1.60 16.35 -16.81
CA ALA C 358 -2.58 15.48 -17.45
C ALA C 358 -2.44 15.54 -18.95
N VAL C 359 -2.13 16.71 -19.49
CA VAL C 359 -2.00 16.86 -20.93
C VAL C 359 -0.80 16.09 -21.45
N LYS C 360 0.26 16.01 -20.63
CA LYS C 360 1.42 15.26 -21.04
C LYS C 360 1.07 13.79 -21.14
N SER C 361 0.33 13.31 -20.15
CA SER C 361 -0.08 11.92 -20.15
C SER C 361 -0.93 11.64 -21.37
N MET C 362 -1.91 12.51 -21.64
CA MET C 362 -2.78 12.30 -22.78
C MET C 362 -2.02 12.36 -24.09
N LYS C 363 -1.07 13.29 -24.19
CA LYS C 363 -0.26 13.42 -25.40
C LYS C 363 0.54 12.16 -25.66
N ASP C 364 1.15 11.60 -24.60
CA ASP C 364 1.97 10.41 -24.70
C ASP C 364 1.15 9.20 -25.13
N ILE C 365 -0.11 9.15 -24.75
CA ILE C 365 -0.95 8.05 -25.19
C ILE C 365 -1.22 8.15 -26.68
N ASP C 366 -1.64 9.32 -27.12
CA ASP C 366 -1.98 9.50 -28.52
C ASP C 366 -0.79 9.28 -29.44
N SER C 367 0.37 9.72 -29.01
CA SER C 367 1.59 9.59 -29.81
C SER C 367 2.04 8.15 -29.89
N SER C 368 1.49 7.29 -29.05
CA SER C 368 1.83 5.89 -29.02
C SER C 368 0.91 5.10 -29.91
N ILE C 369 -0.12 5.77 -30.43
CA ILE C 369 -1.10 5.12 -31.28
C ILE C 369 -0.76 5.37 -32.74
N VAL C 370 -0.47 6.61 -33.09
CA VAL C 370 -0.14 6.93 -34.48
C VAL C 370 1.20 6.33 -34.89
N SER C 371 1.98 5.91 -33.91
CA SER C 371 3.28 5.32 -34.17
C SER C 371 3.18 3.83 -34.49
N ASN C 372 1.99 3.24 -34.29
CA ASN C 372 1.80 1.82 -34.56
C ASN C 372 1.00 1.54 -35.81
N PHE C 373 0.21 2.50 -36.27
CA PHE C 373 -0.46 2.32 -37.56
C PHE C 373 -0.11 3.42 -38.52
N ARG C 374 0.97 4.13 -38.22
CA ARG C 374 1.48 5.22 -39.05
C ARG C 374 0.57 5.51 -40.24
#